data_3JV2
#
_entry.id   3JV2
#
_cell.length_a   106.724
_cell.length_b   106.724
_cell.length_c   175.605
_cell.angle_alpha   90.00
_cell.angle_beta   90.00
_cell.angle_gamma   90.00
#
_symmetry.space_group_name_H-M   'P 41'
#
loop_
_entity.id
_entity.type
_entity.pdbx_description
1 polymer 'Protein translocase subunit SecA'
2 polymer peptide
3 non-polymer 'MAGNESIUM ION'
4 non-polymer "ADENOSINE-5'-DIPHOSPHATE"
5 water water
#
loop_
_entity_poly.entity_id
_entity_poly.type
_entity_poly.pdbx_seq_one_letter_code
_entity_poly.pdbx_strand_id
1 'polypeptide(L)'
;GPHMLGILNKMFDPTKRTLNRYEKIANDIDAIRGDYENLSDDALKHKTIEFKERLEKGATTDDLLVEAFAVVREASRRVT
GMFPFKVQLMGGVALHDGNIAEMKTGEGKTLTSTLPVYLNALTGKGVHVVTVNEYLASRDAEQMGKIFEFLGLTVGLNLN
SMSKDEKREAYAADITYSTNNELGFDYLRDNMVLYKEQMVQRPLHFAVIDEVDSILIDEARTPLIISGQAAKSTKLYVQA
NAFVRTLKAEKDYTYDIKTKAVQLTEEGMTKAEKAFGIDNLFDVKHVALNHHINQALKAHVAMQKDVDYVVEDGQVVIVD
SFTGRLMKGRRYSEGLHQAIEAKEGLEIQNESMTLATITFQNYFRMYEKLAGMTGTAKTEEEEFRNIYNMQVVTIPTNRP
VVRDDRPDLIYRTMEGKFKAVAEDVAQRYMTGQPVLVGTVAVETSELISKLLKNKGIPHQVLNAKNHEREAQIIEEAGQK
GAVTIATNMAGRGTDIKLGEGVKELGGLAVVGTERHESRRIDNQLRGRSGRQGDPGITQFYLSMEDELMRRFGAERTMAM
LDRFGMDDSTPIQSKMVSRAVESSQKRVEGNNFDSRKQLLQYDDVLRQQREVIYKQRFEVIDSENLREIVENMIKSSLER
AIAAYTPREELPEEWKLDGLVDLINTTYLDEGALEKSDIFGKEPDEMLELIMDRIITKYNEKEEQFGKEQMREFEKVIVL
RAVDSKWMDHIDAMDQLRQGIHLRAYAQTNPLREYQMEGFAMFEHMIESIEDEVAKFVMKAEI
;
A,B
2 'polypeptide(L)' (UNK)(UNK)(UNK) C,D
#
# COMPACT_ATOMS: atom_id res chain seq x y z
N THR A 18 13.54 -24.86 55.91
CA THR A 18 12.17 -25.44 55.80
C THR A 18 11.41 -24.86 54.62
N LEU A 19 11.48 -23.54 54.46
CA LEU A 19 10.67 -22.83 53.45
C LEU A 19 11.25 -22.91 52.05
N ASN A 20 10.38 -23.02 51.05
CA ASN A 20 10.80 -23.22 49.66
C ASN A 20 10.94 -21.92 48.86
N ARG A 21 11.48 -22.05 47.66
CA ARG A 21 11.74 -20.89 46.78
C ARG A 21 10.58 -19.89 46.67
N TYR A 22 9.36 -20.39 46.45
CA TYR A 22 8.20 -19.51 46.27
C TYR A 22 7.81 -18.84 47.58
N GLU A 23 7.92 -19.57 48.69
CA GLU A 23 7.63 -18.99 50.00
C GLU A 23 8.61 -17.87 50.36
N LYS A 24 9.90 -18.10 50.12
CA LYS A 24 10.91 -17.08 50.36
C LYS A 24 10.56 -15.77 49.65
N ILE A 25 10.36 -15.85 48.35
CA ILE A 25 10.09 -14.66 47.55
C ILE A 25 8.81 -13.98 48.02
N ALA A 26 7.82 -14.78 48.40
CA ALA A 26 6.59 -14.24 48.96
C ALA A 26 6.92 -13.32 50.13
N ASN A 27 7.74 -13.79 51.06
CA ASN A 27 8.13 -13.02 52.23
C ASN A 27 8.90 -11.75 51.85
N ASP A 28 9.87 -11.91 50.96
CA ASP A 28 10.64 -10.78 50.46
C ASP A 28 9.71 -9.61 50.12
N ILE A 29 8.69 -9.91 49.32
CA ILE A 29 7.73 -8.91 48.87
C ILE A 29 6.86 -8.37 50.00
N ASP A 30 6.60 -9.19 51.01
CA ASP A 30 5.81 -8.76 52.15
C ASP A 30 6.63 -7.92 53.12
N ALA A 31 7.94 -8.12 53.11
CA ALA A 31 8.84 -7.41 54.03
C ALA A 31 8.99 -5.95 53.64
N ILE A 32 9.10 -5.69 52.34
CA ILE A 32 9.32 -4.33 51.85
C ILE A 32 8.02 -3.63 51.47
N ARG A 33 6.93 -3.95 52.17
CA ARG A 33 5.64 -3.36 51.83
C ARG A 33 5.50 -1.94 52.38
N GLY A 34 6.18 -1.66 53.48
CA GLY A 34 6.17 -0.32 54.05
C GLY A 34 6.79 0.69 53.10
N ASP A 35 7.70 0.22 52.25
CA ASP A 35 8.43 1.08 51.33
C ASP A 35 7.53 1.72 50.29
N TYR A 36 6.38 1.10 50.03
CA TYR A 36 5.44 1.60 49.02
C TYR A 36 4.13 2.01 49.67
N GLU A 37 3.89 1.48 50.86
CA GLU A 37 2.71 1.78 51.65
C GLU A 37 2.44 3.27 51.78
N ASN A 38 3.48 4.04 52.06
CA ASN A 38 3.34 5.46 52.39
C ASN A 38 3.85 6.40 51.31
N LEU A 39 3.45 6.14 50.07
CA LEU A 39 3.82 6.99 48.95
C LEU A 39 2.56 7.56 48.34
N SER A 40 2.62 8.82 47.90
CA SER A 40 1.53 9.39 47.13
C SER A 40 1.34 8.50 45.88
N ASP A 41 0.27 8.76 45.14
CA ASP A 41 0.03 7.98 43.93
C ASP A 41 1.10 8.26 42.87
N ASP A 42 1.53 9.52 42.75
CA ASP A 42 2.46 9.93 41.71
C ASP A 42 3.86 9.33 41.87
N ALA A 43 4.36 9.33 43.11
CA ALA A 43 5.65 8.69 43.41
C ALA A 43 5.55 7.19 43.16
N LEU A 44 4.38 6.63 43.43
CA LEU A 44 4.14 5.20 43.24
C LEU A 44 4.02 4.84 41.76
N LYS A 45 3.28 5.65 41.00
CA LYS A 45 3.18 5.44 39.56
C LYS A 45 4.54 5.57 38.88
N HIS A 46 5.38 6.45 39.43
CA HIS A 46 6.70 6.70 38.88
C HIS A 46 7.57 5.45 38.86
N LYS A 47 7.38 4.58 39.85
CA LYS A 47 8.14 3.35 39.94
C LYS A 47 8.24 2.62 38.60
N THR A 48 7.24 2.84 37.73
CA THR A 48 7.22 2.21 36.42
C THR A 48 8.31 2.79 35.52
N ILE A 49 8.45 4.12 35.55
CA ILE A 49 9.50 4.79 34.79
C ILE A 49 10.86 4.38 35.34
N GLU A 50 10.96 4.35 36.66
CA GLU A 50 12.16 3.90 37.34
C GLU A 50 12.57 2.51 36.87
N PHE A 51 11.65 1.55 36.98
CA PHE A 51 11.95 0.18 36.57
C PHE A 51 12.46 0.11 35.13
N LYS A 52 11.77 0.79 34.23
CA LYS A 52 12.18 0.85 32.82
C LYS A 52 13.60 1.38 32.66
N GLU A 53 13.90 2.52 33.29
CA GLU A 53 15.25 3.07 33.20
C GLU A 53 16.28 2.04 33.63
N ARG A 54 15.92 1.25 34.64
CA ARG A 54 16.85 0.27 35.19
C ARG A 54 17.05 -0.92 34.25
N LEU A 55 15.96 -1.33 33.60
CA LEU A 55 16.00 -2.40 32.61
C LEU A 55 16.91 -2.09 31.43
N GLU A 56 16.63 -1.00 30.73
CA GLU A 56 17.33 -0.67 29.50
C GLU A 56 18.84 -0.52 29.70
N LYS A 57 19.26 -0.28 30.93
CA LYS A 57 20.68 -0.09 31.19
C LYS A 57 21.30 -1.23 32.00
N GLY A 58 20.64 -2.39 32.01
CA GLY A 58 21.29 -3.58 32.55
C GLY A 58 20.44 -4.60 33.29
N ALA A 59 19.68 -4.14 34.27
CA ALA A 59 18.92 -5.05 35.14
C ALA A 59 18.02 -6.02 34.37
N THR A 60 18.05 -7.29 34.75
CA THR A 60 17.18 -8.29 34.15
C THR A 60 15.81 -8.26 34.79
N THR A 61 14.83 -8.87 34.12
CA THR A 61 13.48 -8.90 34.64
C THR A 61 13.41 -9.60 36.00
N ASP A 62 14.30 -10.56 36.22
CA ASP A 62 14.34 -11.28 37.48
C ASP A 62 14.80 -10.39 38.62
N ASP A 63 15.78 -9.54 38.32
CA ASP A 63 16.32 -8.62 39.32
C ASP A 63 15.23 -7.74 39.93
N LEU A 64 14.17 -7.49 39.17
CA LEU A 64 13.13 -6.56 39.61
C LEU A 64 11.87 -7.22 40.18
N LEU A 65 11.76 -8.54 40.03
CA LEU A 65 10.54 -9.27 40.42
C LEU A 65 10.02 -8.85 41.79
N VAL A 66 10.92 -8.79 42.75
CA VAL A 66 10.56 -8.51 44.14
C VAL A 66 9.92 -7.13 44.30
N GLU A 67 10.56 -6.11 43.76
CA GLU A 67 10.06 -4.75 43.86
C GLU A 67 8.80 -4.56 43.02
N ALA A 68 8.89 -4.98 41.76
CA ALA A 68 7.78 -4.81 40.84
C ALA A 68 6.52 -5.46 41.38
N PHE A 69 6.68 -6.59 42.06
CA PHE A 69 5.54 -7.29 42.60
C PHE A 69 4.92 -6.46 43.71
N ALA A 70 5.78 -5.86 44.53
CA ALA A 70 5.34 -5.02 45.63
C ALA A 70 4.60 -3.80 45.10
N VAL A 71 5.08 -3.21 44.02
CA VAL A 71 4.40 -2.08 43.41
C VAL A 71 2.98 -2.45 42.98
N VAL A 72 2.85 -3.54 42.22
CA VAL A 72 1.53 -4.02 41.81
C VAL A 72 0.68 -4.26 43.05
N ARG A 73 1.23 -5.04 43.98
CA ARG A 73 0.56 -5.37 45.24
C ARG A 73 -0.03 -4.13 45.88
N GLU A 74 0.74 -3.04 45.90
CA GLU A 74 0.31 -1.80 46.52
C GLU A 74 -0.73 -1.10 45.65
N ALA A 75 -0.54 -1.15 44.33
CA ALA A 75 -1.43 -0.48 43.40
C ALA A 75 -2.82 -1.10 43.36
N SER A 76 -2.91 -2.42 43.51
CA SER A 76 -4.21 -3.09 43.47
C SER A 76 -5.07 -2.66 44.64
N ARG A 77 -4.48 -2.62 45.83
CA ARG A 77 -5.20 -2.15 47.01
C ARG A 77 -5.83 -0.78 46.78
N ARG A 78 -5.12 0.08 46.06
CA ARG A 78 -5.57 1.46 45.88
C ARG A 78 -6.68 1.61 44.85
N VAL A 79 -6.68 0.75 43.83
CA VAL A 79 -7.71 0.84 42.77
C VAL A 79 -8.84 -0.17 42.90
N THR A 80 -8.59 -1.29 43.57
CA THR A 80 -9.61 -2.34 43.68
C THR A 80 -10.07 -2.57 45.11
N GLY A 81 -9.19 -2.31 46.07
CA GLY A 81 -9.49 -2.59 47.48
C GLY A 81 -8.99 -3.96 47.87
N MET A 82 -8.42 -4.68 46.91
CA MET A 82 -7.87 -6.01 47.15
C MET A 82 -6.36 -5.94 47.30
N PHE A 83 -5.84 -6.69 48.26
CA PHE A 83 -4.41 -6.73 48.53
C PHE A 83 -3.94 -8.17 48.40
N PRO A 84 -3.23 -8.47 47.31
CA PRO A 84 -2.83 -9.84 47.01
C PRO A 84 -2.30 -10.58 48.22
N PHE A 85 -2.87 -11.75 48.50
CA PHE A 85 -2.38 -12.64 49.56
C PHE A 85 -1.00 -13.16 49.22
N LYS A 86 -0.37 -13.84 50.17
CA LYS A 86 0.98 -14.36 49.94
C LYS A 86 0.98 -15.53 48.96
N VAL A 87 -0.08 -16.32 48.96
CA VAL A 87 -0.24 -17.42 48.01
C VAL A 87 -0.31 -16.88 46.58
N GLN A 88 -1.04 -15.79 46.40
CA GLN A 88 -1.13 -15.13 45.10
C GLN A 88 0.26 -14.66 44.66
N LEU A 89 1.12 -14.34 45.62
CA LEU A 89 2.50 -13.97 45.30
C LEU A 89 3.29 -15.19 44.81
N MET A 90 3.06 -16.34 45.43
CA MET A 90 3.72 -17.56 45.00
C MET A 90 3.29 -17.95 43.58
N GLY A 91 1.99 -17.97 43.33
CA GLY A 91 1.46 -18.20 42.00
C GLY A 91 2.06 -17.25 40.96
N GLY A 92 2.15 -15.98 41.32
CA GLY A 92 2.78 -14.98 40.46
C GLY A 92 4.18 -15.34 40.03
N VAL A 93 5.00 -15.78 40.97
CA VAL A 93 6.36 -16.20 40.62
C VAL A 93 6.37 -17.37 39.62
N ALA A 94 5.60 -18.42 39.90
CA ALA A 94 5.58 -19.60 39.04
C ALA A 94 5.21 -19.21 37.61
N LEU A 95 4.32 -18.23 37.48
CA LEU A 95 3.93 -17.71 36.18
C LEU A 95 5.09 -16.99 35.52
N HIS A 96 5.79 -16.16 36.28
CA HIS A 96 6.97 -15.49 35.73
C HIS A 96 7.98 -16.51 35.23
N ASP A 97 8.12 -17.63 35.94
CA ASP A 97 9.08 -18.67 35.60
C ASP A 97 8.72 -19.48 34.36
N GLY A 98 7.62 -19.13 33.69
CA GLY A 98 7.19 -19.87 32.51
C GLY A 98 6.53 -21.21 32.85
N ASN A 99 5.96 -21.31 34.04
CA ASN A 99 5.31 -22.55 34.43
C ASN A 99 3.81 -22.42 34.58
N ILE A 100 3.20 -23.49 35.07
CA ILE A 100 1.78 -23.51 35.31
C ILE A 100 1.50 -23.46 36.80
N ALA A 101 0.77 -22.43 37.21
CA ALA A 101 0.36 -22.33 38.60
C ALA A 101 -0.98 -23.02 38.77
N GLU A 102 -1.01 -24.11 39.53
CA GLU A 102 -2.27 -24.71 39.88
C GLU A 102 -2.82 -24.03 41.11
N MET A 103 -3.84 -23.22 40.90
CA MET A 103 -4.49 -22.55 42.01
C MET A 103 -5.97 -22.85 41.99
N LYS A 104 -6.46 -23.41 43.09
CA LYS A 104 -7.86 -23.80 43.20
C LYS A 104 -8.79 -22.65 42.86
N THR A 105 -9.97 -23.01 42.35
CA THR A 105 -11.03 -22.05 42.12
C THR A 105 -11.24 -21.18 43.36
N GLY A 106 -11.29 -19.87 43.14
CA GLY A 106 -11.58 -18.92 44.20
C GLY A 106 -10.32 -18.40 44.87
N GLU A 107 -9.16 -18.85 44.40
CA GLU A 107 -7.91 -18.35 44.97
C GLU A 107 -7.55 -16.98 44.40
N GLY A 108 -8.32 -16.53 43.43
CA GLY A 108 -8.07 -15.23 42.81
C GLY A 108 -6.95 -15.29 41.79
N LYS A 109 -7.10 -16.15 40.80
CA LYS A 109 -6.11 -16.27 39.74
C LYS A 109 -6.06 -15.01 38.87
N THR A 110 -7.19 -14.33 38.73
CA THR A 110 -7.24 -13.14 37.87
C THR A 110 -6.31 -12.05 38.39
N LEU A 111 -6.41 -11.76 39.68
CA LEU A 111 -5.60 -10.73 40.30
C LEU A 111 -4.15 -11.20 40.35
N THR A 112 -3.98 -12.51 40.56
CA THR A 112 -2.65 -13.11 40.63
C THR A 112 -1.85 -12.86 39.34
N SER A 113 -2.50 -13.06 38.20
CA SER A 113 -1.83 -12.90 36.91
C SER A 113 -1.27 -11.50 36.72
N THR A 114 -1.85 -10.55 37.44
CA THR A 114 -1.53 -9.15 37.26
C THR A 114 -0.07 -8.85 37.62
N LEU A 115 0.51 -9.68 38.49
CA LEU A 115 1.89 -9.49 38.93
C LEU A 115 2.92 -9.75 37.83
N PRO A 116 2.95 -10.97 37.28
CA PRO A 116 3.90 -11.25 36.19
C PRO A 116 3.60 -10.50 34.89
N VAL A 117 2.33 -10.21 34.60
CA VAL A 117 1.99 -9.44 33.40
C VAL A 117 2.63 -8.05 33.40
N TYR A 118 2.57 -7.37 34.53
CA TYR A 118 3.21 -6.06 34.69
C TYR A 118 4.71 -6.19 34.48
N LEU A 119 5.33 -7.08 35.25
CA LEU A 119 6.77 -7.26 35.18
C LEU A 119 7.22 -7.50 33.74
N ASN A 120 6.54 -8.41 33.06
CA ASN A 120 6.91 -8.81 31.70
C ASN A 120 6.43 -7.84 30.61
N ALA A 121 5.79 -6.75 31.01
CA ALA A 121 5.33 -5.74 30.04
C ALA A 121 6.25 -4.54 30.03
N LEU A 122 7.08 -4.44 31.06
CA LEU A 122 7.98 -3.31 31.26
C LEU A 122 8.88 -3.03 30.07
N THR A 123 9.42 -4.08 29.45
CA THR A 123 10.35 -3.92 28.33
C THR A 123 9.64 -3.46 27.06
N GLY A 124 8.32 -3.36 27.11
CA GLY A 124 7.53 -2.85 26.00
C GLY A 124 7.50 -3.78 24.81
N LYS A 125 7.51 -5.08 25.07
CA LYS A 125 7.47 -6.06 24.00
C LYS A 125 6.10 -6.69 23.88
N GLY A 126 5.20 -6.40 24.82
CA GLY A 126 3.85 -6.92 24.77
C GLY A 126 3.63 -8.20 25.57
N VAL A 127 2.41 -8.37 26.06
CA VAL A 127 2.00 -9.55 26.80
C VAL A 127 0.56 -9.86 26.43
N HIS A 128 0.27 -11.09 26.01
CA HIS A 128 -1.11 -11.49 25.73
C HIS A 128 -1.71 -12.21 26.93
N VAL A 129 -2.81 -11.67 27.46
CA VAL A 129 -3.53 -12.37 28.52
C VAL A 129 -4.78 -12.99 27.89
N VAL A 130 -4.95 -14.29 28.08
CA VAL A 130 -5.89 -15.01 27.25
C VAL A 130 -6.85 -15.89 28.03
N THR A 131 -8.13 -15.85 27.64
CA THR A 131 -9.14 -16.72 28.21
C THR A 131 -10.02 -17.36 27.17
N VAL A 132 -11.03 -18.05 27.66
CA VAL A 132 -11.82 -18.95 26.85
C VAL A 132 -12.96 -18.26 26.11
N ASN A 133 -13.41 -17.10 26.59
CA ASN A 133 -14.48 -16.40 25.87
C ASN A 133 -14.41 -14.90 26.04
N GLU A 134 -15.10 -14.17 25.17
CA GLU A 134 -15.01 -12.70 25.14
C GLU A 134 -15.65 -12.00 26.34
N TYR A 135 -16.62 -12.66 26.98
CA TYR A 135 -17.16 -12.14 28.21
C TYR A 135 -16.04 -12.03 29.23
N LEU A 136 -15.30 -13.13 29.42
CA LEU A 136 -14.24 -13.14 30.42
C LEU A 136 -13.07 -12.20 30.11
N ALA A 137 -12.66 -12.14 28.85
CA ALA A 137 -11.48 -11.37 28.46
C ALA A 137 -11.83 -9.93 28.70
N SER A 138 -13.05 -9.58 28.34
CA SER A 138 -13.54 -8.23 28.49
C SER A 138 -13.77 -7.85 29.95
N ARG A 139 -14.35 -8.75 30.73
CA ARG A 139 -14.49 -8.50 32.16
C ARG A 139 -13.11 -8.25 32.78
N ASP A 140 -12.16 -9.15 32.52
CA ASP A 140 -10.84 -9.09 33.16
C ASP A 140 -10.05 -7.88 32.70
N ALA A 141 -10.18 -7.52 31.43
CA ALA A 141 -9.52 -6.35 30.87
C ALA A 141 -9.94 -5.07 31.59
N GLU A 142 -11.24 -4.83 31.67
CA GLU A 142 -11.72 -3.62 32.31
C GLU A 142 -11.41 -3.59 33.80
N GLN A 143 -11.43 -4.75 34.45
CA GLN A 143 -11.19 -4.83 35.89
C GLN A 143 -9.70 -4.77 36.26
N MET A 144 -8.88 -5.54 35.55
CA MET A 144 -7.44 -5.54 35.80
C MET A 144 -6.78 -4.37 35.09
N GLY A 145 -7.38 -3.94 33.98
CA GLY A 145 -6.90 -2.78 33.26
C GLY A 145 -6.68 -1.57 34.15
N LYS A 146 -7.62 -1.33 35.07
CA LYS A 146 -7.52 -0.19 35.98
C LYS A 146 -6.21 -0.19 36.77
N ILE A 147 -5.74 -1.37 37.18
CA ILE A 147 -4.47 -1.45 37.90
C ILE A 147 -3.30 -1.03 37.03
N PHE A 148 -3.23 -1.62 35.83
CA PHE A 148 -2.15 -1.35 34.89
C PHE A 148 -2.12 0.11 34.43
N GLU A 149 -3.28 0.68 34.15
CA GLU A 149 -3.38 2.08 33.72
C GLU A 149 -2.95 3.02 34.84
N PHE A 150 -3.23 2.62 36.08
CA PHE A 150 -2.74 3.35 37.23
C PHE A 150 -1.21 3.35 37.25
N LEU A 151 -0.63 2.20 36.93
CA LEU A 151 0.83 2.07 36.89
C LEU A 151 1.42 2.66 35.61
N GLY A 152 0.61 3.37 34.84
CA GLY A 152 1.06 4.00 33.62
C GLY A 152 1.30 3.04 32.47
N LEU A 153 0.54 1.96 32.42
CA LEU A 153 0.60 1.02 31.31
C LEU A 153 -0.67 1.08 30.48
N THR A 154 -0.53 0.83 29.18
CA THR A 154 -1.68 0.79 28.29
C THR A 154 -2.20 -0.65 28.17
N VAL A 155 -3.51 -0.78 28.01
CA VAL A 155 -4.17 -2.08 27.99
C VAL A 155 -5.13 -2.18 26.82
N GLY A 156 -4.95 -3.19 25.98
CA GLY A 156 -5.78 -3.37 24.81
C GLY A 156 -6.70 -4.56 24.96
N LEU A 157 -7.80 -4.53 24.22
CA LEU A 157 -8.77 -5.61 24.22
C LEU A 157 -9.03 -6.05 22.77
N ASN A 158 -8.61 -7.26 22.43
CA ASN A 158 -8.79 -7.80 21.09
C ASN A 158 -10.07 -8.61 20.99
N LEU A 159 -10.97 -8.22 20.09
CA LEU A 159 -12.22 -8.94 19.94
C LEU A 159 -12.50 -9.22 18.48
N ASN A 160 -13.35 -10.21 18.27
CA ASN A 160 -13.78 -10.65 16.96
C ASN A 160 -14.47 -9.57 16.11
N SER A 161 -15.17 -8.63 16.75
CA SER A 161 -15.98 -7.67 16.02
C SER A 161 -15.19 -6.42 15.60
N MET A 162 -13.90 -6.41 15.90
CA MET A 162 -13.08 -5.21 15.74
C MET A 162 -12.37 -5.19 14.40
N SER A 163 -12.09 -3.98 13.92
CA SER A 163 -11.42 -3.80 12.65
C SER A 163 -9.91 -3.98 12.74
N LYS A 164 -9.26 -4.01 11.58
CA LYS A 164 -7.80 -4.18 11.48
C LYS A 164 -7.07 -3.14 12.29
N ASP A 165 -7.35 -1.87 12.00
CA ASP A 165 -6.75 -0.73 12.70
C ASP A 165 -6.96 -0.84 14.20
N GLU A 166 -8.16 -1.24 14.59
CA GLU A 166 -8.51 -1.39 16.00
C GLU A 166 -7.74 -2.55 16.62
N LYS A 167 -7.67 -3.66 15.90
CA LYS A 167 -6.90 -4.80 16.37
C LYS A 167 -5.43 -4.42 16.50
N ARG A 168 -4.91 -3.68 15.53
CA ARG A 168 -3.52 -3.25 15.53
C ARG A 168 -3.22 -2.38 16.74
N GLU A 169 -4.16 -1.53 17.10
CA GLU A 169 -3.98 -0.68 18.29
C GLU A 169 -3.97 -1.52 19.55
N ALA A 170 -4.91 -2.45 19.65
CA ALA A 170 -5.00 -3.34 20.81
C ALA A 170 -3.72 -4.11 21.02
N TYR A 171 -3.16 -4.62 19.93
CA TYR A 171 -1.89 -5.36 20.01
C TYR A 171 -0.71 -4.43 20.26
N ALA A 172 -0.88 -3.14 20.02
CA ALA A 172 0.21 -2.19 20.20
C ALA A 172 0.32 -1.73 21.65
N ALA A 173 -0.71 -2.01 22.44
CA ALA A 173 -0.69 -1.70 23.86
C ALA A 173 0.35 -2.55 24.58
N ASP A 174 0.80 -2.08 25.74
CA ASP A 174 1.76 -2.82 26.57
C ASP A 174 1.24 -4.18 26.95
N ILE A 175 -0.09 -4.27 27.14
CA ILE A 175 -0.74 -5.49 27.54
C ILE A 175 -2.00 -5.69 26.71
N THR A 176 -2.21 -6.91 26.21
CA THR A 176 -3.38 -7.21 25.41
C THR A 176 -4.19 -8.40 25.93
N TYR A 177 -5.47 -8.16 26.20
CA TYR A 177 -6.40 -9.22 26.56
C TYR A 177 -7.06 -9.74 25.31
N SER A 178 -7.25 -11.04 25.27
CA SER A 178 -7.87 -11.69 24.14
C SER A 178 -8.29 -13.14 24.43
N THR A 179 -9.09 -13.65 23.53
CA THR A 179 -9.56 -15.00 23.53
C THR A 179 -8.50 -15.78 22.76
N ASN A 180 -8.38 -17.09 22.98
CA ASN A 180 -7.41 -17.87 22.20
C ASN A 180 -7.79 -17.99 20.73
N ASN A 181 -9.08 -18.11 20.44
CA ASN A 181 -9.53 -18.14 19.06
C ASN A 181 -9.07 -16.93 18.27
N GLU A 182 -9.30 -15.73 18.81
CA GLU A 182 -8.91 -14.51 18.11
C GLU A 182 -7.41 -14.42 17.86
N LEU A 183 -6.60 -14.80 18.85
CA LEU A 183 -5.16 -14.74 18.67
C LEU A 183 -4.76 -15.61 17.48
N GLY A 184 -5.29 -16.83 17.45
CA GLY A 184 -4.96 -17.79 16.40
C GLY A 184 -5.39 -17.31 15.03
N PHE A 185 -6.63 -16.83 14.93
CA PHE A 185 -7.11 -16.31 13.65
C PHE A 185 -6.26 -15.13 13.20
N ASP A 186 -6.02 -14.17 14.11
CA ASP A 186 -5.19 -13.00 13.82
C ASP A 186 -3.85 -13.43 13.22
N TYR A 187 -3.19 -14.40 13.86
CA TYR A 187 -1.90 -14.90 13.38
C TYR A 187 -1.98 -15.47 11.96
N LEU A 188 -3.07 -16.16 11.65
CA LEU A 188 -3.22 -16.77 10.32
C LEU A 188 -3.41 -15.68 9.28
N ARG A 189 -4.30 -14.74 9.58
CA ARG A 189 -4.58 -13.64 8.67
C ARG A 189 -3.32 -12.80 8.44
N ASP A 190 -2.50 -12.62 9.47
CA ASP A 190 -1.24 -11.90 9.31
C ASP A 190 -0.33 -12.60 8.27
N ASN A 191 -0.54 -13.90 8.08
CA ASN A 191 0.24 -14.63 7.08
C ASN A 191 -0.46 -14.73 5.72
N MET A 192 -1.52 -13.93 5.52
CA MET A 192 -2.26 -13.92 4.26
C MET A 192 -2.27 -12.52 3.65
N VAL A 193 -1.73 -11.55 4.38
CA VAL A 193 -1.70 -10.16 3.94
C VAL A 193 -0.92 -9.93 2.64
N LEU A 194 -1.17 -8.77 2.02
CA LEU A 194 -0.50 -8.44 0.76
C LEU A 194 0.58 -7.39 0.97
N TYR A 195 0.47 -6.65 2.08
CA TYR A 195 1.54 -5.75 2.51
C TYR A 195 1.79 -5.93 4.00
N LYS A 196 3.07 -5.93 4.37
CA LYS A 196 3.52 -5.93 5.76
C LYS A 196 2.64 -5.10 6.71
N GLU A 197 2.17 -3.95 6.25
CA GLU A 197 1.47 -3.01 7.13
C GLU A 197 0.09 -3.47 7.52
N GLN A 198 -0.45 -4.44 6.79
CA GLN A 198 -1.78 -4.93 7.12
C GLN A 198 -1.76 -5.89 8.32
N MET A 199 -0.56 -6.29 8.75
CA MET A 199 -0.44 -7.18 9.90
C MET A 199 -0.92 -6.48 11.15
N VAL A 200 -1.56 -7.22 12.04
CA VAL A 200 -2.04 -6.66 13.29
C VAL A 200 -1.18 -7.03 14.52
N GLN A 201 -0.53 -8.19 14.51
CA GLN A 201 0.27 -8.65 15.67
C GLN A 201 1.75 -8.21 15.62
N ARG A 202 2.33 -8.00 16.80
CA ARG A 202 3.77 -7.85 16.88
C ARG A 202 4.34 -9.24 17.16
N PRO A 203 5.66 -9.37 17.28
CA PRO A 203 6.17 -10.72 17.52
C PRO A 203 5.57 -11.31 18.79
N LEU A 204 5.40 -12.63 18.80
CA LEU A 204 4.80 -13.30 19.95
C LEU A 204 5.77 -13.36 21.15
N HIS A 205 5.59 -12.43 22.09
CA HIS A 205 6.50 -12.32 23.23
C HIS A 205 6.12 -13.23 24.39
N PHE A 206 4.99 -12.94 25.02
CA PHE A 206 4.60 -13.62 26.26
C PHE A 206 3.08 -13.81 26.34
N ALA A 207 2.66 -15.05 26.58
CA ALA A 207 1.23 -15.34 26.74
C ALA A 207 1.00 -15.93 28.12
N VAL A 208 0.04 -15.37 28.85
CA VAL A 208 -0.38 -15.91 30.14
C VAL A 208 -1.79 -16.43 29.97
N ILE A 209 -1.97 -17.73 30.17
CA ILE A 209 -3.20 -18.39 29.76
C ILE A 209 -4.05 -18.79 30.96
N ASP A 210 -5.17 -18.09 31.14
CA ASP A 210 -6.14 -18.46 32.17
C ASP A 210 -6.84 -19.71 31.71
N GLU A 211 -7.34 -20.54 32.63
CA GLU A 211 -8.01 -21.77 32.23
C GLU A 211 -7.10 -22.64 31.34
N VAL A 212 -5.80 -22.60 31.62
CA VAL A 212 -4.79 -23.20 30.76
C VAL A 212 -5.00 -24.68 30.36
N ASP A 213 -5.67 -25.46 31.20
CA ASP A 213 -5.92 -26.86 30.82
C ASP A 213 -7.00 -27.01 29.74
N SER A 214 -7.97 -26.11 29.71
CA SER A 214 -8.96 -26.12 28.63
C SER A 214 -8.30 -25.77 27.31
N ILE A 215 -7.39 -24.82 27.36
CA ILE A 215 -6.81 -24.29 26.15
C ILE A 215 -5.63 -25.11 25.63
N LEU A 216 -4.72 -25.49 26.53
CA LEU A 216 -3.49 -26.13 26.11
C LEU A 216 -3.60 -27.65 26.09
N ILE A 217 -4.67 -28.20 26.67
CA ILE A 217 -4.85 -29.63 26.67
C ILE A 217 -6.09 -30.04 25.86
N ASP A 218 -7.28 -29.70 26.34
CA ASP A 218 -8.51 -30.13 25.69
C ASP A 218 -8.62 -29.66 24.25
N GLU A 219 -8.13 -28.44 24.00
CA GLU A 219 -8.12 -27.86 22.68
C GLU A 219 -6.74 -27.91 22.02
N ALA A 220 -5.83 -28.68 22.59
CA ALA A 220 -4.49 -28.75 22.04
C ALA A 220 -4.50 -28.95 20.53
N ARG A 221 -5.29 -29.91 20.07
CA ARG A 221 -5.27 -30.27 18.64
C ARG A 221 -6.45 -29.70 17.84
N THR A 222 -7.21 -28.80 18.44
CA THR A 222 -8.30 -28.17 17.75
C THR A 222 -7.74 -27.28 16.66
N PRO A 223 -8.12 -27.54 15.40
CA PRO A 223 -7.63 -26.73 14.28
C PRO A 223 -8.45 -25.47 14.03
N LEU A 224 -7.77 -24.32 13.97
CA LEU A 224 -8.35 -23.09 13.42
C LEU A 224 -8.14 -23.10 11.91
N ILE A 225 -9.21 -22.86 11.14
CA ILE A 225 -9.09 -22.84 9.69
C ILE A 225 -9.63 -21.55 9.04
N ILE A 226 -8.97 -21.10 7.98
CA ILE A 226 -9.49 -20.05 7.14
C ILE A 226 -9.78 -20.60 5.75
N SER A 227 -11.04 -20.48 5.30
CA SER A 227 -11.48 -21.02 4.03
C SER A 227 -11.51 -19.97 2.95
N GLY A 228 -11.35 -20.40 1.70
CA GLY A 228 -11.54 -19.51 0.55
C GLY A 228 -13.01 -19.46 0.18
N GLN A 229 -13.38 -18.57 -0.73
CA GLN A 229 -14.77 -18.43 -1.12
C GLN A 229 -15.08 -19.27 -2.35
N ALA A 230 -14.08 -19.99 -2.84
CA ALA A 230 -14.30 -20.87 -3.99
C ALA A 230 -14.70 -22.28 -3.54
N ALA A 231 -15.54 -22.90 -4.35
CA ALA A 231 -15.96 -24.27 -4.08
C ALA A 231 -14.86 -25.23 -4.51
N LYS A 232 -14.56 -26.19 -3.65
CA LYS A 232 -13.67 -27.28 -3.99
C LYS A 232 -14.23 -28.04 -5.20
N SER A 233 -13.41 -28.23 -6.22
CA SER A 233 -13.81 -29.00 -7.40
C SER A 233 -14.18 -30.43 -7.03
N THR A 234 -15.16 -30.98 -7.75
CA THR A 234 -15.63 -32.33 -7.49
C THR A 234 -15.18 -33.32 -8.59
N LYS A 235 -14.43 -32.82 -9.56
CA LYS A 235 -14.02 -33.60 -10.73
C LYS A 235 -13.40 -34.93 -10.33
N LEU A 236 -12.50 -34.89 -9.35
CA LEU A 236 -11.80 -36.07 -8.89
C LEU A 236 -12.77 -37.13 -8.36
N TYR A 237 -13.85 -36.69 -7.73
CA TYR A 237 -14.85 -37.61 -7.19
C TYR A 237 -15.54 -38.40 -8.31
N VAL A 238 -15.90 -37.72 -9.40
CA VAL A 238 -16.58 -38.42 -10.49
C VAL A 238 -15.61 -39.28 -11.30
N GLN A 239 -14.39 -38.78 -11.50
CA GLN A 239 -13.36 -39.55 -12.17
C GLN A 239 -13.09 -40.86 -11.43
N ALA A 240 -12.86 -40.77 -10.12
CA ALA A 240 -12.59 -41.95 -9.32
C ALA A 240 -13.77 -42.92 -9.33
N ASN A 241 -14.96 -42.40 -9.06
CA ASN A 241 -16.16 -43.23 -9.11
C ASN A 241 -16.29 -44.00 -10.42
N ALA A 242 -16.03 -43.34 -11.53
CA ALA A 242 -16.16 -43.95 -12.86
C ALA A 242 -15.11 -45.03 -13.09
N PHE A 243 -13.91 -44.81 -12.58
CA PHE A 243 -12.85 -45.80 -12.69
C PHE A 243 -13.17 -47.02 -11.83
N VAL A 244 -13.67 -46.77 -10.62
CA VAL A 244 -14.02 -47.87 -9.71
C VAL A 244 -15.12 -48.75 -10.29
N ARG A 245 -16.09 -48.16 -10.95
CA ARG A 245 -17.16 -48.92 -11.54
C ARG A 245 -16.59 -49.94 -12.52
N THR A 246 -15.59 -49.59 -13.29
CA THR A 246 -15.03 -50.53 -14.23
C THR A 246 -14.22 -51.64 -13.58
N LEU A 247 -13.96 -51.51 -12.30
CA LEU A 247 -13.18 -52.52 -11.62
C LEU A 247 -13.94 -53.81 -11.42
N LYS A 248 -13.21 -54.91 -11.34
CA LYS A 248 -13.79 -56.22 -11.18
C LYS A 248 -13.38 -56.76 -9.84
N ALA A 249 -14.31 -57.42 -9.21
CA ALA A 249 -14.31 -57.72 -7.80
C ALA A 249 -13.16 -58.49 -7.20
N GLU A 250 -12.56 -59.44 -7.85
CA GLU A 250 -11.44 -60.01 -7.14
C GLU A 250 -10.18 -59.81 -7.90
N LYS A 251 -10.34 -59.57 -9.18
CA LYS A 251 -9.20 -59.35 -10.01
C LYS A 251 -8.52 -58.07 -9.57
N ASP A 252 -9.34 -57.07 -9.28
CA ASP A 252 -8.85 -55.74 -8.98
C ASP A 252 -8.80 -55.27 -7.54
N TYR A 253 -9.47 -55.93 -6.61
CA TYR A 253 -9.42 -55.45 -5.22
C TYR A 253 -9.70 -56.49 -4.15
N THR A 254 -9.29 -56.21 -2.91
CA THR A 254 -9.39 -57.16 -1.83
C THR A 254 -9.65 -56.48 -0.51
N TYR A 255 -10.25 -57.17 0.45
CA TYR A 255 -10.52 -56.54 1.72
C TYR A 255 -9.36 -57.10 2.51
N ASP A 256 -8.39 -56.26 2.79
CA ASP A 256 -7.19 -56.63 3.54
C ASP A 256 -7.47 -56.79 5.02
N ILE A 257 -7.35 -58.01 5.51
CA ILE A 257 -7.57 -58.34 6.92
C ILE A 257 -6.64 -57.54 7.85
N LYS A 258 -5.37 -57.41 7.46
CA LYS A 258 -4.36 -56.74 8.28
C LYS A 258 -4.65 -55.27 8.52
N THR A 259 -5.08 -54.56 7.48
CA THR A 259 -5.26 -53.11 7.53
C THR A 259 -6.71 -52.66 7.78
N LYS A 260 -7.65 -53.62 7.75
CA LYS A 260 -9.08 -53.32 7.87
C LYS A 260 -9.56 -52.34 6.80
N ALA A 261 -9.39 -52.70 5.54
CA ALA A 261 -9.79 -51.82 4.43
C ALA A 261 -9.81 -52.53 3.09
N VAL A 262 -10.51 -51.91 2.13
CA VAL A 262 -10.58 -52.43 0.77
C VAL A 262 -9.50 -51.78 -0.10
N GLN A 263 -8.57 -52.60 -0.59
CA GLN A 263 -7.44 -52.07 -1.35
C GLN A 263 -7.37 -52.63 -2.77
N LEU A 264 -6.82 -51.82 -3.68
CA LEU A 264 -6.57 -52.25 -5.04
C LEU A 264 -5.55 -53.37 -5.02
N THR A 265 -5.69 -54.31 -5.94
CA THR A 265 -4.67 -55.33 -6.11
C THR A 265 -3.54 -54.73 -6.93
N GLU A 266 -2.50 -55.51 -7.15
CA GLU A 266 -1.40 -55.08 -8.00
C GLU A 266 -1.93 -54.83 -9.41
N GLU A 267 -2.92 -55.62 -9.82
CA GLU A 267 -3.51 -55.46 -11.13
C GLU A 267 -4.33 -54.19 -11.20
N GLY A 268 -5.04 -53.90 -10.12
CA GLY A 268 -5.89 -52.71 -10.05
C GLY A 268 -5.08 -51.43 -10.14
N MET A 269 -3.90 -51.43 -9.54
CA MET A 269 -3.02 -50.28 -9.56
C MET A 269 -2.45 -50.05 -10.96
N THR A 270 -2.03 -51.14 -11.59
CA THR A 270 -1.59 -51.10 -12.98
C THR A 270 -2.69 -50.55 -13.89
N LYS A 271 -3.94 -50.92 -13.58
CA LYS A 271 -5.10 -50.52 -14.35
C LYS A 271 -5.40 -49.05 -14.15
N ALA A 272 -5.31 -48.60 -12.90
CA ALA A 272 -5.49 -47.20 -12.57
C ALA A 272 -4.40 -46.34 -13.21
N GLU A 273 -3.16 -46.84 -13.17
CA GLU A 273 -2.02 -46.14 -13.77
C GLU A 273 -2.15 -46.01 -15.29
N LYS A 274 -2.75 -47.02 -15.92
CA LYS A 274 -2.98 -46.96 -17.35
C LYS A 274 -4.16 -46.04 -17.65
N ALA A 275 -5.19 -46.11 -16.81
CA ALA A 275 -6.43 -45.37 -17.03
C ALA A 275 -6.18 -43.86 -17.03
N PHE A 276 -5.46 -43.40 -16.02
CA PHE A 276 -4.97 -42.04 -16.01
C PHE A 276 -3.59 -42.11 -16.64
N GLY A 277 -2.77 -41.07 -16.56
CA GLY A 277 -1.50 -41.11 -17.29
C GLY A 277 -0.31 -41.27 -16.37
N ILE A 278 -0.45 -42.15 -15.37
CA ILE A 278 0.49 -42.24 -14.26
C ILE A 278 1.44 -43.41 -14.40
N ASP A 279 2.65 -43.23 -13.86
CA ASP A 279 3.61 -44.32 -13.74
C ASP A 279 3.39 -45.10 -12.44
N ASN A 280 3.21 -44.37 -11.34
CA ASN A 280 3.17 -44.96 -10.01
C ASN A 280 2.03 -44.30 -9.22
N LEU A 281 0.99 -45.07 -8.93
CA LEU A 281 -0.13 -44.54 -8.16
C LEU A 281 0.21 -44.11 -6.72
N PHE A 282 1.30 -44.64 -6.16
CA PHE A 282 1.69 -44.33 -4.77
C PHE A 282 2.55 -43.08 -4.70
N ASP A 283 3.00 -42.59 -5.86
CA ASP A 283 3.86 -41.41 -5.89
C ASP A 283 3.15 -40.25 -5.19
N VAL A 284 3.93 -39.42 -4.50
CA VAL A 284 3.35 -38.35 -3.68
C VAL A 284 2.56 -37.37 -4.53
N LYS A 285 2.99 -37.15 -5.77
CA LYS A 285 2.24 -36.23 -6.62
C LYS A 285 0.85 -36.75 -6.95
N HIS A 286 0.55 -37.99 -6.54
CA HIS A 286 -0.76 -38.58 -6.84
C HIS A 286 -1.56 -39.00 -5.61
N VAL A 287 -1.19 -38.48 -4.45
CA VAL A 287 -1.84 -38.83 -3.20
C VAL A 287 -3.34 -38.59 -3.26
N ALA A 288 -3.74 -37.46 -3.83
CA ALA A 288 -5.17 -37.14 -3.96
C ALA A 288 -5.90 -38.18 -4.84
N LEU A 289 -5.36 -38.43 -6.02
CA LEU A 289 -5.95 -39.42 -6.90
C LEU A 289 -6.14 -40.75 -6.15
N ASN A 290 -5.06 -41.24 -5.57
CA ASN A 290 -5.06 -42.51 -4.83
C ASN A 290 -6.09 -42.56 -3.69
N HIS A 291 -6.22 -41.46 -2.98
CA HIS A 291 -7.09 -41.43 -1.80
C HIS A 291 -8.56 -41.43 -2.21
N HIS A 292 -8.90 -40.64 -3.22
CA HIS A 292 -10.26 -40.62 -3.74
C HIS A 292 -10.65 -42.01 -4.25
N ILE A 293 -9.73 -42.65 -4.98
CA ILE A 293 -9.97 -44.00 -5.48
C ILE A 293 -10.23 -44.96 -4.32
N ASN A 294 -9.47 -44.82 -3.24
CA ASN A 294 -9.61 -45.67 -2.07
C ASN A 294 -10.94 -45.46 -1.36
N GLN A 295 -11.40 -44.22 -1.31
CA GLN A 295 -12.69 -43.88 -0.70
C GLN A 295 -13.84 -44.40 -1.56
N ALA A 296 -13.77 -44.15 -2.86
CA ALA A 296 -14.81 -44.63 -3.78
C ALA A 296 -14.86 -46.15 -3.77
N LEU A 297 -13.77 -46.75 -3.29
CA LEU A 297 -13.63 -48.21 -3.18
C LEU A 297 -14.21 -48.67 -1.85
N LYS A 298 -14.17 -47.79 -0.85
CA LYS A 298 -14.74 -48.07 0.46
C LYS A 298 -16.23 -47.82 0.40
N ALA A 299 -16.63 -46.90 -0.47
CA ALA A 299 -18.02 -46.54 -0.62
C ALA A 299 -18.78 -47.58 -1.43
N HIS A 300 -18.08 -48.22 -2.37
CA HIS A 300 -18.74 -49.13 -3.30
C HIS A 300 -18.87 -50.57 -2.81
N VAL A 301 -17.92 -51.04 -2.00
CA VAL A 301 -17.96 -52.42 -1.54
C VAL A 301 -17.97 -52.58 -0.02
N ALA A 302 -17.74 -51.49 0.69
CA ALA A 302 -17.75 -51.54 2.15
C ALA A 302 -19.03 -50.93 2.71
N MET A 303 -19.49 -49.86 2.09
CA MET A 303 -20.72 -49.20 2.51
C MET A 303 -21.94 -49.72 1.76
N GLN A 304 -22.71 -50.60 2.40
CA GLN A 304 -23.95 -51.12 1.83
C GLN A 304 -25.09 -50.11 1.92
N LYS A 305 -25.68 -49.79 0.77
CA LYS A 305 -26.80 -48.84 0.73
C LYS A 305 -28.03 -49.39 1.45
N ASP A 306 -28.62 -48.55 2.30
CA ASP A 306 -29.78 -48.93 3.13
C ASP A 306 -29.40 -49.85 4.30
N VAL A 307 -28.12 -49.83 4.63
CA VAL A 307 -27.59 -50.62 5.71
C VAL A 307 -26.68 -49.68 6.46
N ASP A 308 -25.57 -49.34 5.83
CA ASP A 308 -24.60 -48.43 6.41
C ASP A 308 -25.12 -47.01 6.49
N TYR A 309 -25.84 -46.64 5.44
CA TYR A 309 -26.43 -45.34 5.30
C TYR A 309 -27.73 -45.48 4.54
N VAL A 310 -28.41 -44.37 4.38
CA VAL A 310 -29.66 -44.31 3.67
C VAL A 310 -29.74 -43.01 2.93
N VAL A 311 -30.63 -42.92 1.95
CA VAL A 311 -30.76 -41.70 1.17
C VAL A 311 -32.11 -41.02 1.37
N GLU A 312 -32.14 -39.81 1.90
CA GLU A 312 -33.39 -39.11 2.11
C GLU A 312 -33.47 -38.11 1.00
N ASP A 313 -34.47 -38.23 0.15
CA ASP A 313 -34.52 -37.27 -0.91
C ASP A 313 -33.31 -37.53 -1.70
N GLY A 314 -32.52 -36.47 -1.87
CA GLY A 314 -31.28 -36.48 -2.61
C GLY A 314 -30.08 -36.31 -1.69
N GLN A 315 -30.25 -36.64 -0.43
CA GLN A 315 -29.20 -36.53 0.55
C GLN A 315 -28.88 -37.89 1.16
N VAL A 316 -27.71 -38.05 1.76
CA VAL A 316 -27.34 -39.35 2.36
C VAL A 316 -27.20 -39.26 3.88
N VAL A 317 -27.81 -40.18 4.60
CA VAL A 317 -27.74 -40.18 6.05
C VAL A 317 -27.12 -41.39 6.69
N ILE A 318 -26.34 -41.14 7.72
CA ILE A 318 -25.67 -42.20 8.45
C ILE A 318 -26.57 -42.89 9.46
N VAL A 319 -26.72 -44.21 9.31
CA VAL A 319 -27.56 -44.97 10.24
C VAL A 319 -26.93 -45.04 11.61
N ASP A 320 -25.66 -45.41 11.66
CA ASP A 320 -24.88 -45.52 12.89
C ASP A 320 -24.93 -46.69 13.88
N SER A 321 -25.79 -47.68 13.73
CA SER A 321 -25.78 -48.78 14.72
C SER A 321 -25.83 -48.34 16.19
N PHE A 322 -26.96 -48.05 16.86
CA PHE A 322 -28.39 -48.05 16.51
C PHE A 322 -29.25 -47.26 15.52
N THR A 323 -29.03 -45.97 15.28
CA THR A 323 -29.91 -45.29 14.32
C THR A 323 -31.28 -45.44 14.99
N GLY A 324 -31.28 -45.04 16.26
CA GLY A 324 -30.03 -44.54 16.77
C GLY A 324 -30.04 -43.27 15.95
N ARG A 325 -29.09 -43.09 15.04
CA ARG A 325 -29.08 -41.88 14.23
C ARG A 325 -29.98 -42.12 13.05
N LEU A 326 -31.26 -41.79 13.21
CA LEU A 326 -32.23 -41.99 12.14
C LEU A 326 -32.04 -41.10 10.93
N MET A 327 -31.87 -39.81 11.19
CA MET A 327 -31.68 -38.81 10.16
C MET A 327 -30.83 -37.73 10.77
N LYS A 328 -29.63 -38.09 11.21
CA LYS A 328 -28.77 -37.10 11.80
C LYS A 328 -28.32 -36.17 10.73
N GLY A 329 -27.87 -34.99 11.10
CA GLY A 329 -27.42 -34.01 10.13
C GLY A 329 -25.93 -34.16 9.86
N ARG A 330 -25.28 -34.95 10.72
CA ARG A 330 -23.86 -35.22 10.64
C ARG A 330 -23.45 -36.09 9.46
N ARG A 331 -22.20 -35.98 9.03
CA ARG A 331 -21.70 -36.76 7.90
C ARG A 331 -20.30 -37.33 8.06
N TYR A 332 -20.02 -38.31 7.22
CA TYR A 332 -18.73 -39.01 7.20
C TYR A 332 -17.61 -38.06 6.81
N SER A 333 -16.40 -38.34 7.27
CA SER A 333 -15.26 -37.47 6.98
C SER A 333 -14.35 -38.06 5.90
N GLU A 334 -13.25 -37.36 5.63
CA GLU A 334 -12.19 -37.85 4.74
C GLU A 334 -12.65 -38.09 3.30
N GLY A 335 -13.59 -37.28 2.81
CA GLY A 335 -14.12 -37.45 1.46
C GLY A 335 -15.02 -38.66 1.24
N LEU A 336 -15.23 -39.46 2.28
CA LEU A 336 -16.05 -40.68 2.16
C LEU A 336 -17.48 -40.33 1.80
N HIS A 337 -17.97 -39.23 2.36
CA HIS A 337 -19.35 -38.82 2.13
C HIS A 337 -19.58 -38.49 0.66
N GLN A 338 -18.67 -37.71 0.08
CA GLN A 338 -18.78 -37.34 -1.33
C GLN A 338 -18.63 -38.55 -2.25
N ALA A 339 -17.76 -39.48 -1.87
CA ALA A 339 -17.59 -40.71 -2.63
C ALA A 339 -18.90 -41.50 -2.70
N ILE A 340 -19.70 -41.40 -1.64
CA ILE A 340 -20.98 -42.08 -1.62
C ILE A 340 -21.99 -41.35 -2.50
N GLU A 341 -21.96 -40.02 -2.45
CA GLU A 341 -22.83 -39.18 -3.27
C GLU A 341 -22.60 -39.41 -4.75
N ALA A 342 -21.34 -39.61 -5.14
CA ALA A 342 -20.97 -39.86 -6.52
C ALA A 342 -21.49 -41.23 -6.95
N LYS A 343 -21.37 -42.18 -6.03
CA LYS A 343 -21.85 -43.54 -6.23
C LYS A 343 -23.37 -43.54 -6.38
N GLU A 344 -24.03 -42.77 -5.53
CA GLU A 344 -25.48 -42.65 -5.52
C GLU A 344 -26.03 -41.69 -6.57
N GLY A 345 -25.16 -41.14 -7.40
CA GLY A 345 -25.57 -40.25 -8.49
C GLY A 345 -26.21 -38.96 -7.99
N LEU A 346 -26.19 -38.77 -6.67
CA LEU A 346 -26.70 -37.55 -6.07
C LEU A 346 -25.77 -36.38 -6.37
N GLU A 347 -26.15 -35.19 -5.93
CA GLU A 347 -25.31 -34.01 -6.06
C GLU A 347 -24.15 -34.05 -5.07
N ILE A 348 -22.93 -33.89 -5.58
CA ILE A 348 -21.76 -33.85 -4.71
C ILE A 348 -21.78 -32.54 -3.93
N GLN A 349 -22.00 -32.63 -2.62
CA GLN A 349 -22.09 -31.44 -1.80
C GLN A 349 -20.72 -30.87 -1.53
N ASN A 350 -20.52 -29.63 -1.98
CA ASN A 350 -19.21 -28.98 -1.94
C ASN A 350 -18.77 -28.53 -0.54
N GLU A 351 -17.47 -28.30 -0.42
CA GLU A 351 -16.88 -27.73 0.77
C GLU A 351 -15.76 -26.81 0.29
N SER A 352 -15.61 -25.64 0.89
CA SER A 352 -14.58 -24.72 0.43
C SER A 352 -13.19 -25.20 0.84
N MET A 353 -12.16 -24.65 0.22
CA MET A 353 -10.81 -25.12 0.40
C MET A 353 -10.15 -24.39 1.57
N THR A 354 -9.24 -25.06 2.25
CA THR A 354 -8.55 -24.47 3.39
C THR A 354 -7.32 -23.68 2.93
N LEU A 355 -7.27 -22.40 3.30
CA LEU A 355 -6.17 -21.53 2.91
C LEU A 355 -5.09 -21.47 3.96
N ALA A 356 -5.47 -21.67 5.21
CA ALA A 356 -4.56 -21.49 6.34
C ALA A 356 -5.09 -22.25 7.54
N THR A 357 -4.17 -22.91 8.24
CA THR A 357 -4.58 -23.70 9.40
C THR A 357 -3.49 -23.76 10.47
N ILE A 358 -3.92 -23.77 11.72
CA ILE A 358 -3.02 -24.00 12.84
C ILE A 358 -3.81 -24.55 14.01
N THR A 359 -3.18 -25.36 14.84
CA THR A 359 -3.80 -25.81 16.09
C THR A 359 -3.29 -24.93 17.20
N PHE A 360 -3.97 -24.97 18.34
CA PHE A 360 -3.57 -24.16 19.48
C PHE A 360 -2.20 -24.57 20.03
N GLN A 361 -1.94 -25.87 20.09
CA GLN A 361 -0.64 -26.36 20.50
C GLN A 361 0.44 -25.71 19.64
N ASN A 362 0.21 -25.71 18.33
CA ASN A 362 1.19 -25.15 17.39
C ASN A 362 1.29 -23.63 17.46
N TYR A 363 0.17 -22.97 17.76
CA TYR A 363 0.16 -21.55 17.88
C TYR A 363 0.93 -21.07 19.13
N PHE A 364 0.63 -21.67 20.28
CA PHE A 364 1.19 -21.17 21.52
C PHE A 364 2.66 -21.55 21.69
N ARG A 365 3.06 -22.60 20.97
CA ARG A 365 4.44 -23.04 20.98
C ARG A 365 5.36 -22.01 20.31
N MET A 366 4.78 -21.03 19.62
CA MET A 366 5.57 -19.98 18.99
C MET A 366 5.97 -18.82 19.91
N TYR A 367 5.30 -18.66 21.05
CA TYR A 367 5.69 -17.58 21.94
C TYR A 367 7.11 -17.80 22.47
N GLU A 368 7.82 -16.72 22.73
CA GLU A 368 9.12 -16.81 23.36
C GLU A 368 8.96 -17.32 24.78
N LYS A 369 7.85 -16.94 25.41
CA LYS A 369 7.60 -17.35 26.78
C LYS A 369 6.14 -17.70 26.96
N LEU A 370 5.87 -18.72 27.77
CA LEU A 370 4.53 -19.24 27.96
C LEU A 370 4.27 -19.46 29.45
N ALA A 371 3.07 -19.08 29.93
CA ALA A 371 2.67 -19.39 31.30
C ALA A 371 1.18 -19.67 31.34
N GLY A 372 0.72 -20.31 32.41
CA GLY A 372 -0.69 -20.67 32.50
C GLY A 372 -1.16 -20.92 33.92
N MET A 373 -2.46 -20.69 34.15
CA MET A 373 -3.01 -20.85 35.49
C MET A 373 -4.35 -21.53 35.38
N THR A 374 -4.69 -22.33 36.39
CA THR A 374 -5.93 -23.07 36.37
C THR A 374 -6.15 -23.73 37.72
N GLY A 375 -7.40 -24.09 38.01
CA GLY A 375 -7.73 -24.85 39.21
C GLY A 375 -7.32 -26.32 39.14
N THR A 376 -7.05 -26.83 37.94
CA THR A 376 -6.90 -28.28 37.74
C THR A 376 -5.86 -28.64 36.68
N ALA A 377 -4.69 -29.09 37.12
CA ALA A 377 -3.60 -29.38 36.21
C ALA A 377 -2.78 -30.60 36.65
N LYS A 378 -2.94 -31.02 37.90
CA LYS A 378 -2.06 -32.04 38.48
C LYS A 378 -2.15 -33.37 37.72
N THR A 379 -3.37 -33.77 37.39
CA THR A 379 -3.60 -35.02 36.66
C THR A 379 -3.00 -34.97 35.25
N GLU A 380 -2.50 -33.81 34.83
CA GLU A 380 -1.94 -33.63 33.49
C GLU A 380 -0.49 -33.20 33.57
N GLU A 381 0.10 -33.35 34.75
CA GLU A 381 1.46 -32.93 34.99
C GLU A 381 2.40 -33.38 33.87
N GLU A 382 2.30 -34.66 33.51
CA GLU A 382 3.19 -35.23 32.50
C GLU A 382 2.96 -34.63 31.13
N GLU A 383 1.69 -34.43 30.81
CA GLU A 383 1.29 -33.86 29.53
C GLU A 383 1.86 -32.46 29.31
N PHE A 384 1.80 -31.61 30.34
CA PHE A 384 2.36 -30.27 30.27
C PHE A 384 3.90 -30.29 30.14
N ARG A 385 4.53 -31.24 30.82
CA ARG A 385 5.96 -31.37 30.73
C ARG A 385 6.37 -31.85 29.33
N ASN A 386 5.78 -32.96 28.89
CA ASN A 386 6.12 -33.52 27.58
C ASN A 386 5.86 -32.56 26.41
N ILE A 387 4.63 -32.05 26.31
CA ILE A 387 4.25 -31.21 25.17
C ILE A 387 4.81 -29.80 25.21
N TYR A 388 4.80 -29.18 26.39
CA TYR A 388 5.15 -27.76 26.52
C TYR A 388 6.40 -27.53 27.34
N ASN A 389 6.96 -28.60 27.89
CA ASN A 389 8.09 -28.47 28.78
C ASN A 389 7.79 -27.43 29.86
N MET A 390 6.67 -27.60 30.55
CA MET A 390 6.26 -26.69 31.61
C MET A 390 5.98 -27.50 32.87
N GLN A 391 6.45 -26.99 34.00
CA GLN A 391 6.16 -27.61 35.29
C GLN A 391 4.83 -27.15 35.83
N VAL A 392 4.13 -28.08 36.47
CA VAL A 392 2.94 -27.77 37.21
C VAL A 392 3.36 -27.50 38.66
N VAL A 393 3.27 -26.23 39.06
CA VAL A 393 3.56 -25.83 40.42
C VAL A 393 2.25 -25.73 41.17
N THR A 394 2.03 -26.61 42.13
CA THR A 394 0.78 -26.58 42.87
C THR A 394 0.88 -25.64 44.06
N ILE A 395 0.05 -24.61 44.06
CA ILE A 395 0.13 -23.58 45.08
C ILE A 395 -0.87 -23.88 46.19
N PRO A 396 -0.41 -23.80 47.45
CA PRO A 396 -1.28 -24.03 48.58
C PRO A 396 -2.43 -23.03 48.57
N THR A 397 -3.56 -23.43 49.12
CA THR A 397 -4.67 -22.53 49.31
C THR A 397 -4.33 -21.53 50.43
N ASN A 398 -5.03 -20.39 50.42
CA ASN A 398 -4.85 -19.38 51.42
C ASN A 398 -5.43 -19.84 52.75
N ARG A 399 -6.54 -20.55 52.66
CA ARG A 399 -7.20 -21.08 53.85
C ARG A 399 -7.34 -22.60 53.69
N PRO A 400 -7.30 -23.34 54.80
CA PRO A 400 -7.51 -24.78 54.71
C PRO A 400 -8.80 -25.14 53.97
N VAL A 401 -8.77 -26.23 53.19
CA VAL A 401 -9.96 -26.69 52.50
C VAL A 401 -10.75 -27.63 53.41
N VAL A 402 -11.94 -27.21 53.83
CA VAL A 402 -12.78 -28.05 54.69
C VAL A 402 -13.94 -28.70 53.94
N ARG A 403 -14.12 -28.35 52.67
CA ARG A 403 -15.16 -28.95 51.86
C ARG A 403 -15.15 -30.47 52.00
N ASP A 404 -16.32 -31.05 52.20
CA ASP A 404 -16.46 -32.50 52.36
C ASP A 404 -16.71 -33.20 51.02
N ASP A 405 -15.71 -33.93 50.53
CA ASP A 405 -15.81 -34.63 49.25
C ASP A 405 -16.12 -36.10 49.47
N ARG A 406 -17.36 -36.48 49.20
CA ARG A 406 -17.84 -37.81 49.56
C ARG A 406 -17.58 -38.82 48.48
N PRO A 407 -17.38 -40.08 48.88
CA PRO A 407 -17.26 -41.16 47.91
C PRO A 407 -18.49 -41.25 47.04
N ASP A 408 -18.30 -41.71 45.81
CA ASP A 408 -19.38 -41.77 44.84
C ASP A 408 -20.53 -42.67 45.27
N LEU A 409 -21.74 -42.36 44.79
CA LEU A 409 -22.87 -43.25 45.00
C LEU A 409 -23.12 -43.95 43.69
N ILE A 410 -23.33 -45.26 43.76
CA ILE A 410 -23.56 -46.06 42.56
C ILE A 410 -24.96 -46.69 42.53
N TYR A 411 -25.66 -46.49 41.42
CA TYR A 411 -27.04 -46.96 41.28
C TYR A 411 -27.09 -47.96 40.15
N ARG A 412 -28.19 -48.71 40.07
CA ARG A 412 -28.33 -49.76 39.06
C ARG A 412 -28.78 -49.17 37.71
N THR A 413 -29.67 -48.18 37.74
CA THR A 413 -30.20 -47.57 36.51
C THR A 413 -30.09 -46.05 36.56
N MET A 414 -29.94 -45.44 35.38
CA MET A 414 -29.91 -43.97 35.28
C MET A 414 -31.20 -43.39 35.85
N GLU A 415 -32.31 -44.01 35.48
CA GLU A 415 -33.61 -43.62 35.99
C GLU A 415 -33.54 -43.48 37.51
N GLY A 416 -33.05 -44.54 38.16
CA GLY A 416 -32.84 -44.55 39.61
C GLY A 416 -31.90 -43.45 40.10
N LYS A 417 -30.80 -43.26 39.39
CA LYS A 417 -29.79 -42.25 39.74
C LYS A 417 -30.39 -40.83 39.74
N PHE A 418 -31.13 -40.51 38.69
CA PHE A 418 -31.68 -39.19 38.54
C PHE A 418 -32.74 -38.89 39.59
N LYS A 419 -33.58 -39.88 39.86
CA LYS A 419 -34.52 -39.81 40.96
C LYS A 419 -33.81 -39.46 42.28
N ALA A 420 -32.71 -40.12 42.57
CA ALA A 420 -31.99 -39.84 43.82
C ALA A 420 -31.42 -38.43 43.80
N VAL A 421 -30.92 -38.00 42.65
CA VAL A 421 -30.40 -36.65 42.50
C VAL A 421 -31.47 -35.60 42.85
N ALA A 422 -32.67 -35.75 42.28
CA ALA A 422 -33.76 -34.81 42.56
C ALA A 422 -34.12 -34.76 44.04
N GLU A 423 -34.19 -35.94 44.66
CA GLU A 423 -34.54 -36.04 46.07
C GLU A 423 -33.48 -35.37 46.92
N ASP A 424 -32.22 -35.58 46.58
CA ASP A 424 -31.14 -34.90 47.28
C ASP A 424 -31.34 -33.39 47.17
N VAL A 425 -31.49 -32.90 45.93
CA VAL A 425 -31.69 -31.47 45.71
C VAL A 425 -32.89 -30.94 46.49
N ALA A 426 -34.01 -31.66 46.44
CA ALA A 426 -35.22 -31.20 47.15
C ALA A 426 -34.98 -31.10 48.65
N GLN A 427 -34.31 -32.09 49.23
CA GLN A 427 -33.99 -32.08 50.65
C GLN A 427 -33.14 -30.87 51.04
N ARG A 428 -32.08 -30.62 50.28
CA ARG A 428 -31.21 -29.49 50.58
C ARG A 428 -31.92 -28.15 50.34
N TYR A 429 -32.84 -28.14 49.39
CA TYR A 429 -33.63 -26.95 49.14
C TYR A 429 -34.53 -26.61 50.33
N MET A 430 -35.23 -27.62 50.86
CA MET A 430 -36.14 -27.41 52.00
C MET A 430 -35.41 -26.80 53.19
N THR A 431 -34.11 -27.07 53.31
CA THR A 431 -33.32 -26.52 54.40
C THR A 431 -32.80 -25.12 54.10
N GLY A 432 -32.95 -24.67 52.85
CA GLY A 432 -32.39 -23.40 52.42
C GLY A 432 -30.96 -23.44 51.87
N GLN A 433 -30.29 -24.59 51.98
CA GLN A 433 -28.89 -24.68 51.53
C GLN A 433 -28.81 -24.68 50.00
N PRO A 434 -27.98 -23.78 49.44
CA PRO A 434 -27.86 -23.62 47.99
C PRO A 434 -27.26 -24.85 47.35
N VAL A 435 -27.72 -25.16 46.14
CA VAL A 435 -27.32 -26.40 45.47
C VAL A 435 -26.89 -26.14 44.04
N LEU A 436 -25.72 -26.63 43.67
CA LEU A 436 -25.27 -26.53 42.28
C LEU A 436 -25.21 -27.93 41.68
N VAL A 437 -26.01 -28.17 40.63
CA VAL A 437 -26.04 -29.46 39.96
C VAL A 437 -25.32 -29.38 38.63
N GLY A 438 -24.30 -30.23 38.46
CA GLY A 438 -23.50 -30.27 37.23
C GLY A 438 -23.82 -31.47 36.37
N THR A 439 -24.06 -31.27 35.09
CA THR A 439 -24.33 -32.38 34.18
C THR A 439 -23.37 -32.36 33.01
N VAL A 440 -23.35 -33.43 32.26
CA VAL A 440 -22.44 -33.52 31.12
C VAL A 440 -23.12 -33.21 29.78
N ALA A 441 -24.46 -33.15 29.77
CA ALA A 441 -25.22 -32.94 28.53
C ALA A 441 -26.51 -32.15 28.75
N VAL A 442 -26.92 -31.37 27.75
CA VAL A 442 -28.17 -30.60 27.85
C VAL A 442 -29.38 -31.48 28.12
N GLU A 443 -29.45 -32.63 27.45
CA GLU A 443 -30.58 -33.55 27.62
C GLU A 443 -30.74 -34.00 29.08
N THR A 444 -29.62 -34.22 29.76
CA THR A 444 -29.62 -34.54 31.18
C THR A 444 -30.10 -33.34 32.01
N SER A 445 -29.60 -32.15 31.66
CA SER A 445 -30.05 -30.94 32.32
C SER A 445 -31.55 -30.77 32.25
N GLU A 446 -32.14 -30.99 31.07
CA GLU A 446 -33.59 -30.85 30.91
C GLU A 446 -34.30 -31.89 31.76
N LEU A 447 -33.76 -33.10 31.74
CA LEU A 447 -34.30 -34.21 32.48
C LEU A 447 -34.39 -33.90 33.98
N ILE A 448 -33.30 -33.40 34.56
CA ILE A 448 -33.27 -33.08 35.98
C ILE A 448 -34.22 -31.92 36.26
N SER A 449 -34.13 -30.90 35.43
CA SER A 449 -35.00 -29.74 35.59
C SER A 449 -36.46 -30.16 35.67
N LYS A 450 -36.87 -31.05 34.77
CA LYS A 450 -38.22 -31.53 34.72
C LYS A 450 -38.60 -32.20 36.05
N LEU A 451 -37.72 -33.07 36.52
CA LEU A 451 -37.96 -33.74 37.80
C LEU A 451 -38.18 -32.72 38.91
N LEU A 452 -37.43 -31.62 38.86
CA LEU A 452 -37.54 -30.60 39.90
C LEU A 452 -38.84 -29.81 39.79
N LYS A 453 -39.32 -29.59 38.56
CA LYS A 453 -40.63 -28.93 38.36
C LYS A 453 -41.74 -29.74 38.99
N ASN A 454 -41.68 -31.07 38.86
CA ASN A 454 -42.68 -31.95 39.48
C ASN A 454 -42.67 -31.85 40.99
N LYS A 455 -41.51 -31.66 41.59
CA LYS A 455 -41.43 -31.49 43.04
C LYS A 455 -41.76 -30.05 43.47
N GLY A 456 -41.91 -29.15 42.50
CA GLY A 456 -42.24 -27.78 42.79
C GLY A 456 -41.06 -26.97 43.26
N ILE A 457 -39.87 -27.31 42.78
CA ILE A 457 -38.63 -26.66 43.24
C ILE A 457 -38.09 -25.66 42.22
N PRO A 458 -38.04 -24.37 42.62
CA PRO A 458 -37.59 -23.32 41.71
C PRO A 458 -36.09 -23.42 41.47
N HIS A 459 -35.66 -23.24 40.24
CA HIS A 459 -34.27 -23.43 39.87
C HIS A 459 -33.97 -22.78 38.52
N GLN A 460 -32.71 -22.52 38.26
CA GLN A 460 -32.31 -22.00 36.96
C GLN A 460 -31.44 -22.97 36.17
N VAL A 461 -31.57 -22.90 34.85
CA VAL A 461 -30.77 -23.73 33.95
C VAL A 461 -29.86 -22.88 33.10
N LEU A 462 -28.62 -23.34 32.99
CA LEU A 462 -27.56 -22.68 32.24
C LEU A 462 -27.03 -23.62 31.17
N ASN A 463 -27.47 -23.42 29.93
CA ASN A 463 -27.05 -24.34 28.86
C ASN A 463 -25.80 -23.91 28.07
N ALA A 464 -24.87 -23.25 28.75
CA ALA A 464 -23.59 -22.81 28.17
C ALA A 464 -23.67 -21.90 26.92
N LYS A 465 -24.77 -21.14 26.81
CA LYS A 465 -24.98 -20.27 25.66
C LYS A 465 -24.57 -18.82 25.94
N ASN A 466 -25.43 -18.07 26.62
CA ASN A 466 -25.18 -16.65 26.90
C ASN A 466 -24.26 -16.42 28.10
N HIS A 467 -22.97 -16.28 27.84
CA HIS A 467 -21.98 -16.15 28.92
C HIS A 467 -22.34 -15.03 29.90
N GLU A 468 -22.79 -13.91 29.36
CA GLU A 468 -23.14 -12.77 30.19
C GLU A 468 -24.29 -13.08 31.14
N ARG A 469 -25.35 -13.72 30.64
CA ARG A 469 -26.47 -14.11 31.48
C ARG A 469 -26.03 -15.15 32.49
N GLU A 470 -25.24 -16.12 32.03
CA GLU A 470 -24.75 -17.19 32.88
C GLU A 470 -24.06 -16.68 34.13
N ALA A 471 -23.17 -15.71 33.95
CA ALA A 471 -22.40 -15.18 35.07
C ALA A 471 -23.29 -14.47 36.10
N GLN A 472 -24.35 -13.81 35.64
CA GLN A 472 -25.28 -13.13 36.53
C GLN A 472 -26.01 -14.13 37.43
N ILE A 473 -26.50 -15.21 36.84
CA ILE A 473 -27.13 -16.28 37.60
C ILE A 473 -26.17 -16.91 38.60
N ILE A 474 -25.01 -17.32 38.11
CA ILE A 474 -23.97 -17.96 38.93
C ILE A 474 -23.53 -17.06 40.08
N GLU A 475 -23.46 -15.77 39.85
CA GLU A 475 -23.13 -14.84 40.91
C GLU A 475 -24.04 -15.06 42.12
N GLU A 476 -25.30 -15.42 41.84
CA GLU A 476 -26.32 -15.55 42.88
C GLU A 476 -26.52 -16.97 43.39
N ALA A 477 -25.72 -17.91 42.89
CA ALA A 477 -25.97 -19.32 43.15
C ALA A 477 -25.60 -19.82 44.56
N GLY A 478 -25.04 -18.93 45.40
CA GLY A 478 -24.72 -19.30 46.77
C GLY A 478 -25.60 -18.62 47.79
N GLN A 479 -26.73 -18.10 47.33
CA GLN A 479 -27.74 -17.49 48.21
C GLN A 479 -28.70 -18.54 48.74
N LYS A 480 -29.32 -18.24 49.88
CA LYS A 480 -30.27 -19.16 50.48
C LYS A 480 -31.38 -19.50 49.47
N GLY A 481 -31.65 -20.78 49.29
CA GLY A 481 -32.73 -21.22 48.41
C GLY A 481 -32.35 -21.32 46.94
N ALA A 482 -31.09 -21.04 46.63
CA ALA A 482 -30.65 -21.09 45.24
C ALA A 482 -30.52 -22.53 44.74
N VAL A 483 -31.02 -22.78 43.54
CA VAL A 483 -30.79 -24.06 42.89
C VAL A 483 -30.43 -23.79 41.43
N THR A 484 -29.24 -24.24 41.04
CA THR A 484 -28.75 -23.98 39.70
C THR A 484 -28.31 -25.27 39.01
N ILE A 485 -28.77 -25.47 37.78
CA ILE A 485 -28.33 -26.59 36.96
C ILE A 485 -27.38 -26.10 35.86
N ALA A 486 -26.14 -26.58 35.89
CA ALA A 486 -25.10 -26.11 34.97
C ALA A 486 -24.53 -27.26 34.13
N THR A 487 -24.76 -27.17 32.83
CA THR A 487 -24.30 -28.14 31.86
C THR A 487 -22.88 -27.80 31.47
N ASN A 488 -21.96 -28.74 31.69
CA ASN A 488 -20.58 -28.61 31.21
C ASN A 488 -19.91 -27.31 31.59
N MET A 489 -19.72 -27.12 32.89
CA MET A 489 -18.97 -25.97 33.35
C MET A 489 -19.49 -24.65 32.80
N ALA A 490 -20.79 -24.59 32.52
CA ALA A 490 -21.43 -23.32 32.22
C ALA A 490 -21.07 -22.32 33.31
N GLY A 491 -20.94 -21.05 32.93
CA GLY A 491 -20.60 -20.01 33.88
C GLY A 491 -19.26 -20.18 34.57
N ARG A 492 -18.29 -20.76 33.85
CA ARG A 492 -16.97 -20.93 34.46
C ARG A 492 -16.26 -19.59 34.54
N GLY A 493 -15.64 -19.33 35.68
CA GLY A 493 -14.83 -18.13 35.87
C GLY A 493 -15.52 -17.10 36.73
N THR A 494 -16.74 -17.42 37.16
CA THR A 494 -17.46 -16.58 38.09
C THR A 494 -17.51 -17.26 39.44
N ASP A 495 -16.88 -16.62 40.43
CA ASP A 495 -16.87 -17.12 41.80
C ASP A 495 -18.29 -17.13 42.35
N ILE A 496 -18.60 -18.14 43.14
CA ILE A 496 -19.88 -18.25 43.81
C ILE A 496 -19.69 -17.95 45.28
N LYS A 497 -20.20 -16.82 45.75
CA LYS A 497 -20.05 -16.47 47.15
C LYS A 497 -21.29 -16.90 47.96
N LEU A 498 -21.06 -17.23 49.22
CA LEU A 498 -22.16 -17.58 50.12
C LEU A 498 -22.83 -16.33 50.66
N GLY A 499 -24.17 -16.30 50.62
CA GLY A 499 -24.93 -15.21 51.22
C GLY A 499 -25.08 -15.36 52.73
N GLU A 500 -25.80 -14.41 53.34
CA GLU A 500 -25.96 -14.36 54.79
C GLU A 500 -26.61 -15.63 55.35
N GLY A 501 -25.96 -16.22 56.35
CA GLY A 501 -26.50 -17.42 57.00
C GLY A 501 -26.30 -18.73 56.25
N VAL A 502 -25.61 -18.67 55.11
CA VAL A 502 -25.39 -19.86 54.29
C VAL A 502 -24.23 -20.71 54.84
N LYS A 503 -23.18 -20.05 55.32
CA LYS A 503 -22.14 -20.72 56.10
C LYS A 503 -22.75 -21.67 57.12
N GLU A 504 -23.69 -21.14 57.89
CA GLU A 504 -24.38 -21.89 58.94
C GLU A 504 -25.13 -23.09 58.38
N LEU A 505 -25.51 -23.00 57.10
CA LEU A 505 -26.27 -24.09 56.47
C LEU A 505 -25.40 -25.17 55.84
N GLY A 506 -24.08 -25.00 55.90
CA GLY A 506 -23.16 -26.00 55.38
C GLY A 506 -22.51 -25.60 54.07
N GLY A 507 -22.84 -24.41 53.58
CA GLY A 507 -22.21 -23.91 52.35
C GLY A 507 -22.82 -24.50 51.10
N LEU A 508 -22.13 -24.34 49.98
CA LEU A 508 -22.64 -24.82 48.69
C LEU A 508 -22.58 -26.33 48.55
N ALA A 509 -23.70 -26.94 48.19
CA ALA A 509 -23.72 -28.36 47.90
C ALA A 509 -23.64 -28.55 46.40
N VAL A 510 -22.68 -29.36 45.97
CA VAL A 510 -22.48 -29.63 44.57
C VAL A 510 -22.82 -31.08 44.31
N VAL A 511 -23.77 -31.30 43.40
CA VAL A 511 -24.16 -32.62 42.97
C VAL A 511 -23.77 -32.82 41.52
N GLY A 512 -22.95 -33.83 41.26
CA GLY A 512 -22.60 -34.20 39.89
C GLY A 512 -23.42 -35.41 39.49
N THR A 513 -24.03 -35.33 38.31
CA THR A 513 -24.98 -36.35 37.87
C THR A 513 -24.31 -37.46 37.07
N GLU A 514 -23.02 -37.26 36.78
CA GLU A 514 -22.21 -38.30 36.17
C GLU A 514 -20.77 -37.85 36.24
N ARG A 515 -19.86 -38.73 35.86
CA ARG A 515 -18.46 -38.34 35.77
C ARG A 515 -18.05 -38.32 34.30
N HIS A 516 -17.17 -37.38 33.96
CA HIS A 516 -16.62 -37.30 32.62
C HIS A 516 -15.58 -38.39 32.49
N GLU A 517 -15.18 -38.65 31.26
CA GLU A 517 -14.06 -39.53 30.98
C GLU A 517 -12.81 -39.05 31.73
N SER A 518 -12.67 -37.74 31.90
CA SER A 518 -11.49 -37.18 32.55
C SER A 518 -11.80 -36.60 33.94
N ARG A 519 -10.99 -36.98 34.93
CA ARG A 519 -11.26 -36.66 36.33
C ARG A 519 -11.10 -35.19 36.52
N ARG A 520 -10.25 -34.60 35.70
CA ARG A 520 -9.96 -33.18 35.76
C ARG A 520 -11.24 -32.37 35.59
N ILE A 521 -12.06 -32.73 34.61
CA ILE A 521 -13.30 -32.01 34.36
C ILE A 521 -14.22 -32.16 35.58
N ASP A 522 -14.26 -33.34 36.18
CA ASP A 522 -15.01 -33.57 37.41
C ASP A 522 -14.54 -32.65 38.54
N ASN A 523 -13.23 -32.51 38.68
CA ASN A 523 -12.66 -31.66 39.73
C ASN A 523 -13.01 -30.18 39.56
N GLN A 524 -13.23 -29.75 38.32
CA GLN A 524 -13.62 -28.36 38.10
C GLN A 524 -14.98 -28.09 38.71
N LEU A 525 -15.88 -29.05 38.60
CA LEU A 525 -17.21 -28.90 39.16
C LEU A 525 -17.08 -28.96 40.67
N ARG A 526 -16.30 -29.92 41.15
CA ARG A 526 -16.10 -30.10 42.58
C ARG A 526 -15.58 -28.83 43.24
N GLY A 527 -14.62 -28.17 42.58
CA GLY A 527 -13.97 -26.99 43.15
C GLY A 527 -14.84 -25.75 43.25
N ARG A 528 -16.05 -25.81 42.72
CA ARG A 528 -16.91 -24.63 42.76
C ARG A 528 -17.49 -24.40 44.15
N SER A 529 -17.43 -25.44 44.98
CA SER A 529 -17.84 -25.34 46.38
C SER A 529 -16.59 -25.23 47.23
N GLY A 530 -16.74 -24.75 48.46
CA GLY A 530 -15.67 -24.74 49.44
C GLY A 530 -14.54 -23.79 49.11
N ARG A 531 -14.88 -22.62 48.58
CA ARG A 531 -13.88 -21.62 48.24
C ARG A 531 -13.44 -20.85 49.49
N GLN A 532 -12.22 -20.33 49.47
CA GLN A 532 -11.68 -19.52 50.57
C GLN A 532 -12.04 -20.02 51.98
N GLY A 533 -11.91 -21.31 52.20
CA GLY A 533 -12.10 -21.89 53.52
C GLY A 533 -13.56 -22.18 53.86
N ASP A 534 -14.48 -21.77 53.00
CA ASP A 534 -15.90 -21.99 53.26
C ASP A 534 -16.20 -23.46 53.50
N PRO A 535 -17.20 -23.75 54.33
CA PRO A 535 -17.64 -25.13 54.42
C PRO A 535 -18.37 -25.46 53.12
N GLY A 536 -18.54 -26.75 52.83
CA GLY A 536 -19.25 -27.16 51.63
C GLY A 536 -19.23 -28.66 51.47
N ILE A 537 -20.06 -29.16 50.56
CA ILE A 537 -20.15 -30.60 50.32
C ILE A 537 -20.28 -30.92 48.83
N THR A 538 -19.58 -31.96 48.39
CA THR A 538 -19.72 -32.44 47.02
C THR A 538 -20.03 -33.94 46.97
N GLN A 539 -20.85 -34.32 46.01
CA GLN A 539 -21.33 -35.69 45.91
C GLN A 539 -21.56 -36.02 44.45
N PHE A 540 -20.91 -37.08 43.95
CA PHE A 540 -21.15 -37.50 42.57
C PHE A 540 -22.03 -38.74 42.53
N TYR A 541 -22.85 -38.85 41.49
CA TYR A 541 -23.76 -39.98 41.32
C TYR A 541 -23.39 -40.71 40.04
N LEU A 542 -23.51 -42.04 40.05
CA LEU A 542 -23.23 -42.83 38.86
C LEU A 542 -24.18 -44.00 38.83
N SER A 543 -24.30 -44.65 37.68
CA SER A 543 -25.11 -45.85 37.58
C SER A 543 -24.47 -46.85 36.65
N MET A 544 -24.79 -48.12 36.82
CA MET A 544 -24.34 -49.19 35.96
C MET A 544 -24.57 -48.85 34.48
N GLU A 545 -25.66 -48.13 34.21
CA GLU A 545 -26.02 -47.84 32.83
C GLU A 545 -25.27 -46.65 32.24
N ASP A 546 -24.48 -45.96 33.07
CA ASP A 546 -23.74 -44.80 32.62
C ASP A 546 -22.72 -45.18 31.53
N GLU A 547 -22.44 -44.21 30.67
CA GLU A 547 -21.52 -44.40 29.56
C GLU A 547 -20.11 -44.69 30.06
N LEU A 548 -19.68 -43.95 31.08
CA LEU A 548 -18.37 -44.17 31.68
C LEU A 548 -18.26 -45.56 32.29
N MET A 549 -19.39 -46.08 32.77
CA MET A 549 -19.42 -47.37 33.43
C MET A 549 -19.43 -48.51 32.42
N ARG A 550 -19.23 -48.16 31.15
CA ARG A 550 -19.05 -49.15 30.12
C ARG A 550 -17.65 -49.02 29.56
N ARG A 551 -16.72 -49.64 30.28
CA ARG A 551 -15.31 -49.58 29.98
C ARG A 551 -14.74 -50.90 30.42
N PHE A 552 -13.45 -51.15 30.14
CA PHE A 552 -12.88 -52.45 30.47
C PHE A 552 -12.97 -52.76 31.98
N GLY A 553 -12.17 -52.05 32.77
CA GLY A 553 -12.08 -52.31 34.21
C GLY A 553 -13.22 -51.72 35.00
N ALA A 554 -14.01 -50.86 34.35
CA ALA A 554 -15.18 -50.28 34.99
C ALA A 554 -16.35 -51.25 34.97
N GLU A 555 -16.61 -51.85 33.81
CA GLU A 555 -17.78 -52.71 33.65
C GLU A 555 -17.70 -53.99 34.46
N ARG A 556 -16.49 -54.49 34.69
CA ARG A 556 -16.29 -55.71 35.49
C ARG A 556 -16.83 -55.54 36.92
N THR A 557 -16.41 -54.45 37.57
CA THR A 557 -16.89 -54.12 38.91
C THR A 557 -18.42 -54.09 38.94
N MET A 558 -19.03 -53.37 38.00
CA MET A 558 -20.50 -53.27 37.93
C MET A 558 -21.14 -54.65 37.69
N ALA A 559 -20.50 -55.48 36.90
CA ALA A 559 -21.02 -56.80 36.59
C ALA A 559 -21.12 -57.61 37.86
N MET A 560 -20.12 -57.45 38.74
CA MET A 560 -20.10 -58.19 39.99
C MET A 560 -21.17 -57.68 40.96
N LEU A 561 -21.28 -56.36 41.06
CA LEU A 561 -22.30 -55.75 41.92
C LEU A 561 -23.68 -56.19 41.45
N ASP A 562 -23.79 -56.44 40.16
CA ASP A 562 -25.02 -56.95 39.57
C ASP A 562 -25.34 -58.28 40.19
N ARG A 563 -24.36 -59.19 40.16
CA ARG A 563 -24.56 -60.54 40.69
C ARG A 563 -24.78 -60.55 42.20
N PHE A 564 -24.12 -59.62 42.90
CA PHE A 564 -24.32 -59.45 44.35
C PHE A 564 -25.78 -59.23 44.75
N GLY A 565 -26.51 -58.44 43.96
CA GLY A 565 -27.93 -58.20 44.24
C GLY A 565 -28.25 -56.75 44.54
N MET A 566 -27.38 -55.87 44.07
CA MET A 566 -27.51 -54.44 44.27
C MET A 566 -28.79 -53.88 43.64
N ASP A 567 -29.41 -52.91 44.32
CA ASP A 567 -30.66 -52.31 43.86
C ASP A 567 -30.62 -50.79 43.73
N ASP A 568 -31.54 -50.23 42.96
CA ASP A 568 -31.70 -48.77 42.93
C ASP A 568 -32.07 -48.26 44.32
N SER A 569 -32.65 -49.11 45.14
CA SER A 569 -33.02 -48.77 46.51
C SER A 569 -31.91 -49.14 47.50
N THR A 570 -30.83 -49.71 47.00
CA THR A 570 -29.66 -49.97 47.83
C THR A 570 -28.37 -49.54 47.12
N PRO A 571 -28.23 -48.24 46.83
CA PRO A 571 -27.04 -47.69 46.17
C PRO A 571 -25.76 -48.05 46.92
N ILE A 572 -24.70 -48.29 46.17
CA ILE A 572 -23.42 -48.61 46.76
C ILE A 572 -22.64 -47.34 47.02
N GLN A 573 -22.05 -47.25 48.20
CA GLN A 573 -21.16 -46.15 48.51
C GLN A 573 -19.97 -46.70 49.29
N SER A 574 -18.94 -47.09 48.58
CA SER A 574 -17.71 -47.57 49.20
C SER A 574 -16.44 -46.90 48.67
N LYS A 575 -15.49 -46.73 49.57
CA LYS A 575 -14.16 -46.27 49.22
C LYS A 575 -13.51 -47.13 48.13
N MET A 576 -13.67 -48.44 48.21
CA MET A 576 -13.12 -49.34 47.19
C MET A 576 -13.68 -49.07 45.80
N VAL A 577 -15.00 -48.99 45.71
CA VAL A 577 -15.62 -48.81 44.41
C VAL A 577 -15.33 -47.42 43.86
N SER A 578 -15.35 -46.42 44.72
CA SER A 578 -15.09 -45.07 44.28
C SER A 578 -13.67 -45.01 43.74
N ARG A 579 -12.74 -45.66 44.42
CA ARG A 579 -11.35 -45.74 43.95
C ARG A 579 -11.24 -46.49 42.63
N ALA A 580 -12.04 -47.55 42.47
CA ALA A 580 -12.07 -48.27 41.20
C ALA A 580 -12.41 -47.31 40.06
N VAL A 581 -13.35 -46.40 40.32
CA VAL A 581 -13.75 -45.41 39.32
C VAL A 581 -12.61 -44.43 39.04
N GLU A 582 -12.03 -43.85 40.09
CA GLU A 582 -10.88 -42.99 39.89
C GLU A 582 -9.76 -43.69 39.09
N SER A 583 -9.40 -44.92 39.49
CA SER A 583 -8.33 -45.65 38.81
C SER A 583 -8.63 -45.91 37.34
N SER A 584 -9.88 -46.24 37.05
CA SER A 584 -10.27 -46.49 35.69
C SER A 584 -10.15 -45.20 34.85
N GLN A 585 -10.35 -44.04 35.49
CA GLN A 585 -10.19 -42.75 34.83
C GLN A 585 -8.71 -42.44 34.62
N LYS A 586 -7.86 -42.84 35.56
CA LYS A 586 -6.42 -42.65 35.38
C LYS A 586 -5.91 -43.47 34.20
N ARG A 587 -6.41 -44.69 34.08
CA ARG A 587 -6.04 -45.60 33.01
C ARG A 587 -6.43 -45.05 31.65
N VAL A 588 -7.67 -44.56 31.55
CA VAL A 588 -8.16 -43.96 30.32
C VAL A 588 -7.42 -42.67 29.98
N GLU A 589 -7.10 -41.88 31.00
CA GLU A 589 -6.36 -40.66 30.76
C GLU A 589 -5.04 -41.03 30.13
N GLY A 590 -4.44 -42.11 30.65
CA GLY A 590 -3.14 -42.58 30.21
C GLY A 590 -3.18 -43.03 28.77
N ASN A 591 -4.24 -43.71 28.39
CA ASN A 591 -4.44 -44.08 26.98
C ASN A 591 -4.55 -42.83 26.12
N ASN A 592 -5.36 -41.87 26.56
CA ASN A 592 -5.56 -40.65 25.79
C ASN A 592 -4.24 -39.90 25.62
N PHE A 593 -3.46 -39.83 26.70
CA PHE A 593 -2.17 -39.16 26.65
C PHE A 593 -1.18 -39.82 25.67
N ASP A 594 -1.16 -41.16 25.65
CA ASP A 594 -0.38 -41.90 24.66
C ASP A 594 -0.79 -41.62 23.20
N SER A 595 -2.09 -41.58 22.95
CA SER A 595 -2.59 -41.24 21.61
C SER A 595 -2.23 -39.81 21.26
N ARG A 596 -2.45 -38.89 22.19
CA ARG A 596 -2.11 -37.50 21.93
C ARG A 596 -0.63 -37.37 21.56
N LYS A 597 0.23 -38.09 22.28
CA LYS A 597 1.68 -38.09 22.01
C LYS A 597 1.98 -38.50 20.58
N GLN A 598 1.31 -39.53 20.11
CA GLN A 598 1.54 -40.04 18.76
C GLN A 598 0.96 -39.12 17.72
N LEU A 599 -0.20 -38.53 18.01
CA LEU A 599 -0.79 -37.61 17.07
C LEU A 599 0.06 -36.36 16.90
N LEU A 600 0.72 -35.97 17.99
CA LEU A 600 1.54 -34.76 17.99
C LEU A 600 2.72 -34.88 17.01
N GLN A 601 3.37 -36.04 17.02
CA GLN A 601 4.49 -36.28 16.13
C GLN A 601 4.07 -36.17 14.66
N TYR A 602 2.91 -36.71 14.33
CA TYR A 602 2.32 -36.52 13.02
C TYR A 602 2.06 -35.03 12.75
N ASP A 603 1.45 -34.34 13.71
CA ASP A 603 1.17 -32.88 13.54
C ASP A 603 2.42 -32.06 13.24
N ASP A 604 3.56 -32.52 13.72
CA ASP A 604 4.79 -31.77 13.63
C ASP A 604 5.33 -31.66 12.22
N VAL A 605 4.99 -32.63 11.37
CA VAL A 605 5.46 -32.58 10.00
C VAL A 605 4.88 -31.36 9.30
N LEU A 606 3.56 -31.15 9.41
CA LEU A 606 2.94 -29.99 8.75
C LEU A 606 3.32 -28.70 9.47
N ARG A 607 3.52 -28.81 10.78
CA ARG A 607 3.85 -27.65 11.59
C ARG A 607 5.15 -27.03 11.11
N GLN A 608 6.16 -27.88 10.88
CA GLN A 608 7.47 -27.40 10.46
C GLN A 608 7.46 -26.87 9.04
N GLN A 609 6.66 -27.49 8.18
CA GLN A 609 6.49 -27.02 6.82
C GLN A 609 5.84 -25.62 6.81
N ARG A 610 4.85 -25.40 7.67
CA ARG A 610 4.20 -24.11 7.76
C ARG A 610 5.20 -23.02 8.15
N GLU A 611 6.08 -23.37 9.08
CA GLU A 611 7.03 -22.39 9.56
C GLU A 611 8.02 -22.00 8.48
N VAL A 612 8.44 -22.97 7.69
CA VAL A 612 9.37 -22.68 6.61
C VAL A 612 8.71 -21.84 5.52
N ILE A 613 7.46 -22.14 5.20
CA ILE A 613 6.83 -21.42 4.12
C ILE A 613 6.37 -20.02 4.57
N TYR A 614 5.96 -19.88 5.83
CA TYR A 614 5.59 -18.56 6.35
C TYR A 614 6.80 -17.61 6.44
N LYS A 615 7.95 -18.13 6.81
CA LYS A 615 9.16 -17.34 6.85
C LYS A 615 9.55 -16.89 5.44
N GLN A 616 9.39 -17.78 4.47
CA GLN A 616 9.74 -17.48 3.10
C GLN A 616 8.77 -16.46 2.52
N ARG A 617 7.48 -16.58 2.85
CA ARG A 617 6.46 -15.65 2.40
C ARG A 617 6.66 -14.26 3.01
N PHE A 618 7.05 -14.20 4.28
CA PHE A 618 7.32 -12.94 4.93
C PHE A 618 8.51 -12.26 4.26
N GLU A 619 9.56 -13.02 3.97
CA GLU A 619 10.70 -12.54 3.20
C GLU A 619 10.27 -11.79 1.95
N VAL A 620 9.22 -12.30 1.30
CA VAL A 620 8.74 -11.72 0.05
C VAL A 620 8.17 -10.32 0.27
N ILE A 621 7.29 -10.16 1.24
CA ILE A 621 6.64 -8.87 1.49
C ILE A 621 7.55 -7.91 2.25
N ASP A 622 8.58 -8.43 2.89
CA ASP A 622 9.53 -7.60 3.65
C ASP A 622 10.75 -7.27 2.81
N SER A 623 10.78 -7.75 1.57
CA SER A 623 12.00 -7.65 0.78
C SER A 623 12.20 -6.26 0.23
N GLU A 624 13.43 -5.75 0.41
CA GLU A 624 13.81 -4.47 -0.17
C GLU A 624 13.67 -4.54 -1.69
N ASN A 625 14.45 -5.43 -2.30
CA ASN A 625 14.31 -5.71 -3.73
C ASN A 625 14.02 -7.19 -3.95
N LEU A 626 12.95 -7.46 -4.68
CA LEU A 626 12.50 -8.82 -4.93
C LEU A 626 13.32 -9.54 -5.99
N ARG A 627 14.24 -8.82 -6.62
CA ARG A 627 14.98 -9.37 -7.74
C ARG A 627 15.75 -10.63 -7.36
N GLU A 628 16.48 -10.56 -6.25
CA GLU A 628 17.34 -11.66 -5.81
C GLU A 628 16.52 -12.91 -5.54
N ILE A 629 15.45 -12.75 -4.79
CA ILE A 629 14.58 -13.86 -4.48
C ILE A 629 14.04 -14.49 -5.77
N VAL A 630 13.53 -13.65 -6.68
CA VAL A 630 12.96 -14.15 -7.92
C VAL A 630 14.01 -14.77 -8.85
N GLU A 631 15.18 -14.13 -8.96
CA GLU A 631 16.25 -14.68 -9.78
C GLU A 631 16.66 -16.08 -9.33
N ASN A 632 16.84 -16.25 -8.03
CA ASN A 632 17.15 -17.57 -7.48
C ASN A 632 16.10 -18.62 -7.85
N MET A 633 14.84 -18.23 -7.77
CA MET A 633 13.76 -19.12 -8.16
C MET A 633 13.90 -19.51 -9.63
N ILE A 634 14.13 -18.50 -10.46
CA ILE A 634 14.30 -18.72 -11.89
C ILE A 634 15.48 -19.67 -12.18
N LYS A 635 16.64 -19.39 -11.60
CA LYS A 635 17.84 -20.19 -11.82
C LYS A 635 17.66 -21.61 -11.31
N SER A 636 17.18 -21.72 -10.07
CA SER A 636 16.92 -23.00 -9.44
C SER A 636 16.03 -23.88 -10.35
N SER A 637 15.07 -23.23 -11.00
CA SER A 637 14.14 -23.89 -11.91
C SER A 637 14.82 -24.26 -13.23
N LEU A 638 15.70 -23.38 -13.69
CA LEU A 638 16.43 -23.59 -14.93
C LEU A 638 17.39 -24.78 -14.79
N GLU A 639 17.99 -24.91 -13.61
CA GLU A 639 18.90 -26.02 -13.34
C GLU A 639 18.18 -27.36 -13.45
N ARG A 640 16.92 -27.40 -13.02
CA ARG A 640 16.14 -28.63 -13.11
C ARG A 640 15.79 -28.98 -14.56
N ALA A 641 15.64 -27.96 -15.39
CA ALA A 641 15.39 -28.18 -16.81
C ALA A 641 16.64 -28.76 -17.48
N ILE A 642 17.81 -28.24 -17.11
CA ILE A 642 19.09 -28.71 -17.64
C ILE A 642 19.35 -30.17 -17.28
N ALA A 643 19.23 -30.48 -15.98
CA ALA A 643 19.43 -31.83 -15.49
C ALA A 643 18.52 -32.83 -16.19
N ALA A 644 17.26 -32.46 -16.39
CA ALA A 644 16.29 -33.36 -17.02
C ALA A 644 16.68 -33.75 -18.45
N TYR A 645 17.61 -33.00 -19.03
CA TYR A 645 18.06 -33.27 -20.41
C TYR A 645 19.54 -33.62 -20.50
N THR A 646 20.22 -33.66 -19.36
CA THR A 646 21.65 -33.95 -19.33
C THR A 646 22.00 -35.12 -18.39
N PRO A 647 21.31 -36.26 -18.55
CA PRO A 647 21.39 -37.40 -17.61
C PRO A 647 22.82 -37.90 -17.34
N TRP A 655 22.92 -36.44 -29.08
CA TRP A 655 23.44 -37.13 -27.91
C TRP A 655 22.63 -36.89 -26.65
N LYS A 656 22.16 -35.67 -26.46
CA LYS A 656 21.36 -35.29 -25.32
C LYS A 656 19.95 -34.90 -25.71
N LEU A 657 19.61 -34.97 -26.98
CA LEU A 657 18.28 -34.60 -27.40
C LEU A 657 17.64 -33.26 -27.05
N ASP A 658 18.22 -32.12 -27.37
CA ASP A 658 17.59 -30.84 -27.02
C ASP A 658 16.59 -30.25 -28.00
N GLY A 659 15.31 -30.15 -27.64
CA GLY A 659 14.79 -30.59 -26.35
C GLY A 659 14.72 -29.49 -25.31
N LEU A 660 15.80 -29.39 -24.58
CA LEU A 660 15.96 -28.43 -23.54
C LEU A 660 15.91 -27.06 -24.15
N VAL A 661 16.55 -26.90 -25.29
CA VAL A 661 16.57 -25.61 -25.94
C VAL A 661 15.19 -25.15 -26.29
N ASP A 662 14.40 -26.03 -26.84
CA ASP A 662 13.06 -25.67 -27.21
C ASP A 662 12.22 -25.30 -26.03
N LEU A 663 12.42 -26.00 -24.94
CA LEU A 663 11.68 -25.76 -23.72
C LEU A 663 12.00 -24.42 -23.14
N ILE A 664 13.27 -24.08 -23.15
CA ILE A 664 13.74 -22.83 -22.63
C ILE A 664 13.14 -21.66 -23.33
N ASN A 665 12.93 -21.79 -24.60
CA ASN A 665 12.35 -20.68 -25.34
C ASN A 665 10.93 -20.36 -24.96
N THR A 666 10.17 -21.37 -24.56
CA THR A 666 8.80 -21.14 -24.19
C THR A 666 8.60 -20.93 -22.72
N THR A 667 9.64 -21.08 -21.95
CA THR A 667 9.53 -20.90 -20.52
C THR A 667 10.24 -19.70 -19.91
N TYR A 668 11.51 -19.51 -20.24
CA TYR A 668 12.21 -18.39 -19.69
C TYR A 668 12.46 -17.26 -20.68
N LEU A 669 12.55 -17.60 -21.96
CA LEU A 669 12.80 -16.64 -23.04
C LEU A 669 11.75 -16.56 -24.12
N ASP A 670 12.23 -16.18 -25.30
CA ASP A 670 11.40 -16.03 -26.49
C ASP A 670 11.70 -17.00 -27.64
N GLU A 671 10.73 -17.16 -28.53
CA GLU A 671 10.89 -18.05 -29.67
C GLU A 671 12.22 -17.79 -30.35
N GLY A 672 12.98 -18.86 -30.60
CA GLY A 672 14.23 -18.77 -31.34
C GLY A 672 15.31 -17.90 -30.74
N ALA A 673 15.18 -17.65 -29.45
CA ALA A 673 16.15 -16.84 -28.76
C ALA A 673 17.39 -17.66 -28.54
N LEU A 674 17.17 -18.86 -28.04
CA LEU A 674 18.26 -19.77 -27.78
C LEU A 674 18.45 -20.60 -29.00
N GLU A 675 19.63 -21.16 -29.16
CA GLU A 675 19.81 -21.95 -30.34
C GLU A 675 20.29 -23.37 -30.37
N LYS A 676 19.79 -24.02 -31.39
CA LYS A 676 20.06 -25.39 -31.71
C LYS A 676 21.55 -25.34 -32.00
N SER A 677 21.98 -24.20 -32.50
CA SER A 677 23.36 -23.95 -32.84
C SER A 677 24.23 -24.09 -31.64
N ASP A 678 23.68 -23.83 -30.49
CA ASP A 678 24.45 -23.94 -29.29
C ASP A 678 24.45 -25.37 -28.89
N ILE A 679 23.70 -26.15 -29.62
CA ILE A 679 23.55 -27.56 -29.40
C ILE A 679 24.65 -28.44 -29.97
N PHE A 680 25.83 -28.51 -29.36
CA PHE A 680 26.16 -27.80 -28.15
C PHE A 680 27.50 -28.21 -27.58
N GLY A 681 27.55 -29.42 -27.06
CA GLY A 681 28.75 -29.97 -26.46
C GLY A 681 29.36 -29.29 -25.26
N LYS A 682 28.56 -28.79 -24.34
CA LYS A 682 29.11 -28.12 -23.17
C LYS A 682 28.69 -28.73 -21.85
N GLU A 683 29.52 -28.48 -20.84
CA GLU A 683 29.24 -29.00 -19.53
C GLU A 683 27.95 -28.35 -19.12
N PRO A 684 27.10 -29.06 -18.43
CA PRO A 684 25.84 -28.48 -18.02
C PRO A 684 25.94 -27.25 -17.18
N ASP A 685 26.83 -27.17 -16.23
CA ASP A 685 26.83 -25.95 -15.48
C ASP A 685 27.17 -24.82 -16.41
N GLU A 686 27.97 -25.11 -17.40
CA GLU A 686 28.34 -24.09 -18.34
C GLU A 686 27.11 -23.57 -19.00
N MET A 687 26.18 -24.45 -19.36
CA MET A 687 24.97 -24.03 -20.00
C MET A 687 24.13 -23.15 -19.11
N LEU A 688 24.12 -23.46 -17.83
CA LEU A 688 23.35 -22.70 -16.88
C LEU A 688 23.79 -21.28 -16.80
N GLU A 689 25.09 -21.06 -16.76
CA GLU A 689 25.62 -19.73 -16.68
C GLU A 689 25.28 -18.95 -17.92
N LEU A 690 25.38 -19.61 -19.05
CA LEU A 690 25.08 -18.98 -20.30
C LEU A 690 23.63 -18.64 -20.51
N ILE A 691 22.78 -19.57 -20.16
CA ILE A 691 21.34 -19.35 -20.31
C ILE A 691 20.79 -18.39 -19.25
N MET A 692 21.33 -18.47 -18.04
CA MET A 692 20.90 -17.55 -16.99
C MET A 692 21.33 -16.13 -17.31
N ASP A 693 22.51 -15.99 -17.89
CA ASP A 693 23.00 -14.66 -18.29
C ASP A 693 22.11 -14.04 -19.36
N ARG A 694 21.52 -14.88 -20.21
CA ARG A 694 20.58 -14.42 -21.23
C ARG A 694 19.27 -14.00 -20.58
N ILE A 695 18.90 -14.72 -19.53
CA ILE A 695 17.67 -14.45 -18.81
C ILE A 695 17.77 -13.13 -18.05
N ILE A 696 18.91 -12.92 -17.41
CA ILE A 696 19.17 -11.70 -16.65
C ILE A 696 19.04 -10.45 -17.52
N THR A 697 19.50 -10.52 -18.76
CA THR A 697 19.43 -9.36 -19.64
C THR A 697 18.00 -9.12 -20.12
N LYS A 698 17.25 -10.20 -20.33
CA LYS A 698 15.82 -10.07 -20.66
C LYS A 698 15.04 -9.50 -19.48
N TYR A 699 15.44 -9.91 -18.28
CA TYR A 699 14.78 -9.49 -17.06
C TYR A 699 15.03 -8.00 -16.86
N ASN A 700 16.30 -7.60 -16.98
CA ASN A 700 16.68 -6.19 -16.90
C ASN A 700 15.83 -5.31 -17.81
N GLU A 701 15.65 -5.75 -19.05
CA GLU A 701 14.86 -4.99 -20.03
C GLU A 701 13.40 -4.87 -19.59
N LYS A 702 12.84 -5.95 -19.06
CA LYS A 702 11.46 -5.90 -18.58
C LYS A 702 11.29 -4.87 -17.48
N GLU A 703 12.22 -4.88 -16.53
CA GLU A 703 12.18 -3.95 -15.40
C GLU A 703 12.27 -2.50 -15.88
N GLU A 704 13.06 -2.26 -16.92
CA GLU A 704 13.20 -0.91 -17.47
C GLU A 704 11.93 -0.46 -18.15
N GLN A 705 11.25 -1.38 -18.82
CA GLN A 705 9.96 -1.09 -19.46
C GLN A 705 8.81 -0.94 -18.46
N PHE A 706 8.88 -1.66 -17.35
CA PHE A 706 7.84 -1.55 -16.32
C PHE A 706 8.06 -0.33 -15.47
N GLY A 707 9.34 0.01 -15.24
CA GLY A 707 9.69 0.83 -14.10
C GLY A 707 9.93 -0.12 -12.96
N LYS A 708 10.90 0.21 -12.10
CA LYS A 708 11.30 -0.72 -11.06
C LYS A 708 10.22 -0.94 -10.02
N GLU A 709 9.55 0.14 -9.61
CA GLU A 709 8.55 -0.01 -8.55
C GLU A 709 7.37 -0.86 -9.00
N GLN A 710 7.05 -0.78 -10.28
CA GLN A 710 5.92 -1.48 -10.86
C GLN A 710 6.31 -2.94 -11.12
N MET A 711 7.62 -3.18 -11.23
CA MET A 711 8.14 -4.53 -11.38
C MET A 711 8.11 -5.26 -10.04
N ARG A 712 8.40 -4.54 -8.96
CA ARG A 712 8.31 -5.11 -7.63
C ARG A 712 6.88 -5.54 -7.35
N GLU A 713 5.93 -4.65 -7.57
CA GLU A 713 4.52 -4.99 -7.34
C GLU A 713 4.12 -6.23 -8.12
N PHE A 714 4.50 -6.25 -9.40
CA PHE A 714 4.17 -7.33 -10.33
C PHE A 714 4.75 -8.67 -9.87
N GLU A 715 6.01 -8.65 -9.48
CA GLU A 715 6.65 -9.84 -8.93
C GLU A 715 5.96 -10.28 -7.63
N LYS A 716 5.57 -9.30 -6.82
CA LYS A 716 5.02 -9.58 -5.51
C LYS A 716 3.67 -10.29 -5.65
N VAL A 717 2.83 -9.77 -6.53
CA VAL A 717 1.52 -10.37 -6.77
C VAL A 717 1.69 -11.79 -7.31
N ILE A 718 2.76 -12.04 -8.05
CA ILE A 718 2.99 -13.35 -8.63
C ILE A 718 3.50 -14.34 -7.58
N VAL A 719 4.53 -13.93 -6.86
CA VAL A 719 5.08 -14.79 -5.82
C VAL A 719 4.02 -15.16 -4.77
N LEU A 720 3.29 -14.16 -4.25
CA LEU A 720 2.26 -14.44 -3.25
C LEU A 720 1.16 -15.34 -3.79
N ARG A 721 0.85 -15.22 -5.08
CA ARG A 721 -0.20 -16.06 -5.65
C ARG A 721 0.32 -17.49 -5.75
N ALA A 722 1.58 -17.63 -6.15
CA ALA A 722 2.19 -18.95 -6.27
C ALA A 722 2.25 -19.60 -4.88
N VAL A 723 2.70 -18.86 -3.88
CA VAL A 723 2.83 -19.42 -2.55
C VAL A 723 1.46 -19.75 -1.93
N ASP A 724 0.53 -18.80 -1.98
CA ASP A 724 -0.76 -19.01 -1.34
C ASP A 724 -1.53 -20.18 -1.98
N SER A 725 -1.39 -20.38 -3.28
CA SER A 725 -2.19 -21.38 -3.98
C SER A 725 -1.57 -22.79 -3.92
N LYS A 726 -0.24 -22.87 -3.94
CA LYS A 726 0.43 -24.15 -3.80
C LYS A 726 0.40 -24.62 -2.34
N TRP A 727 0.42 -23.68 -1.40
CA TRP A 727 0.26 -24.01 0.02
C TRP A 727 -1.13 -24.63 0.27
N MET A 728 -2.16 -24.03 -0.31
CA MET A 728 -3.52 -24.55 -0.17
C MET A 728 -3.62 -25.97 -0.73
N ASP A 729 -3.09 -26.19 -1.93
CA ASP A 729 -3.11 -27.53 -2.51
C ASP A 729 -2.37 -28.52 -1.61
N HIS A 730 -1.24 -28.08 -1.08
CA HIS A 730 -0.39 -28.88 -0.19
C HIS A 730 -1.07 -29.29 1.12
N ILE A 731 -1.76 -28.37 1.78
CA ILE A 731 -2.54 -28.72 2.97
C ILE A 731 -3.52 -29.83 2.63
N ASP A 732 -4.25 -29.66 1.53
CA ASP A 732 -5.21 -30.66 1.08
C ASP A 732 -4.53 -32.01 0.83
N ALA A 733 -3.39 -31.99 0.14
CA ALA A 733 -2.70 -33.25 -0.16
C ALA A 733 -2.09 -33.89 1.09
N MET A 734 -1.57 -33.08 2.01
CA MET A 734 -0.98 -33.61 3.24
C MET A 734 -2.05 -34.26 4.09
N ASP A 735 -3.24 -33.69 4.06
CA ASP A 735 -4.33 -34.22 4.87
C ASP A 735 -4.71 -35.60 4.34
N GLN A 736 -4.81 -35.72 3.02
CA GLN A 736 -5.09 -37.00 2.39
C GLN A 736 -3.96 -38.00 2.60
N LEU A 737 -2.71 -37.55 2.49
CA LEU A 737 -1.57 -38.41 2.77
C LEU A 737 -1.72 -39.04 4.16
N ARG A 738 -2.01 -38.20 5.14
CA ARG A 738 -2.16 -38.64 6.53
C ARG A 738 -3.34 -39.59 6.72
N GLN A 739 -4.52 -39.18 6.27
CA GLN A 739 -5.72 -40.00 6.43
C GLN A 739 -5.49 -41.45 6.03
N GLY A 740 -4.71 -41.66 4.97
CA GLY A 740 -4.53 -42.99 4.42
C GLY A 740 -3.14 -43.57 4.59
N ILE A 741 -2.40 -43.09 5.57
CA ILE A 741 -1.02 -43.53 5.74
C ILE A 741 -0.96 -44.98 6.21
N HIS A 742 -1.98 -45.42 6.93
CA HIS A 742 -2.01 -46.78 7.45
C HIS A 742 -2.06 -47.83 6.34
N LEU A 743 -2.30 -47.39 5.11
CA LEU A 743 -2.27 -48.29 3.96
C LEU A 743 -0.94 -48.23 3.19
N ARG A 744 0.00 -47.39 3.64
CA ARG A 744 1.25 -47.17 2.89
C ARG A 744 2.49 -47.87 3.47
N ALA A 745 2.49 -48.09 4.79
CA ALA A 745 3.30 -49.16 5.37
C ALA A 745 2.41 -50.34 4.98
N TYR A 746 2.92 -51.55 4.76
CA TYR A 746 4.09 -52.21 5.37
C TYR A 746 3.93 -52.61 6.83
N ALA A 747 2.67 -52.74 7.25
CA ALA A 747 2.35 -53.14 8.61
C ALA A 747 3.21 -54.33 9.03
N GLN A 748 3.57 -54.36 10.31
CA GLN A 748 3.14 -53.33 11.24
C GLN A 748 4.30 -52.45 11.71
N THR A 749 5.19 -52.10 10.78
CA THR A 749 6.16 -51.05 11.06
C THR A 749 5.37 -49.77 11.31
N ASN A 750 5.97 -48.86 12.06
CA ASN A 750 5.29 -47.61 12.41
C ASN A 750 5.31 -46.62 11.26
N PRO A 751 4.11 -46.24 10.78
CA PRO A 751 3.91 -45.45 9.57
C PRO A 751 4.47 -44.03 9.70
N LEU A 752 4.80 -43.62 10.91
CA LEU A 752 5.29 -42.24 11.16
C LEU A 752 6.49 -41.88 10.27
N ARG A 753 7.44 -42.80 10.16
CA ARG A 753 8.60 -42.51 9.33
C ARG A 753 8.23 -42.44 7.85
N GLU A 754 7.26 -43.27 7.44
CA GLU A 754 6.79 -43.26 6.05
C GLU A 754 6.14 -41.91 5.74
N TYR A 755 5.32 -41.43 6.67
CA TYR A 755 4.66 -40.15 6.54
C TYR A 755 5.65 -39.02 6.52
N GLN A 756 6.63 -39.06 7.43
CA GLN A 756 7.65 -38.00 7.48
C GLN A 756 8.42 -37.94 6.16
N MET A 757 8.73 -39.10 5.60
CA MET A 757 9.52 -39.13 4.38
C MET A 757 8.71 -38.65 3.18
N GLU A 758 7.47 -39.12 3.08
CA GLU A 758 6.61 -38.71 1.98
C GLU A 758 6.22 -37.24 2.14
N GLY A 759 5.99 -36.82 3.37
CA GLY A 759 5.70 -35.42 3.62
C GLY A 759 6.85 -34.55 3.16
N PHE A 760 8.07 -35.00 3.42
CA PHE A 760 9.25 -34.26 3.03
C PHE A 760 9.37 -34.14 1.52
N ALA A 761 9.13 -35.25 0.81
CA ALA A 761 9.21 -35.23 -0.66
C ALA A 761 8.12 -34.33 -1.25
N MET A 762 6.90 -34.45 -0.74
CA MET A 762 5.81 -33.62 -1.24
C MET A 762 6.07 -32.11 -1.08
N PHE A 763 6.61 -31.72 0.07
CA PHE A 763 6.99 -30.34 0.30
C PHE A 763 8.05 -29.87 -0.71
N GLU A 764 9.09 -30.67 -0.91
CA GLU A 764 10.09 -30.32 -1.90
C GLU A 764 9.42 -30.07 -3.25
N HIS A 765 8.51 -30.97 -3.60
CA HIS A 765 7.77 -30.87 -4.85
C HIS A 765 6.95 -29.58 -4.90
N MET A 766 6.39 -29.18 -3.76
CA MET A 766 5.63 -27.94 -3.70
C MET A 766 6.53 -26.74 -3.95
N ILE A 767 7.73 -26.75 -3.34
CA ILE A 767 8.67 -25.65 -3.50
C ILE A 767 9.09 -25.56 -4.97
N GLU A 768 9.25 -26.72 -5.59
CA GLU A 768 9.63 -26.77 -6.99
C GLU A 768 8.53 -26.22 -7.89
N SER A 769 7.27 -26.49 -7.55
CA SER A 769 6.16 -25.94 -8.31
C SER A 769 6.15 -24.41 -8.22
N ILE A 770 6.29 -23.88 -7.01
CA ILE A 770 6.23 -22.46 -6.78
C ILE A 770 7.30 -21.78 -7.63
N GLU A 771 8.51 -22.32 -7.56
CA GLU A 771 9.63 -21.80 -8.36
C GLU A 771 9.32 -21.77 -9.87
N ASP A 772 8.78 -22.86 -10.39
CA ASP A 772 8.46 -22.94 -11.83
C ASP A 772 7.38 -21.95 -12.26
N GLU A 773 6.33 -21.84 -11.45
CA GLU A 773 5.21 -20.95 -11.73
C GLU A 773 5.72 -19.49 -11.78
N VAL A 774 6.41 -19.06 -10.72
CA VAL A 774 7.01 -17.74 -10.67
C VAL A 774 7.89 -17.45 -11.89
N ALA A 775 8.82 -18.38 -12.17
CA ALA A 775 9.76 -18.21 -13.27
C ALA A 775 9.07 -18.02 -14.61
N LYS A 776 8.13 -18.92 -14.92
CA LYS A 776 7.33 -18.85 -16.13
C LYS A 776 6.61 -17.51 -16.25
N PHE A 777 5.91 -17.11 -15.19
CA PHE A 777 5.08 -15.91 -15.24
C PHE A 777 5.85 -14.59 -15.32
N VAL A 778 6.86 -14.41 -14.47
CA VAL A 778 7.60 -13.14 -14.58
C VAL A 778 8.37 -13.05 -15.88
N MET A 779 8.82 -14.17 -16.42
CA MET A 779 9.59 -14.13 -17.66
C MET A 779 8.69 -14.08 -18.91
N LYS A 780 7.59 -14.83 -18.89
CA LYS A 780 6.79 -15.03 -20.09
C LYS A 780 5.56 -14.14 -20.18
N ALA A 781 5.00 -13.76 -19.04
CA ALA A 781 3.86 -12.85 -19.01
C ALA A 781 4.38 -11.42 -19.11
N GLU A 782 3.57 -10.50 -19.63
CA GLU A 782 2.19 -10.75 -19.98
C GLU A 782 1.99 -10.59 -21.49
N ARG B 17 -11.34 64.33 -7.80
CA ARG B 17 -10.28 63.57 -7.07
C ARG B 17 -10.83 62.30 -6.43
N THR B 18 -11.83 61.69 -7.07
CA THR B 18 -12.38 60.42 -6.62
C THR B 18 -11.26 59.41 -6.43
N LEU B 19 -11.18 58.81 -5.25
CA LEU B 19 -10.20 57.76 -4.99
C LEU B 19 -10.69 56.45 -5.59
N ASN B 20 -9.76 55.62 -6.08
CA ASN B 20 -10.16 54.40 -6.77
C ASN B 20 -10.27 53.20 -5.85
N ARG B 21 -11.04 52.20 -6.29
CA ARG B 21 -11.30 51.00 -5.48
C ARG B 21 -10.13 50.52 -4.60
N TYR B 22 -8.91 50.50 -5.14
CA TYR B 22 -7.77 50.01 -4.37
C TYR B 22 -7.38 50.98 -3.25
N GLU B 23 -7.37 52.27 -3.58
CA GLU B 23 -7.06 53.30 -2.59
C GLU B 23 -8.07 53.25 -1.45
N LYS B 24 -9.34 53.13 -1.82
CA LYS B 24 -10.42 53.03 -0.83
C LYS B 24 -10.13 51.96 0.22
N ILE B 25 -9.87 50.75 -0.24
CA ILE B 25 -9.69 49.63 0.67
C ILE B 25 -8.45 49.83 1.54
N ALA B 26 -7.39 50.34 0.93
CA ALA B 26 -6.18 50.67 1.67
C ALA B 26 -6.47 51.62 2.84
N ASN B 27 -7.21 52.70 2.57
CA ASN B 27 -7.60 53.62 3.64
C ASN B 27 -8.38 52.90 4.72
N ASP B 28 -9.27 52.00 4.29
CA ASP B 28 -10.10 51.22 5.21
C ASP B 28 -9.25 50.33 6.11
N ILE B 29 -8.02 50.06 5.69
CA ILE B 29 -7.11 49.25 6.49
C ILE B 29 -6.21 50.15 7.32
N ASP B 30 -6.03 51.38 6.85
CA ASP B 30 -5.25 52.37 7.58
C ASP B 30 -6.10 53.04 8.68
N ALA B 31 -7.43 53.02 8.49
CA ALA B 31 -8.34 53.67 9.44
C ALA B 31 -8.54 52.87 10.72
N ILE B 32 -8.62 51.55 10.61
CA ILE B 32 -8.79 50.70 11.78
C ILE B 32 -7.44 50.22 12.32
N ARG B 33 -6.39 50.99 12.03
CA ARG B 33 -5.04 50.67 12.46
C ARG B 33 -4.95 50.51 13.99
N GLY B 34 -5.55 51.46 14.71
CA GLY B 34 -5.50 51.48 16.17
C GLY B 34 -6.14 50.29 16.84
N ASP B 35 -7.11 49.67 16.17
CA ASP B 35 -7.82 48.52 16.72
C ASP B 35 -6.91 47.32 16.87
N TYR B 36 -5.63 47.48 16.52
CA TYR B 36 -4.71 46.35 16.48
C TYR B 36 -3.35 46.62 17.14
N GLU B 37 -2.93 47.88 17.14
CA GLU B 37 -1.61 48.23 17.65
C GLU B 37 -1.51 48.17 19.17
N ASN B 38 -2.61 47.81 19.82
CA ASN B 38 -2.66 47.85 21.29
C ASN B 38 -2.82 46.49 21.96
N LEU B 39 -3.33 45.51 21.23
CA LEU B 39 -3.50 44.18 21.80
C LEU B 39 -2.15 43.54 22.04
N SER B 40 -2.08 42.67 23.04
CA SER B 40 -0.89 41.89 23.28
C SER B 40 -0.74 40.86 22.17
N ASP B 41 0.40 40.20 22.12
CA ASP B 41 0.67 39.23 21.07
C ASP B 41 -0.37 38.10 21.06
N ASP B 42 -0.74 37.62 22.24
CA ASP B 42 -1.72 36.55 22.36
C ASP B 42 -3.08 36.95 21.78
N ALA B 43 -3.55 38.13 22.17
CA ALA B 43 -4.83 38.65 21.68
C ALA B 43 -4.79 38.79 20.17
N LEU B 44 -3.66 39.27 19.66
CA LEU B 44 -3.47 39.42 18.22
C LEU B 44 -3.40 38.07 17.52
N LYS B 45 -2.58 37.16 18.06
CA LYS B 45 -2.43 35.84 17.46
C LYS B 45 -3.77 35.12 17.39
N HIS B 46 -4.64 35.43 18.35
CA HIS B 46 -5.94 34.79 18.45
C HIS B 46 -6.87 35.15 17.28
N LYS B 47 -6.64 36.33 16.70
CA LYS B 47 -7.46 36.81 15.59
C LYS B 47 -7.54 35.81 14.44
N THR B 48 -6.56 34.90 14.35
CA THR B 48 -6.56 33.87 13.33
C THR B 48 -7.62 32.81 13.64
N ILE B 49 -7.72 32.39 14.90
CA ILE B 49 -8.77 31.48 15.34
C ILE B 49 -10.13 32.15 15.15
N GLU B 50 -10.17 33.44 15.47
CA GLU B 50 -11.38 34.22 15.33
C GLU B 50 -11.83 34.29 13.88
N PHE B 51 -10.92 34.69 12.99
CA PHE B 51 -11.25 34.79 11.56
C PHE B 51 -11.76 33.46 11.02
N LYS B 52 -11.07 32.38 11.37
CA LYS B 52 -11.50 31.03 10.98
C LYS B 52 -12.94 30.76 11.42
N GLU B 53 -13.25 31.05 12.67
CA GLU B 53 -14.58 30.79 13.21
C GLU B 53 -15.65 31.42 12.33
N ARG B 54 -15.42 32.67 11.92
CA ARG B 54 -16.45 33.41 11.19
C ARG B 54 -16.61 32.90 9.77
N LEU B 55 -15.56 32.30 9.21
CA LEU B 55 -15.60 31.73 7.88
C LEU B 55 -16.53 30.51 7.82
N GLU B 56 -16.28 29.55 8.72
CA GLU B 56 -17.09 28.34 8.77
C GLU B 56 -18.50 28.65 9.24
N LYS B 57 -18.66 29.85 9.79
CA LYS B 57 -19.96 30.33 10.23
C LYS B 57 -20.74 30.92 9.06
N GLY B 58 -20.02 31.46 8.08
CA GLY B 58 -20.67 31.94 6.86
C GLY B 58 -20.00 33.07 6.10
N ALA B 59 -19.08 33.77 6.75
CA ALA B 59 -18.37 34.89 6.11
C ALA B 59 -17.47 34.43 4.97
N THR B 60 -17.37 35.25 3.92
CA THR B 60 -16.48 34.97 2.79
C THR B 60 -15.18 35.75 2.92
N THR B 61 -14.16 35.35 2.17
CA THR B 61 -12.86 35.99 2.26
C THR B 61 -12.93 37.48 1.95
N ASP B 62 -13.73 37.85 0.95
CA ASP B 62 -13.95 39.25 0.63
C ASP B 62 -14.39 40.01 1.88
N ASP B 63 -15.42 39.48 2.54
CA ASP B 63 -16.00 40.10 3.73
C ASP B 63 -14.94 40.56 4.73
N LEU B 64 -14.05 39.66 5.12
CA LEU B 64 -13.13 39.99 6.20
C LEU B 64 -11.72 40.37 5.74
N LEU B 65 -11.58 40.65 4.45
CA LEU B 65 -10.28 41.02 3.87
C LEU B 65 -9.67 42.24 4.56
N VAL B 66 -10.52 43.22 4.84
CA VAL B 66 -10.07 44.49 5.42
C VAL B 66 -9.42 44.28 6.79
N GLU B 67 -10.08 43.49 7.63
CA GLU B 67 -9.59 43.22 8.98
C GLU B 67 -8.36 42.34 8.94
N ALA B 68 -8.40 41.32 8.09
CA ALA B 68 -7.29 40.37 7.96
C ALA B 68 -6.02 41.09 7.54
N PHE B 69 -6.16 42.04 6.62
CA PHE B 69 -5.00 42.74 6.12
C PHE B 69 -4.40 43.62 7.23
N ALA B 70 -5.25 44.16 8.10
CA ALA B 70 -4.78 44.95 9.24
C ALA B 70 -4.04 44.08 10.24
N VAL B 71 -4.55 42.87 10.47
CA VAL B 71 -3.91 41.90 11.36
C VAL B 71 -2.45 41.60 10.95
N VAL B 72 -2.22 41.22 9.70
CA VAL B 72 -0.86 40.90 9.25
C VAL B 72 0.00 42.16 9.13
N ARG B 73 -0.60 43.26 8.69
CA ARG B 73 0.10 44.53 8.66
C ARG B 73 0.69 44.83 10.04
N GLU B 74 -0.14 44.67 11.07
CA GLU B 74 0.29 44.84 12.45
C GLU B 74 1.32 43.79 12.85
N ALA B 75 1.08 42.55 12.46
CA ALA B 75 1.99 41.44 12.78
C ALA B 75 3.37 41.64 12.17
N SER B 76 3.39 42.11 10.92
CA SER B 76 4.65 42.38 10.24
C SER B 76 5.56 43.33 11.03
N ARG B 77 4.96 44.37 11.60
CA ARG B 77 5.71 45.33 12.39
C ARG B 77 6.37 44.65 13.60
N ARG B 78 5.61 43.79 14.27
CA ARG B 78 6.10 43.15 15.49
C ARG B 78 7.16 42.10 15.20
N VAL B 79 7.06 41.46 14.04
CA VAL B 79 7.95 40.35 13.69
C VAL B 79 9.19 40.78 12.91
N THR B 80 9.02 41.72 11.98
CA THR B 80 10.11 42.09 11.08
C THR B 80 10.55 43.54 11.26
N GLY B 81 9.71 44.33 11.91
CA GLY B 81 9.96 45.76 12.05
C GLY B 81 9.49 46.55 10.84
N MET B 82 8.86 45.86 9.90
CA MET B 82 8.33 46.52 8.71
C MET B 82 6.82 46.63 8.78
N PHE B 83 6.32 47.82 8.45
CA PHE B 83 4.89 48.13 8.46
C PHE B 83 4.46 48.48 7.04
N PRO B 84 3.71 47.58 6.38
CA PRO B 84 3.38 47.75 4.97
C PRO B 84 2.79 49.12 4.64
N PHE B 85 3.23 49.69 3.51
CA PHE B 85 2.70 50.95 3.00
C PHE B 85 1.33 50.76 2.35
N LYS B 86 0.65 51.86 2.08
CA LYS B 86 -0.65 51.80 1.42
C LYS B 86 -0.55 51.18 0.04
N VAL B 87 0.53 51.47 -0.69
CA VAL B 87 0.72 50.88 -2.00
C VAL B 87 0.78 49.35 -1.88
N GLN B 88 1.52 48.87 -0.88
CA GLN B 88 1.61 47.44 -0.61
C GLN B 88 0.24 46.88 -0.27
N LEU B 89 -0.61 47.69 0.37
CA LEU B 89 -2.00 47.31 0.62
C LEU B 89 -2.81 47.20 -0.67
N MET B 90 -2.62 48.14 -1.60
CA MET B 90 -3.34 48.07 -2.88
C MET B 90 -2.91 46.84 -3.67
N GLY B 91 -1.59 46.64 -3.80
CA GLY B 91 -1.05 45.44 -4.43
C GLY B 91 -1.65 44.15 -3.88
N GLY B 92 -1.76 44.08 -2.55
CA GLY B 92 -2.39 42.94 -1.91
C GLY B 92 -3.83 42.71 -2.37
N VAL B 93 -4.58 43.79 -2.52
CA VAL B 93 -5.94 43.65 -3.04
C VAL B 93 -5.93 43.04 -4.44
N ALA B 94 -5.11 43.59 -5.33
CA ALA B 94 -5.04 43.12 -6.71
C ALA B 94 -4.74 41.63 -6.76
N LEU B 95 -3.90 41.19 -5.84
CA LEU B 95 -3.54 39.77 -5.76
C LEU B 95 -4.70 38.92 -5.27
N HIS B 96 -5.41 39.38 -4.25
CA HIS B 96 -6.57 38.65 -3.77
C HIS B 96 -7.64 38.50 -4.85
N ASP B 97 -7.75 39.51 -5.72
CA ASP B 97 -8.72 39.50 -6.80
C ASP B 97 -8.37 38.51 -7.93
N GLY B 98 -7.21 37.88 -7.85
CA GLY B 98 -6.78 36.97 -8.89
C GLY B 98 -6.18 37.66 -10.10
N ASN B 99 -5.59 38.83 -9.87
CA ASN B 99 -4.94 39.54 -10.96
C ASN B 99 -3.43 39.64 -10.79
N ILE B 100 -2.81 40.39 -11.69
CA ILE B 100 -1.39 40.63 -11.69
C ILE B 100 -1.14 42.00 -11.09
N ALA B 101 -0.42 42.04 -9.98
CA ALA B 101 -0.03 43.33 -9.40
C ALA B 101 1.32 43.76 -9.96
N GLU B 102 1.34 44.83 -10.74
CA GLU B 102 2.61 45.34 -11.22
C GLU B 102 3.18 46.34 -10.24
N MET B 103 4.20 45.89 -9.50
CA MET B 103 4.88 46.74 -8.54
C MET B 103 6.36 46.78 -8.86
N LYS B 104 6.87 48.00 -9.09
CA LYS B 104 8.26 48.20 -9.46
C LYS B 104 9.24 47.55 -8.49
N THR B 105 10.37 47.10 -9.04
CA THR B 105 11.48 46.62 -8.24
C THR B 105 11.71 47.54 -7.03
N GLY B 106 11.76 46.94 -5.85
CA GLY B 106 12.11 47.66 -4.64
C GLY B 106 10.88 48.14 -3.89
N GLU B 107 9.72 47.81 -4.42
CA GLU B 107 8.47 48.22 -3.76
C GLU B 107 8.06 47.26 -2.63
N GLY B 108 8.78 46.15 -2.47
CA GLY B 108 8.48 45.19 -1.43
C GLY B 108 7.37 44.22 -1.82
N LYS B 109 7.55 43.55 -2.95
CA LYS B 109 6.57 42.59 -3.41
C LYS B 109 6.50 41.39 -2.46
N THR B 110 7.64 40.99 -1.89
CA THR B 110 7.69 39.83 -1.00
C THR B 110 6.77 40.03 0.20
N LEU B 111 6.91 41.17 0.87
CA LEU B 111 6.09 41.46 2.04
C LEU B 111 4.63 41.67 1.62
N THR B 112 4.43 42.29 0.47
CA THR B 112 3.10 42.54 -0.05
C THR B 112 2.32 41.22 -0.17
N SER B 113 3.00 40.16 -0.58
CA SER B 113 2.33 38.87 -0.76
C SER B 113 1.78 38.24 0.52
N THR B 114 2.37 38.57 1.67
CA THR B 114 1.94 37.97 2.93
C THR B 114 0.47 38.28 3.19
N LEU B 115 0.01 39.40 2.65
CA LEU B 115 -1.36 39.86 2.84
C LEU B 115 -2.41 38.91 2.28
N PRO B 116 -2.51 38.79 0.95
CA PRO B 116 -3.46 37.83 0.37
C PRO B 116 -3.20 36.37 0.72
N VAL B 117 -1.93 36.01 0.96
CA VAL B 117 -1.59 34.62 1.28
C VAL B 117 -2.19 34.19 2.63
N TYR B 118 -2.10 35.07 3.62
CA TYR B 118 -2.70 34.81 4.92
C TYR B 118 -4.20 34.66 4.77
N LEU B 119 -4.81 35.64 4.11
CA LEU B 119 -6.25 35.66 3.90
C LEU B 119 -6.74 34.36 3.26
N ASN B 120 -6.16 34.01 2.12
CA ASN B 120 -6.57 32.82 1.37
C ASN B 120 -6.10 31.48 1.95
N ALA B 121 -5.45 31.52 3.13
CA ALA B 121 -4.95 30.31 3.77
C ALA B 121 -5.79 29.90 4.97
N LEU B 122 -6.72 30.78 5.35
CA LEU B 122 -7.51 30.59 6.57
C LEU B 122 -8.42 29.38 6.51
N THR B 123 -8.98 29.10 5.34
CA THR B 123 -9.92 27.99 5.19
C THR B 123 -9.19 26.65 5.14
N GLY B 124 -7.86 26.71 5.26
CA GLY B 124 -7.04 25.49 5.28
C GLY B 124 -7.11 24.67 4.01
N LYS B 125 -7.19 25.34 2.87
CA LYS B 125 -7.14 24.64 1.58
C LYS B 125 -5.76 24.73 0.96
N GLY B 126 -4.90 25.53 1.58
CA GLY B 126 -3.51 25.65 1.12
C GLY B 126 -3.30 26.77 0.13
N VAL B 127 -2.07 27.26 0.07
CA VAL B 127 -1.67 28.31 -0.84
C VAL B 127 -0.24 28.01 -1.27
N HIS B 128 0.04 28.00 -2.57
CA HIS B 128 1.41 27.86 -3.02
C HIS B 128 2.03 29.21 -3.37
N VAL B 129 3.13 29.55 -2.71
CA VAL B 129 3.88 30.76 -3.05
C VAL B 129 5.08 30.36 -3.91
N VAL B 130 5.21 30.97 -5.08
CA VAL B 130 6.04 30.44 -6.16
C VAL B 130 7.13 31.42 -6.57
N THR B 131 8.37 30.95 -6.65
CA THR B 131 9.44 31.74 -7.26
C THR B 131 10.28 30.95 -8.24
N VAL B 132 11.30 31.61 -8.77
CA VAL B 132 12.04 31.11 -9.91
C VAL B 132 13.19 30.18 -9.53
N ASN B 133 13.69 30.29 -8.31
CA ASN B 133 14.76 29.37 -7.86
C ASN B 133 14.71 29.09 -6.37
N GLU B 134 15.40 28.04 -5.94
CA GLU B 134 15.32 27.57 -4.55
C GLU B 134 15.96 28.50 -3.52
N TYR B 135 16.93 29.30 -3.95
CA TYR B 135 17.50 30.26 -3.05
C TYR B 135 16.41 31.24 -2.65
N LEU B 136 15.70 31.78 -3.65
CA LEU B 136 14.65 32.76 -3.38
C LEU B 136 13.48 32.20 -2.57
N ALA B 137 13.07 30.97 -2.87
CA ALA B 137 11.91 30.36 -2.20
C ALA B 137 12.25 30.15 -0.74
N SER B 138 13.48 29.71 -0.52
CA SER B 138 13.94 29.41 0.82
C SER B 138 14.17 30.69 1.61
N ARG B 139 14.76 31.71 0.98
CA ARG B 139 14.90 33.01 1.65
C ARG B 139 13.54 33.52 2.09
N ASP B 140 12.61 33.62 1.15
CA ASP B 140 11.29 34.20 1.43
C ASP B 140 10.48 33.39 2.46
N ALA B 141 10.65 32.06 2.43
CA ALA B 141 9.97 31.18 3.37
C ALA B 141 10.43 31.41 4.81
N GLU B 142 11.73 31.67 4.98
CA GLU B 142 12.30 31.98 6.29
C GLU B 142 11.77 33.28 6.83
N GLN B 143 11.89 34.34 6.03
CA GLN B 143 11.57 35.71 6.46
C GLN B 143 10.07 35.94 6.58
N MET B 144 9.32 35.58 5.54
CA MET B 144 7.88 35.77 5.57
C MET B 144 7.20 34.71 6.46
N GLY B 145 7.82 33.55 6.58
CA GLY B 145 7.30 32.50 7.45
C GLY B 145 7.13 32.93 8.89
N LYS B 146 8.07 33.74 9.39
CA LYS B 146 7.96 34.25 10.75
C LYS B 146 6.61 34.90 10.98
N ILE B 147 6.16 35.71 10.01
CA ILE B 147 4.90 36.42 10.14
C ILE B 147 3.72 35.47 10.28
N PHE B 148 3.72 34.43 9.45
CA PHE B 148 2.62 33.46 9.42
C PHE B 148 2.61 32.60 10.68
N GLU B 149 3.80 32.18 11.10
CA GLU B 149 3.91 31.35 12.30
C GLU B 149 3.48 32.14 13.52
N PHE B 150 3.76 33.43 13.51
CA PHE B 150 3.31 34.32 14.57
C PHE B 150 1.78 34.30 14.64
N LEU B 151 1.14 34.38 13.49
CA LEU B 151 -0.31 34.34 13.40
C LEU B 151 -0.87 32.92 13.51
N GLY B 152 -0.01 31.98 13.89
CA GLY B 152 -0.45 30.61 14.13
C GLY B 152 -0.66 29.75 12.90
N LEU B 153 -0.08 30.15 11.77
CA LEU B 153 -0.14 29.32 10.56
C LEU B 153 1.16 28.56 10.35
N THR B 154 1.04 27.38 9.75
CA THR B 154 2.21 26.57 9.42
C THR B 154 2.67 26.87 8.00
N VAL B 155 3.97 26.82 7.77
CA VAL B 155 4.51 27.10 6.46
C VAL B 155 5.51 26.03 6.06
N GLY B 156 5.39 25.56 4.82
CA GLY B 156 6.23 24.49 4.33
C GLY B 156 7.15 24.96 3.22
N LEU B 157 8.22 24.23 3.01
CA LEU B 157 9.16 24.53 1.96
C LEU B 157 9.36 23.29 1.11
N ASN B 158 8.95 23.37 -0.15
CA ASN B 158 9.11 22.26 -1.07
C ASN B 158 10.40 22.38 -1.86
N LEU B 159 11.31 21.43 -1.68
CA LEU B 159 12.56 21.45 -2.43
C LEU B 159 12.79 20.17 -3.22
N ASN B 160 13.59 20.28 -4.27
CA ASN B 160 14.02 19.16 -5.08
C ASN B 160 14.67 18.03 -4.25
N SER B 161 15.41 18.37 -3.21
CA SER B 161 16.22 17.38 -2.49
C SER B 161 15.44 16.56 -1.46
N MET B 162 14.14 16.82 -1.35
CA MET B 162 13.33 16.30 -0.26
C MET B 162 12.65 15.01 -0.64
N SER B 163 12.32 14.19 0.37
CA SER B 163 11.65 12.91 0.15
C SER B 163 10.13 13.06 0.03
N LYS B 164 9.49 11.98 -0.38
CA LYS B 164 8.02 11.95 -0.54
C LYS B 164 7.29 12.38 0.73
N ASP B 165 7.61 11.72 1.85
CA ASP B 165 7.02 12.05 3.15
C ASP B 165 7.26 13.51 3.52
N GLU B 166 8.45 13.99 3.23
CA GLU B 166 8.83 15.36 3.53
C GLU B 166 8.06 16.34 2.65
N LYS B 167 7.95 16.02 1.37
CA LYS B 167 7.19 16.87 0.46
C LYS B 167 5.72 16.93 0.86
N ARG B 168 5.20 15.80 1.33
CA ARG B 168 3.80 15.70 1.72
C ARG B 168 3.52 16.59 2.91
N GLU B 169 4.44 16.63 3.86
CA GLU B 169 4.28 17.51 5.01
C GLU B 169 4.28 18.97 4.56
N ALA B 170 5.22 19.32 3.69
CA ALA B 170 5.32 20.69 3.19
C ALA B 170 4.04 21.13 2.49
N TYR B 171 3.42 20.23 1.74
CA TYR B 171 2.18 20.56 1.05
C TYR B 171 1.00 20.54 2.00
N ALA B 172 1.16 19.93 3.17
CA ALA B 172 0.08 19.81 4.13
C ALA B 172 0.00 21.04 5.04
N ALA B 173 1.02 21.89 4.97
CA ALA B 173 1.03 23.15 5.71
C ALA B 173 0.01 24.11 5.13
N ASP B 174 -0.38 25.10 5.91
CA ASP B 174 -1.34 26.11 5.48
C ASP B 174 -0.81 26.84 4.28
N ILE B 175 0.50 27.00 4.23
CA ILE B 175 1.16 27.78 3.19
C ILE B 175 2.44 27.06 2.76
N THR B 176 2.62 26.91 1.45
CA THR B 176 3.77 26.19 0.91
C THR B 176 4.56 27.03 -0.09
N TYR B 177 5.84 27.21 0.18
CA TYR B 177 6.77 27.89 -0.74
C TYR B 177 7.44 26.85 -1.61
N SER B 178 7.67 27.21 -2.87
CA SER B 178 8.26 26.30 -3.83
C SER B 178 8.64 27.03 -5.14
N THR B 179 9.47 26.39 -5.95
CA THR B 179 9.74 26.89 -7.29
C THR B 179 8.67 26.32 -8.21
N ASN B 180 8.50 26.91 -9.39
CA ASN B 180 7.54 26.40 -10.36
C ASN B 180 7.93 25.02 -10.89
N ASN B 181 9.23 24.78 -11.02
CA ASN B 181 9.70 23.46 -11.46
C ASN B 181 9.26 22.35 -10.51
N GLU B 182 9.56 22.49 -9.22
CA GLU B 182 9.16 21.46 -8.27
C GLU B 182 7.65 21.23 -8.25
N LEU B 183 6.88 22.30 -8.30
CA LEU B 183 5.42 22.17 -8.30
C LEU B 183 4.95 21.29 -9.47
N GLY B 184 5.41 21.63 -10.67
CA GLY B 184 5.05 20.89 -11.86
C GLY B 184 5.55 19.45 -11.84
N PHE B 185 6.76 19.22 -11.35
CA PHE B 185 7.27 17.85 -11.31
C PHE B 185 6.43 17.03 -10.32
N ASP B 186 6.16 17.59 -9.15
CA ASP B 186 5.35 16.94 -8.14
C ASP B 186 4.01 16.52 -8.71
N TYR B 187 3.38 17.44 -9.44
CA TYR B 187 2.06 17.16 -10.02
C TYR B 187 2.12 15.96 -10.97
N LEU B 188 3.20 15.86 -11.72
CA LEU B 188 3.32 14.79 -12.70
C LEU B 188 3.56 13.44 -12.01
N ARG B 189 4.47 13.41 -11.04
CA ARG B 189 4.75 12.19 -10.30
C ARG B 189 3.49 11.75 -9.57
N ASP B 190 2.69 12.70 -9.10
CA ASP B 190 1.42 12.38 -8.44
C ASP B 190 0.49 11.61 -9.39
N ASN B 191 0.70 11.77 -10.69
CA ASN B 191 -0.12 11.08 -11.66
C ASN B 191 0.56 9.80 -12.18
N MET B 192 1.63 9.38 -11.52
CA MET B 192 2.32 8.13 -11.88
C MET B 192 2.35 7.14 -10.72
N VAL B 193 1.84 7.56 -9.57
CA VAL B 193 1.79 6.70 -8.38
C VAL B 193 1.02 5.39 -8.57
N LEU B 194 1.27 4.44 -7.67
CA LEU B 194 0.65 3.12 -7.73
C LEU B 194 -0.50 2.98 -6.74
N TYR B 195 -0.49 3.83 -5.71
CA TYR B 195 -1.67 4.02 -4.90
C TYR B 195 -1.82 5.45 -4.37
N LYS B 196 -3.08 5.84 -4.19
CA LYS B 196 -3.47 7.17 -3.72
C LYS B 196 -2.52 7.79 -2.69
N GLU B 197 -2.11 7.00 -1.69
CA GLU B 197 -1.37 7.56 -0.56
C GLU B 197 0.04 8.02 -0.90
N GLN B 198 0.54 7.64 -2.07
CA GLN B 198 1.88 8.06 -2.46
C GLN B 198 1.93 9.50 -2.96
N MET B 199 0.77 10.08 -3.27
CA MET B 199 0.71 11.47 -3.76
C MET B 199 1.25 12.42 -2.70
N VAL B 200 1.82 13.52 -3.16
CA VAL B 200 2.32 14.54 -2.25
C VAL B 200 1.47 15.81 -2.21
N GLN B 201 0.81 16.18 -3.31
CA GLN B 201 0.04 17.45 -3.34
C GLN B 201 -1.42 17.30 -2.89
N ARG B 202 -1.99 18.39 -2.42
CA ARG B 202 -3.42 18.46 -2.21
C ARG B 202 -4.05 19.10 -3.44
N PRO B 203 -5.37 19.27 -3.47
CA PRO B 203 -5.90 19.92 -4.68
C PRO B 203 -5.30 21.31 -4.88
N LEU B 204 -5.13 21.72 -6.13
CA LEU B 204 -4.51 23.00 -6.43
C LEU B 204 -5.47 24.16 -6.16
N HIS B 205 -5.29 24.79 -5.01
CA HIS B 205 -6.20 25.83 -4.52
C HIS B 205 -5.84 27.21 -5.03
N PHE B 206 -4.73 27.75 -4.54
CA PHE B 206 -4.34 29.12 -4.84
C PHE B 206 -2.82 29.21 -5.03
N ALA B 207 -2.39 29.78 -6.15
CA ALA B 207 -0.97 30.02 -6.39
C ALA B 207 -0.70 31.51 -6.55
N VAL B 208 0.22 32.04 -5.74
CA VAL B 208 0.68 33.41 -5.91
C VAL B 208 2.07 33.36 -6.50
N ILE B 209 2.25 33.97 -7.66
CA ILE B 209 3.48 33.80 -8.40
C ILE B 209 4.36 35.06 -8.39
N ASP B 210 5.50 34.99 -7.69
CA ASP B 210 6.49 36.06 -7.74
C ASP B 210 7.17 35.97 -9.11
N GLU B 211 7.68 37.09 -9.60
CA GLU B 211 8.29 37.14 -10.95
C GLU B 211 7.35 36.56 -12.00
N VAL B 212 6.07 36.89 -11.90
CA VAL B 212 5.03 36.23 -12.70
C VAL B 212 5.25 36.25 -14.22
N ASP B 213 5.84 37.32 -14.75
CA ASP B 213 6.12 37.37 -16.19
C ASP B 213 7.19 36.35 -16.64
N SER B 214 8.16 36.05 -15.78
CA SER B 214 9.16 35.03 -16.13
C SER B 214 8.51 33.66 -16.22
N ILE B 215 7.65 33.37 -15.26
CA ILE B 215 7.05 32.06 -15.17
C ILE B 215 5.87 31.88 -16.15
N LEU B 216 4.91 32.81 -16.13
CA LEU B 216 3.68 32.65 -16.90
C LEU B 216 3.80 33.07 -18.36
N ILE B 217 4.77 33.91 -18.69
CA ILE B 217 4.95 34.33 -20.07
C ILE B 217 6.18 33.66 -20.71
N ASP B 218 7.37 33.97 -20.21
CA ASP B 218 8.61 33.47 -20.81
C ASP B 218 8.70 31.94 -20.81
N GLU B 219 8.20 31.32 -19.75
CA GLU B 219 8.21 29.87 -19.62
C GLU B 219 6.86 29.24 -19.86
N ALA B 220 5.89 30.00 -20.38
CA ALA B 220 4.57 29.47 -20.60
C ALA B 220 4.61 28.11 -21.29
N ARG B 221 5.39 28.00 -22.35
CA ARG B 221 5.38 26.80 -23.20
C ARG B 221 6.57 25.87 -22.94
N THR B 222 7.31 26.12 -21.88
CA THR B 222 8.41 25.25 -21.50
C THR B 222 7.87 23.97 -20.90
N PRO B 223 8.17 22.83 -21.55
CA PRO B 223 7.67 21.53 -21.11
C PRO B 223 8.50 20.91 -19.97
N LEU B 224 7.80 20.48 -18.92
CA LEU B 224 8.36 19.58 -17.92
C LEU B 224 8.18 18.15 -18.41
N ILE B 225 9.26 17.38 -18.36
CA ILE B 225 9.31 16.02 -18.89
C ILE B 225 9.72 15.05 -17.78
N ILE B 226 8.99 13.95 -17.63
CA ILE B 226 9.51 12.82 -16.86
C ILE B 226 9.79 11.65 -17.81
N SER B 227 11.02 11.12 -17.75
CA SER B 227 11.46 10.09 -18.70
C SER B 227 11.51 8.69 -18.11
N GLY B 228 11.33 7.69 -18.96
CA GLY B 228 11.46 6.30 -18.55
C GLY B 228 12.92 5.88 -18.49
N GLN B 229 13.15 4.64 -18.05
CA GLN B 229 14.50 4.13 -17.90
C GLN B 229 14.90 3.32 -19.12
N ALA B 230 13.94 3.02 -20.00
CA ALA B 230 14.23 2.27 -21.22
C ALA B 230 14.46 3.20 -22.41
N ALA B 231 15.31 2.75 -23.32
CA ALA B 231 15.56 3.48 -24.56
C ALA B 231 14.47 3.22 -25.58
N LYS B 232 14.03 4.28 -26.27
CA LYS B 232 13.18 4.10 -27.45
C LYS B 232 13.92 3.16 -28.38
N SER B 233 13.22 2.17 -28.93
CA SER B 233 13.86 1.29 -29.91
C SER B 233 14.07 2.07 -31.20
N THR B 234 14.98 1.57 -32.04
CA THR B 234 15.35 2.28 -33.25
C THR B 234 14.85 1.57 -34.50
N LYS B 235 14.17 0.46 -34.31
CA LYS B 235 13.72 -0.37 -35.42
C LYS B 235 13.11 0.47 -36.54
N LEU B 236 12.23 1.39 -36.17
CA LEU B 236 11.61 2.27 -37.15
C LEU B 236 12.59 3.10 -37.99
N TYR B 237 13.59 3.70 -37.34
CA TYR B 237 14.59 4.47 -38.09
C TYR B 237 15.25 3.57 -39.13
N VAL B 238 15.54 2.34 -38.74
CA VAL B 238 16.20 1.36 -39.62
C VAL B 238 15.28 0.95 -40.77
N GLN B 239 14.06 0.55 -40.44
CA GLN B 239 13.10 0.12 -41.45
C GLN B 239 12.85 1.24 -42.45
N ALA B 240 12.62 2.45 -41.94
CA ALA B 240 12.35 3.60 -42.81
C ALA B 240 13.55 3.92 -43.70
N ASN B 241 14.74 3.94 -43.11
CA ASN B 241 15.93 4.18 -43.92
C ASN B 241 16.00 3.17 -45.08
N ALA B 242 15.83 1.89 -44.76
CA ALA B 242 15.91 0.82 -45.75
C ALA B 242 14.84 0.97 -46.83
N PHE B 243 13.66 1.42 -46.44
CA PHE B 243 12.59 1.62 -47.41
C PHE B 243 12.86 2.82 -48.31
N VAL B 244 13.42 3.88 -47.74
CA VAL B 244 13.72 5.07 -48.54
C VAL B 244 14.78 4.79 -49.62
N ARG B 245 15.73 3.91 -49.31
CA ARG B 245 16.72 3.46 -50.30
C ARG B 245 16.06 2.91 -51.56
N THR B 246 14.93 2.22 -51.38
CA THR B 246 14.19 1.60 -52.47
C THR B 246 13.60 2.62 -53.44
N LEU B 247 13.37 3.83 -52.94
CA LEU B 247 12.66 4.86 -53.70
C LEU B 247 13.47 5.41 -54.88
N LYS B 248 12.78 5.63 -55.98
CA LYS B 248 13.38 6.22 -57.18
C LYS B 248 13.21 7.74 -57.18
N ALA B 249 14.25 8.43 -57.62
CA ALA B 249 14.36 9.88 -57.48
C ALA B 249 13.18 10.72 -57.98
N GLU B 250 12.35 10.18 -58.87
CA GLU B 250 11.34 10.99 -59.55
C GLU B 250 9.90 10.52 -59.40
N LYS B 251 9.69 9.20 -59.45
CA LYS B 251 8.34 8.66 -59.43
C LYS B 251 7.81 8.45 -58.01
N ASP B 252 8.72 8.27 -57.06
CA ASP B 252 8.31 7.95 -55.69
C ASP B 252 8.28 9.14 -54.74
N TYR B 253 9.15 10.12 -54.98
CA TYR B 253 9.22 11.31 -54.16
C TYR B 253 9.45 12.61 -54.92
N THR B 254 9.03 13.72 -54.34
CA THR B 254 9.18 15.01 -54.96
C THR B 254 9.48 16.15 -53.98
N TYR B 255 10.19 17.18 -54.42
CA TYR B 255 10.51 18.28 -53.51
C TYR B 255 9.43 19.31 -53.62
N ASP B 256 8.35 19.12 -52.89
CA ASP B 256 7.23 20.04 -52.91
C ASP B 256 7.41 21.36 -52.24
N ILE B 257 6.83 22.38 -52.83
CA ILE B 257 6.87 23.73 -52.35
C ILE B 257 5.57 24.10 -53.00
N LYS B 258 4.76 24.94 -52.41
CA LYS B 258 4.98 25.60 -51.14
C LYS B 258 5.12 24.72 -49.92
N THR B 259 5.06 23.84 -48.94
CA THR B 259 6.02 23.77 -47.87
C THR B 259 7.28 23.24 -48.46
N LYS B 260 8.44 23.68 -48.02
CA LYS B 260 9.63 23.14 -48.62
C LYS B 260 9.74 21.81 -47.96
N ALA B 261 9.02 20.88 -48.55
CA ALA B 261 8.96 19.53 -48.09
C ALA B 261 9.26 18.54 -49.19
N VAL B 262 10.09 17.54 -48.90
CA VAL B 262 10.42 16.55 -49.87
C VAL B 262 9.35 15.59 -49.51
N GLN B 263 8.48 15.25 -50.44
CA GLN B 263 7.43 14.33 -50.14
C GLN B 263 7.24 13.21 -51.11
N LEU B 264 6.61 12.18 -50.62
CA LEU B 264 6.34 11.03 -51.40
C LEU B 264 5.22 11.33 -52.33
N THR B 265 5.24 10.70 -53.49
CA THR B 265 4.22 10.89 -54.48
C THR B 265 3.12 9.89 -54.19
N GLU B 266 2.04 9.92 -54.96
CA GLU B 266 0.96 8.98 -54.76
C GLU B 266 1.48 7.56 -54.97
N GLU B 267 2.43 7.41 -55.90
CA GLU B 267 3.08 6.13 -56.12
C GLU B 267 3.88 5.67 -54.92
N GLY B 268 4.76 6.53 -54.43
CA GLY B 268 5.62 6.19 -53.30
C GLY B 268 4.80 5.73 -52.10
N MET B 269 3.64 6.36 -51.94
CA MET B 269 2.75 6.08 -50.83
C MET B 269 2.17 4.67 -50.93
N THR B 270 1.64 4.35 -52.12
CA THR B 270 1.17 3.00 -52.38
C THR B 270 2.29 1.97 -52.22
N LYS B 271 3.52 2.37 -52.59
CA LYS B 271 4.65 1.46 -52.45
C LYS B 271 5.00 1.26 -50.97
N ALA B 272 4.92 2.35 -50.20
CA ALA B 272 5.08 2.27 -48.75
C ALA B 272 4.02 1.35 -48.14
N GLU B 273 2.76 1.56 -48.53
CA GLU B 273 1.65 0.76 -48.03
C GLU B 273 1.81 -0.73 -48.35
N LYS B 274 2.20 -1.03 -49.58
CA LYS B 274 2.45 -2.41 -49.99
C LYS B 274 3.62 -3.00 -49.20
N ALA B 275 4.66 -2.19 -48.98
CA ALA B 275 5.87 -2.65 -48.31
C ALA B 275 5.65 -2.99 -46.83
N PHE B 276 4.74 -2.28 -46.17
CA PHE B 276 4.51 -2.48 -44.75
C PHE B 276 3.21 -3.19 -44.38
N GLY B 277 2.44 -3.62 -45.38
CA GLY B 277 1.20 -4.36 -45.13
C GLY B 277 0.10 -3.55 -44.46
N ILE B 278 0.06 -2.25 -44.75
CA ILE B 278 -0.95 -1.36 -44.22
C ILE B 278 -1.79 -0.77 -45.36
N ASP B 279 -3.01 -0.32 -45.04
CA ASP B 279 -3.92 0.20 -46.06
C ASP B 279 -3.69 1.67 -46.44
N ASN B 280 -3.42 2.52 -45.45
CA ASN B 280 -3.43 3.96 -45.66
C ASN B 280 -2.31 4.60 -44.85
N LEU B 281 -1.28 5.08 -45.52
CA LEU B 281 -0.14 5.65 -44.81
C LEU B 281 -0.48 6.87 -43.96
N PHE B 282 -1.57 7.56 -44.30
CA PHE B 282 -1.99 8.78 -43.61
C PHE B 282 -2.85 8.50 -42.39
N ASP B 283 -3.30 7.26 -42.23
CA ASP B 283 -4.15 6.90 -41.11
C ASP B 283 -3.43 7.22 -39.80
N VAL B 284 -4.20 7.65 -38.80
CA VAL B 284 -3.64 8.03 -37.52
C VAL B 284 -2.82 6.93 -36.87
N LYS B 285 -3.22 5.67 -37.08
CA LYS B 285 -2.47 4.54 -36.55
C LYS B 285 -1.04 4.49 -37.03
N HIS B 286 -0.75 5.12 -38.16
CA HIS B 286 0.57 5.01 -38.78
C HIS B 286 1.35 6.32 -38.79
N VAL B 287 0.95 7.25 -37.92
CA VAL B 287 1.63 8.53 -37.83
C VAL B 287 3.13 8.36 -37.69
N ALA B 288 3.56 7.50 -36.78
CA ALA B 288 4.99 7.31 -36.55
C ALA B 288 5.71 6.79 -37.82
N LEU B 289 5.18 5.73 -38.41
CA LEU B 289 5.78 5.20 -39.64
C LEU B 289 5.92 6.32 -40.69
N ASN B 290 4.82 7.02 -40.94
CA ASN B 290 4.81 8.11 -41.92
C ASN B 290 5.84 9.21 -41.64
N HIS B 291 5.93 9.63 -40.38
CA HIS B 291 6.84 10.69 -39.98
C HIS B 291 8.30 10.27 -40.17
N HIS B 292 8.64 9.06 -39.76
CA HIS B 292 10.01 8.57 -39.92
C HIS B 292 10.39 8.45 -41.40
N ILE B 293 9.46 7.97 -42.22
CA ILE B 293 9.68 7.92 -43.66
C ILE B 293 9.96 9.31 -44.19
N ASN B 294 9.24 10.32 -43.69
CA ASN B 294 9.45 11.71 -44.11
C ASN B 294 10.79 12.31 -43.70
N GLN B 295 11.29 11.91 -42.53
CA GLN B 295 12.59 12.38 -42.07
C GLN B 295 13.73 11.69 -42.82
N ALA B 296 13.63 10.37 -42.95
CA ALA B 296 14.63 9.61 -43.69
C ALA B 296 14.70 10.12 -45.13
N LEU B 297 13.56 10.57 -45.62
CA LEU B 297 13.42 11.12 -46.97
C LEU B 297 13.91 12.56 -47.03
N LYS B 298 13.96 13.23 -45.87
CA LYS B 298 14.52 14.56 -45.80
C LYS B 298 16.02 14.44 -45.57
N ALA B 299 16.39 13.43 -44.80
CA ALA B 299 17.79 13.18 -44.51
C ALA B 299 18.58 12.93 -45.81
N HIS B 300 17.91 12.36 -46.80
CA HIS B 300 18.56 11.99 -48.06
C HIS B 300 18.57 13.14 -49.07
N VAL B 301 17.39 13.54 -49.53
CA VAL B 301 17.27 14.53 -50.59
C VAL B 301 17.67 15.94 -50.17
N ALA B 302 17.28 16.34 -48.96
CA ALA B 302 17.44 17.72 -48.53
C ALA B 302 18.72 17.97 -47.73
N MET B 303 19.24 16.92 -47.10
CA MET B 303 20.44 17.06 -46.30
C MET B 303 21.65 16.47 -47.02
N GLN B 304 22.53 17.33 -47.50
CA GLN B 304 23.70 16.89 -48.27
C GLN B 304 24.94 16.71 -47.39
N LYS B 305 25.43 15.47 -47.33
CA LYS B 305 26.61 15.11 -46.55
C LYS B 305 27.80 16.02 -46.88
N ASP B 306 28.45 16.54 -45.84
CA ASP B 306 29.58 17.47 -45.99
C ASP B 306 29.18 18.89 -46.39
N VAL B 307 27.87 19.16 -46.44
CA VAL B 307 27.36 20.48 -46.79
C VAL B 307 26.44 21.02 -45.69
N ASP B 308 25.37 20.26 -45.42
CA ASP B 308 24.43 20.61 -44.36
C ASP B 308 24.94 20.12 -43.00
N TYR B 309 25.68 19.02 -43.01
CA TYR B 309 26.21 18.41 -41.78
C TYR B 309 27.54 17.72 -42.05
N VAL B 310 28.15 17.19 -40.99
CA VAL B 310 29.44 16.54 -41.08
C VAL B 310 29.51 15.27 -40.23
N VAL B 311 30.14 14.24 -40.78
CA VAL B 311 30.46 13.04 -40.01
C VAL B 311 31.87 13.17 -39.45
N GLU B 312 31.99 13.12 -38.13
CA GLU B 312 33.26 13.37 -37.45
C GLU B 312 33.92 12.10 -36.92
N ASP B 313 33.44 11.61 -35.77
CA ASP B 313 33.98 10.41 -35.14
C ASP B 313 32.85 9.46 -34.83
N GLY B 314 32.17 8.99 -35.89
CA GLY B 314 30.95 8.22 -35.72
C GLY B 314 29.84 9.10 -35.17
N GLN B 315 29.87 10.36 -35.56
CA GLN B 315 28.87 11.29 -35.09
C GLN B 315 28.45 12.24 -36.17
N VAL B 316 27.29 12.89 -36.04
CA VAL B 316 26.79 13.87 -37.02
C VAL B 316 26.93 15.27 -36.40
N VAL B 317 27.63 16.18 -37.05
CA VAL B 317 27.78 17.52 -36.51
C VAL B 317 27.17 18.52 -37.46
N ILE B 318 26.57 19.54 -36.89
CA ILE B 318 25.95 20.57 -37.68
C ILE B 318 26.68 21.88 -37.66
N VAL B 319 26.84 22.42 -38.84
CA VAL B 319 27.52 23.67 -39.01
C VAL B 319 26.59 24.69 -39.55
N ASP B 320 26.53 25.86 -38.95
CA ASP B 320 25.61 26.73 -39.58
C ASP B 320 25.37 28.12 -39.17
N SER B 321 25.13 28.36 -37.89
CA SER B 321 24.90 29.74 -37.50
C SER B 321 23.94 30.07 -38.61
N PHE B 322 23.04 30.26 -39.55
CA PHE B 322 23.38 30.97 -40.75
C PHE B 322 23.34 32.44 -40.40
N THR B 323 24.53 32.36 -41.07
CA THR B 323 25.37 31.32 -41.75
C THR B 323 26.75 31.50 -41.17
N GLY B 324 27.45 30.44 -40.82
CA GLY B 324 28.76 30.69 -40.28
C GLY B 324 29.68 29.59 -39.78
N ARG B 325 29.73 29.49 -38.46
CA ARG B 325 30.54 28.52 -37.75
C ARG B 325 29.75 27.37 -37.17
N LEU B 326 30.20 26.15 -37.42
CA LEU B 326 29.52 24.98 -36.93
C LEU B 326 29.55 24.91 -35.42
N MET B 327 28.40 24.61 -34.80
CA MET B 327 28.26 24.50 -33.36
C MET B 327 28.17 23.04 -33.05
N LYS B 328 29.29 22.46 -32.69
CA LYS B 328 29.32 21.05 -32.37
C LYS B 328 28.48 20.54 -31.17
N GLY B 329 27.81 20.26 -30.06
CA GLY B 329 27.12 19.00 -29.84
C GLY B 329 25.61 19.01 -29.88
N ARG B 330 25.04 20.10 -30.36
CA ARG B 330 23.60 20.25 -30.46
C ARG B 330 23.08 19.40 -31.57
N ARG B 331 21.83 18.95 -31.46
CA ARG B 331 21.28 18.12 -32.50
C ARG B 331 19.89 18.51 -32.97
N TYR B 332 19.69 18.66 -34.27
CA TYR B 332 18.35 19.02 -34.73
C TYR B 332 17.28 18.06 -34.22
N SER B 333 16.05 18.53 -34.23
CA SER B 333 14.95 17.86 -33.55
C SER B 333 14.06 17.04 -34.50
N GLU B 334 12.94 16.55 -33.96
CA GLU B 334 11.93 15.83 -34.73
C GLU B 334 12.47 14.55 -35.39
N GLY B 335 13.38 13.87 -34.72
CA GLY B 335 13.96 12.62 -35.24
C GLY B 335 14.80 12.75 -36.50
N LEU B 336 15.11 13.97 -36.92
CA LEU B 336 15.87 14.17 -38.15
C LEU B 336 17.31 13.72 -37.96
N HIS B 337 17.84 13.99 -36.78
CA HIS B 337 19.22 13.65 -36.47
C HIS B 337 19.43 12.15 -36.57
N GLN B 338 18.52 11.40 -35.98
CA GLN B 338 18.58 9.94 -36.04
C GLN B 338 18.48 9.43 -37.48
N ALA B 339 17.57 10.04 -38.26
CA ALA B 339 17.42 9.69 -39.66
C ALA B 339 18.73 9.88 -40.41
N ILE B 340 19.53 10.85 -39.99
CA ILE B 340 20.82 11.08 -40.63
C ILE B 340 21.83 10.02 -40.22
N GLU B 341 21.77 9.60 -38.95
CA GLU B 341 22.65 8.56 -38.44
C GLU B 341 22.35 7.21 -39.09
N ALA B 342 21.10 7.07 -39.48
CA ALA B 342 20.61 5.89 -40.14
C ALA B 342 21.18 5.89 -41.55
N LYS B 343 21.25 7.08 -42.14
CA LYS B 343 21.77 7.20 -43.49
C LYS B 343 23.18 6.66 -43.37
N GLU B 344 23.96 7.20 -42.43
CA GLU B 344 25.35 6.75 -42.23
C GLU B 344 25.52 5.34 -41.67
N GLY B 345 25.61 4.15 -41.12
CA GLY B 345 26.61 3.73 -40.19
C GLY B 345 26.64 4.22 -38.77
N LEU B 346 26.68 5.52 -38.61
CA LEU B 346 26.72 6.00 -37.27
C LEU B 346 25.62 5.38 -36.49
N GLU B 347 25.94 5.06 -35.25
CA GLU B 347 24.99 4.44 -34.35
C GLU B 347 23.91 5.46 -34.03
N ILE B 348 22.69 4.97 -33.86
CA ILE B 348 21.57 5.84 -33.54
C ILE B 348 21.69 6.18 -32.10
N GLN B 349 21.70 7.48 -31.84
CA GLN B 349 21.81 8.00 -30.52
C GLN B 349 20.57 7.70 -29.69
N ASN B 350 20.79 7.36 -28.43
CA ASN B 350 19.73 7.05 -27.50
C ASN B 350 18.85 8.21 -27.12
N GLU B 351 17.69 7.88 -26.62
CA GLU B 351 16.70 8.86 -26.19
C GLU B 351 15.62 8.07 -25.49
N SER B 352 15.32 8.42 -24.24
CA SER B 352 14.29 7.67 -23.52
C SER B 352 12.91 8.26 -23.79
N MET B 353 11.89 7.40 -23.78
CA MET B 353 10.54 7.84 -24.04
C MET B 353 10.09 8.72 -22.89
N THR B 354 9.17 9.64 -23.15
CA THR B 354 8.69 10.45 -22.07
C THR B 354 7.40 9.83 -21.52
N LEU B 355 7.30 9.79 -20.19
CA LEU B 355 6.18 9.15 -19.50
C LEU B 355 5.12 10.18 -19.14
N ALA B 356 5.55 11.42 -18.93
CA ALA B 356 4.64 12.46 -18.46
C ALA B 356 5.19 13.81 -18.84
N THR B 357 4.32 14.68 -19.28
CA THR B 357 4.71 16.01 -19.65
C THR B 357 3.60 17.04 -19.37
N ILE B 358 4.00 18.25 -19.03
CA ILE B 358 3.09 19.37 -18.91
C ILE B 358 3.91 20.66 -19.07
N THR B 359 3.28 21.73 -19.56
CA THR B 359 3.92 23.04 -19.62
C THR B 359 3.42 23.87 -18.47
N PHE B 360 4.10 24.98 -18.21
CA PHE B 360 3.76 25.79 -17.07
C PHE B 360 2.39 26.45 -17.23
N GLN B 361 2.08 26.87 -18.45
CA GLN B 361 0.79 27.50 -18.73
C GLN B 361 -0.32 26.53 -18.36
N ASN B 362 -0.16 25.28 -18.77
CA ASN B 362 -1.12 24.23 -18.48
C ASN B 362 -1.14 23.78 -17.04
N TYR B 363 0.01 23.76 -16.38
CA TYR B 363 0.04 23.45 -14.99
C TYR B 363 -0.73 24.49 -14.17
N PHE B 364 -0.46 25.77 -14.41
CA PHE B 364 -1.02 26.82 -13.57
C PHE B 364 -2.50 27.10 -13.85
N ARG B 365 -2.98 26.77 -15.04
CA ARG B 365 -4.38 26.94 -15.37
C ARG B 365 -5.28 26.00 -14.55
N MET B 366 -4.68 25.07 -13.83
CA MET B 366 -5.44 24.11 -13.05
C MET B 366 -5.84 24.58 -11.65
N TYR B 367 -5.19 25.62 -11.12
CA TYR B 367 -5.57 26.15 -9.83
C TYR B 367 -6.98 26.75 -9.86
N GLU B 368 -7.67 26.77 -8.73
CA GLU B 368 -8.97 27.43 -8.68
C GLU B 368 -8.75 28.91 -8.84
N LYS B 369 -7.68 29.40 -8.21
CA LYS B 369 -7.36 30.83 -8.23
C LYS B 369 -5.87 31.04 -8.48
N LEU B 370 -5.58 32.08 -9.25
CA LEU B 370 -4.23 32.37 -9.70
C LEU B 370 -3.95 33.85 -9.47
N ALA B 371 -2.75 34.17 -9.00
CA ALA B 371 -2.34 35.57 -8.88
C ALA B 371 -0.85 35.68 -9.10
N GLY B 372 -0.37 36.90 -9.31
CA GLY B 372 1.06 37.08 -9.57
C GLY B 372 1.53 38.51 -9.43
N MET B 373 2.82 38.67 -9.20
CA MET B 373 3.41 39.98 -9.03
C MET B 373 4.73 40.05 -9.76
N THR B 374 5.12 41.27 -10.13
CA THR B 374 6.32 41.47 -10.90
C THR B 374 6.53 42.96 -11.10
N GLY B 375 7.76 43.34 -11.40
CA GLY B 375 8.07 44.74 -11.71
C GLY B 375 7.73 45.11 -13.15
N THR B 376 7.44 44.12 -14.00
CA THR B 376 7.20 44.37 -15.43
C THR B 376 6.12 43.46 -16.00
N ALA B 377 4.95 44.02 -16.30
CA ALA B 377 3.86 43.24 -16.84
C ALA B 377 3.09 44.01 -17.90
N LYS B 378 3.22 45.33 -17.89
CA LYS B 378 2.36 46.20 -18.70
C LYS B 378 2.48 45.92 -20.20
N THR B 379 3.70 45.77 -20.68
CA THR B 379 3.92 45.53 -22.11
C THR B 379 3.32 44.21 -22.57
N GLU B 380 2.84 43.40 -21.64
CA GLU B 380 2.20 42.13 -22.00
C GLU B 380 0.81 41.99 -21.40
N GLU B 381 0.19 43.12 -21.14
CA GLU B 381 -1.16 43.14 -20.61
C GLU B 381 -2.11 42.23 -21.38
N GLU B 382 -2.06 42.29 -22.72
CA GLU B 382 -2.95 41.49 -23.56
C GLU B 382 -2.75 40.00 -23.34
N GLU B 383 -1.49 39.60 -23.30
CA GLU B 383 -1.12 38.21 -23.12
C GLU B 383 -1.70 37.63 -21.83
N PHE B 384 -1.63 38.38 -20.74
CA PHE B 384 -2.21 37.91 -19.48
C PHE B 384 -3.72 37.81 -19.56
N ARG B 385 -4.31 38.76 -20.28
CA ARG B 385 -5.75 38.78 -20.44
C ARG B 385 -6.16 37.56 -21.26
N ASN B 386 -5.61 37.43 -22.46
CA ASN B 386 -5.99 36.36 -23.37
C ASN B 386 -5.68 34.95 -22.85
N ILE B 387 -4.45 34.72 -22.42
CA ILE B 387 -4.04 33.37 -21.98
C ILE B 387 -4.58 32.99 -20.61
N TYR B 388 -4.55 33.92 -19.66
CA TYR B 388 -4.90 33.61 -18.27
C TYR B 388 -6.18 34.29 -17.81
N ASN B 389 -6.76 35.12 -18.66
CA ASN B 389 -7.92 35.88 -18.24
C ASN B 389 -7.61 36.65 -16.94
N MET B 390 -6.46 37.30 -16.90
CA MET B 390 -6.07 38.08 -15.72
C MET B 390 -5.79 39.52 -16.10
N GLN B 391 -6.30 40.46 -15.31
CA GLN B 391 -6.02 41.87 -15.52
C GLN B 391 -4.70 42.24 -14.87
N VAL B 392 -4.03 43.22 -15.48
CA VAL B 392 -2.81 43.75 -14.92
C VAL B 392 -3.12 45.09 -14.24
N VAL B 393 -2.84 45.16 -12.94
CA VAL B 393 -3.05 46.37 -12.16
C VAL B 393 -1.73 47.05 -11.90
N THR B 394 -1.61 48.29 -12.33
CA THR B 394 -0.40 49.07 -12.13
C THR B 394 -0.45 49.78 -10.80
N ILE B 395 0.37 49.35 -9.85
CA ILE B 395 0.35 49.97 -8.54
C ILE B 395 1.31 51.14 -8.55
N PRO B 396 0.83 52.32 -8.14
CA PRO B 396 1.70 53.47 -8.06
C PRO B 396 2.87 53.14 -7.14
N THR B 397 4.02 53.78 -7.38
CA THR B 397 5.14 53.59 -6.50
C THR B 397 4.90 54.36 -5.20
N ASN B 398 5.53 53.90 -4.13
CA ASN B 398 5.43 54.55 -2.84
C ASN B 398 5.87 56.00 -2.94
N ARG B 399 7.04 56.20 -3.53
CA ARG B 399 7.60 57.53 -3.70
C ARG B 399 7.81 57.83 -5.19
N PRO B 400 7.85 59.12 -5.55
CA PRO B 400 8.09 59.48 -6.94
C PRO B 400 9.35 58.84 -7.51
N VAL B 401 9.27 58.34 -8.73
CA VAL B 401 10.44 57.84 -9.42
C VAL B 401 11.16 59.02 -10.06
N VAL B 402 12.42 59.25 -9.65
CA VAL B 402 13.20 60.34 -10.20
C VAL B 402 14.38 59.85 -11.03
N ARG B 403 14.54 58.53 -11.13
CA ARG B 403 15.61 57.95 -11.91
C ARG B 403 15.65 58.62 -13.28
N ASP B 404 16.86 58.87 -13.79
CA ASP B 404 16.99 59.47 -15.12
C ASP B 404 17.20 58.43 -16.21
N ASP B 405 16.15 58.14 -16.97
CA ASP B 405 16.22 57.16 -18.04
C ASP B 405 16.50 57.83 -19.38
N ARG B 406 17.75 57.70 -19.83
CA ARG B 406 18.22 58.44 -20.98
C ARG B 406 17.95 57.73 -22.29
N PRO B 407 17.85 58.50 -23.38
CA PRO B 407 17.70 57.99 -24.73
C PRO B 407 18.90 57.13 -25.11
N ASP B 408 18.67 56.10 -25.90
CA ASP B 408 19.71 55.17 -26.31
C ASP B 408 20.85 55.84 -27.05
N LEU B 409 22.04 55.25 -26.95
CA LEU B 409 23.17 55.69 -27.74
C LEU B 409 23.41 54.67 -28.83
N ILE B 410 23.50 55.13 -30.07
CA ILE B 410 23.77 54.26 -31.21
C ILE B 410 25.20 54.39 -31.74
N TYR B 411 25.91 53.27 -31.81
CA TYR B 411 27.27 53.26 -32.33
C TYR B 411 27.29 52.51 -33.64
N ARG B 412 28.36 52.67 -34.41
CA ARG B 412 28.47 52.02 -35.71
C ARG B 412 28.95 50.57 -35.60
N THR B 413 29.83 50.28 -34.65
CA THR B 413 30.39 48.94 -34.50
C THR B 413 30.29 48.43 -33.07
N MET B 414 30.16 47.12 -32.92
CA MET B 414 30.09 46.51 -31.60
C MET B 414 31.31 46.86 -30.75
N GLU B 415 32.49 46.77 -31.35
CA GLU B 415 33.72 47.14 -30.65
C GLU B 415 33.66 48.58 -30.15
N GLY B 416 33.23 49.49 -31.02
CA GLY B 416 33.08 50.90 -30.66
C GLY B 416 32.15 51.08 -29.48
N LYS B 417 31.04 50.35 -29.50
CA LYS B 417 30.07 50.36 -28.41
C LYS B 417 30.70 49.92 -27.08
N PHE B 418 31.41 48.79 -27.11
CA PHE B 418 31.99 48.24 -25.89
C PHE B 418 33.04 49.15 -25.26
N LYS B 419 33.88 49.72 -26.11
CA LYS B 419 34.85 50.72 -25.67
C LYS B 419 34.16 51.89 -24.97
N ALA B 420 33.02 52.32 -25.48
CA ALA B 420 32.31 53.44 -24.89
C ALA B 420 31.68 53.04 -23.56
N VAL B 421 31.19 51.81 -23.48
CA VAL B 421 30.68 51.27 -22.22
C VAL B 421 31.76 51.30 -21.13
N ALA B 422 32.96 50.82 -21.47
CA ALA B 422 34.08 50.78 -20.53
C ALA B 422 34.50 52.16 -20.03
N GLU B 423 34.56 53.12 -20.95
CA GLU B 423 34.85 54.50 -20.59
C GLU B 423 33.80 55.02 -19.61
N ASP B 424 32.54 54.82 -19.94
CA ASP B 424 31.46 55.25 -19.07
C ASP B 424 31.63 54.67 -17.65
N VAL B 425 31.86 53.36 -17.57
CA VAL B 425 32.08 52.72 -16.27
C VAL B 425 33.32 53.30 -15.57
N ALA B 426 34.40 53.50 -16.33
CA ALA B 426 35.63 54.06 -15.74
C ALA B 426 35.36 55.43 -15.12
N GLN B 427 34.72 56.31 -15.88
CA GLN B 427 34.39 57.66 -15.44
C GLN B 427 33.60 57.63 -14.14
N ARG B 428 32.57 56.82 -14.10
CA ARG B 428 31.73 56.75 -12.92
C ARG B 428 32.45 56.12 -11.74
N TYR B 429 33.38 55.21 -12.02
CA TYR B 429 34.16 54.58 -10.97
C TYR B 429 35.05 55.57 -10.24
N MET B 430 35.77 56.40 -11.00
CA MET B 430 36.66 57.41 -10.42
C MET B 430 35.92 58.33 -9.47
N THR B 431 34.66 58.63 -9.77
CA THR B 431 33.86 59.50 -8.92
C THR B 431 33.37 58.78 -7.68
N GLY B 432 33.38 57.45 -7.71
CA GLY B 432 32.83 56.66 -6.62
C GLY B 432 31.39 56.19 -6.81
N GLN B 433 30.71 56.66 -7.86
CA GLN B 433 29.32 56.28 -8.07
C GLN B 433 29.20 54.84 -8.55
N PRO B 434 28.44 54.01 -7.82
CA PRO B 434 28.33 52.59 -8.13
C PRO B 434 27.70 52.37 -9.50
N VAL B 435 28.12 51.29 -10.16
CA VAL B 435 27.71 51.01 -11.53
C VAL B 435 27.26 49.56 -11.68
N LEU B 436 26.12 49.35 -12.32
CA LEU B 436 25.64 48.01 -12.62
C LEU B 436 25.57 47.85 -14.14
N VAL B 437 26.38 46.94 -14.68
CA VAL B 437 26.40 46.68 -16.11
C VAL B 437 25.65 45.40 -16.42
N GLY B 438 24.65 45.48 -17.30
CA GLY B 438 23.85 44.33 -17.70
C GLY B 438 24.07 43.90 -19.14
N THR B 439 24.26 42.60 -19.35
CA THR B 439 24.51 42.07 -20.69
C THR B 439 23.54 40.94 -20.95
N VAL B 440 23.48 40.47 -22.20
CA VAL B 440 22.58 39.37 -22.54
C VAL B 440 23.29 38.01 -22.57
N ALA B 441 24.62 38.00 -22.63
CA ALA B 441 25.36 36.74 -22.79
C ALA B 441 26.69 36.75 -22.04
N VAL B 442 27.15 35.56 -21.65
CA VAL B 442 28.43 35.44 -20.93
C VAL B 442 29.59 35.99 -21.75
N GLU B 443 29.58 35.76 -23.06
CA GLU B 443 30.63 36.23 -23.96
C GLU B 443 30.87 37.73 -23.79
N THR B 444 29.79 38.49 -23.77
CA THR B 444 29.85 39.94 -23.62
C THR B 444 30.35 40.32 -22.22
N SER B 445 29.79 39.68 -21.19
CA SER B 445 30.28 39.90 -19.84
C SER B 445 31.79 39.77 -19.75
N GLU B 446 32.34 38.69 -20.33
CA GLU B 446 33.78 38.46 -20.30
C GLU B 446 34.50 39.57 -21.04
N LEU B 447 33.93 39.95 -22.17
CA LEU B 447 34.45 41.01 -23.01
C LEU B 447 34.60 42.32 -22.20
N ILE B 448 33.52 42.74 -21.55
CA ILE B 448 33.53 43.97 -20.78
C ILE B 448 34.48 43.86 -19.60
N SER B 449 34.44 42.73 -18.92
CA SER B 449 35.32 42.53 -17.77
C SER B 449 36.78 42.72 -18.17
N LYS B 450 37.14 42.16 -19.33
CA LYS B 450 38.50 42.25 -19.83
C LYS B 450 38.89 43.70 -20.06
N LEU B 451 37.98 44.47 -20.66
CA LEU B 451 38.23 45.88 -20.90
C LEU B 451 38.47 46.62 -19.59
N LEU B 452 37.70 46.26 -18.57
CA LEU B 452 37.83 46.92 -17.27
C LEU B 452 39.18 46.62 -16.62
N LYS B 453 39.64 45.36 -16.73
CA LYS B 453 40.95 44.97 -16.20
C LYS B 453 42.05 45.85 -16.77
N ASN B 454 42.06 45.98 -18.10
CA ASN B 454 43.03 46.86 -18.77
C ASN B 454 43.00 48.28 -18.26
N LYS B 455 41.86 48.72 -17.75
CA LYS B 455 41.76 50.05 -17.14
C LYS B 455 42.13 50.07 -15.65
N GLY B 456 42.30 48.90 -15.05
CA GLY B 456 42.66 48.81 -13.64
C GLY B 456 41.48 48.95 -12.70
N ILE B 457 40.28 48.73 -13.22
CA ILE B 457 39.05 48.92 -12.46
C ILE B 457 38.53 47.61 -11.85
N PRO B 458 38.48 47.55 -10.50
CA PRO B 458 38.01 46.32 -9.85
C PRO B 458 36.50 46.17 -10.06
N HIS B 459 36.04 44.92 -10.16
CA HIS B 459 34.65 44.64 -10.42
C HIS B 459 34.31 43.18 -10.17
N GLN B 460 33.03 42.87 -10.09
CA GLN B 460 32.59 41.48 -9.99
C GLN B 460 31.71 41.07 -11.15
N VAL B 461 31.83 39.82 -11.58
CA VAL B 461 30.94 39.30 -12.62
C VAL B 461 30.12 38.11 -12.14
N LEU B 462 28.82 38.21 -12.39
CA LEU B 462 27.87 37.17 -12.02
C LEU B 462 27.38 36.49 -13.27
N ASN B 463 27.78 35.27 -13.48
CA ASN B 463 27.37 34.55 -14.64
C ASN B 463 26.12 33.70 -14.51
N ALA B 464 25.26 34.10 -13.59
CA ALA B 464 24.01 33.43 -13.34
C ALA B 464 24.03 31.99 -12.86
N LYS B 465 24.99 31.64 -12.03
CA LYS B 465 25.03 30.29 -11.56
C LYS B 465 24.67 30.16 -10.10
N ASN B 466 25.60 30.44 -9.22
CA ASN B 466 25.33 30.33 -7.81
C ASN B 466 24.53 31.49 -7.29
N HIS B 467 23.26 31.22 -7.05
CA HIS B 467 22.30 32.18 -6.55
C HIS B 467 22.64 32.72 -5.20
N GLU B 468 23.15 31.90 -4.31
CA GLU B 468 23.50 32.35 -2.98
C GLU B 468 24.62 33.37 -3.04
N ARG B 469 25.62 33.11 -3.86
CA ARG B 469 26.75 34.03 -4.02
C ARG B 469 26.29 35.29 -4.74
N GLU B 470 25.48 35.11 -5.78
CA GLU B 470 24.93 36.21 -6.53
C GLU B 470 24.32 37.26 -5.59
N ALA B 471 23.51 36.78 -4.65
CA ALA B 471 22.79 37.68 -3.77
C ALA B 471 23.71 38.45 -2.81
N GLN B 472 24.83 37.83 -2.42
CA GLN B 472 25.75 38.49 -1.52
C GLN B 472 26.49 39.63 -2.22
N ILE B 473 27.03 39.33 -3.39
CA ILE B 473 27.63 40.36 -4.24
C ILE B 473 26.66 41.52 -4.52
N ILE B 474 25.52 41.19 -5.12
CA ILE B 474 24.53 42.19 -5.51
C ILE B 474 24.07 43.05 -4.35
N GLU B 475 23.95 42.43 -3.18
CA GLU B 475 23.58 43.18 -1.99
C GLU B 475 24.51 44.37 -1.77
N GLU B 476 25.76 44.24 -2.22
CA GLU B 476 26.77 45.27 -2.03
C GLU B 476 26.96 46.17 -3.25
N ALA B 477 26.13 45.99 -4.26
CA ALA B 477 26.35 46.67 -5.53
C ALA B 477 26.05 48.19 -5.53
N GLY B 478 25.54 48.73 -4.42
CA GLY B 478 25.24 50.16 -4.34
C GLY B 478 26.17 50.94 -3.43
N GLN B 479 27.29 50.32 -3.06
CA GLN B 479 28.31 50.96 -2.24
C GLN B 479 29.29 51.76 -3.10
N LYS B 480 29.89 52.79 -2.53
CA LYS B 480 30.87 53.58 -3.26
C LYS B 480 31.95 52.70 -3.87
N GLY B 481 32.23 52.89 -5.16
CA GLY B 481 33.29 52.13 -5.83
C GLY B 481 32.84 50.78 -6.36
N ALA B 482 31.58 50.43 -6.12
CA ALA B 482 31.05 49.15 -6.56
C ALA B 482 30.90 49.11 -8.08
N VAL B 483 31.39 48.03 -8.70
CA VAL B 483 31.18 47.78 -10.12
C VAL B 483 30.80 46.31 -10.35
N THR B 484 29.58 46.07 -10.83
CA THR B 484 29.08 44.72 -10.99
C THR B 484 28.63 44.48 -12.43
N ILE B 485 29.10 43.38 -13.02
CA ILE B 485 28.64 42.94 -14.33
C ILE B 485 27.69 41.75 -14.19
N ALA B 486 26.44 41.92 -14.63
CA ALA B 486 25.38 40.94 -14.42
C ALA B 486 24.81 40.43 -15.74
N THR B 487 24.98 39.14 -15.99
CA THR B 487 24.52 38.51 -17.21
C THR B 487 23.08 38.04 -17.04
N ASN B 488 22.19 38.56 -17.89
CA ASN B 488 20.81 38.07 -17.94
C ASN B 488 20.12 38.07 -16.59
N MET B 489 19.99 39.25 -16.01
CA MET B 489 19.25 39.38 -14.76
C MET B 489 19.75 38.46 -13.65
N ALA B 490 21.05 38.20 -13.64
CA ALA B 490 21.67 37.51 -12.51
C ALA B 490 21.31 38.26 -11.22
N GLY B 491 21.20 37.53 -10.12
CA GLY B 491 20.87 38.14 -8.83
C GLY B 491 19.48 38.75 -8.79
N ARG B 492 18.59 38.24 -9.64
CA ARG B 492 17.20 38.68 -9.66
C ARG B 492 16.61 38.56 -8.26
N GLY B 493 15.98 39.63 -7.77
CA GLY B 493 15.19 39.56 -6.54
C GLY B 493 15.92 39.97 -5.28
N THR B 494 17.12 40.50 -5.44
CA THR B 494 17.86 41.07 -4.34
C THR B 494 17.92 42.58 -4.54
N ASP B 495 17.30 43.31 -3.61
CA ASP B 495 17.32 44.76 -3.64
C ASP B 495 18.74 45.31 -3.51
N ILE B 496 19.04 46.33 -4.30
CA ILE B 496 20.31 47.02 -4.17
C ILE B 496 20.14 48.34 -3.43
N LYS B 497 20.62 48.38 -2.20
CA LYS B 497 20.53 49.57 -1.38
C LYS B 497 21.74 50.50 -1.58
N LEU B 498 21.48 51.80 -1.47
CA LEU B 498 22.52 52.81 -1.58
C LEU B 498 23.25 52.98 -0.24
N GLY B 499 24.57 52.78 -0.24
CA GLY B 499 25.37 53.01 0.97
C GLY B 499 25.57 54.49 1.28
N GLU B 500 26.30 54.78 2.35
CA GLU B 500 26.49 56.16 2.81
C GLU B 500 27.18 57.03 1.74
N GLY B 501 26.62 58.21 1.51
CA GLY B 501 27.18 59.17 0.55
C GLY B 501 26.76 58.94 -0.89
N VAL B 502 26.19 57.78 -1.18
CA VAL B 502 25.90 57.40 -2.56
C VAL B 502 24.80 58.26 -3.22
N LYS B 503 23.69 58.50 -2.51
CA LYS B 503 22.68 59.46 -2.98
C LYS B 503 23.35 60.68 -3.60
N GLU B 504 24.29 61.27 -2.86
CA GLU B 504 25.02 62.46 -3.27
C GLU B 504 25.77 62.25 -4.57
N LEU B 505 26.13 61.00 -4.88
CA LEU B 505 26.88 60.70 -6.10
C LEU B 505 25.99 60.46 -7.33
N GLY B 506 24.68 60.44 -7.12
CA GLY B 506 23.74 60.24 -8.21
C GLY B 506 23.05 58.88 -8.20
N GLY B 507 23.36 58.08 -7.19
CA GLY B 507 22.73 56.77 -7.02
C GLY B 507 23.32 55.75 -7.96
N LEU B 508 22.66 54.62 -8.11
CA LEU B 508 23.14 53.54 -8.97
C LEU B 508 23.05 53.92 -10.44
N ALA B 509 24.16 53.79 -11.15
CA ALA B 509 24.13 53.97 -12.59
C ALA B 509 24.05 52.59 -13.21
N VAL B 510 23.03 52.37 -14.02
CA VAL B 510 22.94 51.10 -14.72
C VAL B 510 23.23 51.29 -16.20
N VAL B 511 24.15 50.47 -16.70
CA VAL B 511 24.50 50.48 -18.11
C VAL B 511 24.09 49.18 -18.76
N GLY B 512 23.28 49.27 -19.81
CA GLY B 512 22.90 48.09 -20.58
C GLY B 512 23.70 48.05 -21.86
N THR B 513 24.35 46.91 -22.12
CA THR B 513 25.27 46.78 -23.24
C THR B 513 24.57 46.43 -24.55
N GLU B 514 23.30 46.06 -24.45
CA GLU B 514 22.49 45.78 -25.62
C GLU B 514 21.05 45.71 -25.17
N ARG B 515 20.11 45.62 -26.10
CA ARG B 515 18.71 45.42 -25.77
C ARG B 515 18.25 44.03 -26.18
N HIS B 516 17.33 43.45 -25.41
CA HIS B 516 16.72 42.18 -25.75
C HIS B 516 15.65 42.41 -26.79
N GLU B 517 15.16 41.32 -27.38
CA GLU B 517 13.95 41.37 -28.20
C GLU B 517 12.80 42.01 -27.44
N SER B 518 12.66 41.64 -26.17
CA SER B 518 11.59 42.17 -25.34
C SER B 518 12.03 43.39 -24.55
N ARG B 519 11.20 44.44 -24.61
CA ARG B 519 11.43 45.64 -23.83
C ARG B 519 11.37 45.27 -22.37
N ARG B 520 10.48 44.35 -22.06
CA ARG B 520 10.20 43.95 -20.68
C ARG B 520 11.49 43.52 -19.99
N ILE B 521 12.27 42.66 -20.64
CA ILE B 521 13.55 42.25 -20.07
C ILE B 521 14.48 43.45 -19.86
N ASP B 522 14.55 44.34 -20.83
CA ASP B 522 15.32 45.58 -20.69
C ASP B 522 14.87 46.39 -19.48
N ASN B 523 13.56 46.57 -19.32
CA ASN B 523 13.02 47.30 -18.15
C ASN B 523 13.37 46.63 -16.81
N GLN B 524 13.56 45.32 -16.81
CA GLN B 524 13.94 44.63 -15.58
C GLN B 524 15.31 45.09 -15.12
N LEU B 525 16.20 45.34 -16.08
CA LEU B 525 17.50 45.86 -15.76
C LEU B 525 17.37 47.33 -15.35
N ARG B 526 16.61 48.10 -16.14
CA ARG B 526 16.43 49.51 -15.83
C ARG B 526 15.92 49.74 -14.40
N GLY B 527 14.97 48.91 -13.97
CA GLY B 527 14.37 49.06 -12.65
C GLY B 527 15.27 48.77 -11.46
N ARG B 528 16.48 48.27 -11.68
CA ARG B 528 17.33 47.96 -10.53
C ARG B 528 17.90 49.22 -9.91
N SER B 529 17.79 50.34 -10.62
CA SER B 529 18.20 51.63 -10.07
C SER B 529 16.98 52.47 -9.78
N GLY B 530 17.12 53.45 -8.90
CA GLY B 530 16.06 54.44 -8.67
C GLY B 530 14.95 53.85 -7.84
N ARG B 531 15.31 52.93 -6.96
CA ARG B 531 14.36 52.26 -6.11
C ARG B 531 13.98 53.17 -4.93
N GLN B 532 12.74 53.06 -4.46
CA GLN B 532 12.25 53.81 -3.30
C GLN B 532 12.54 55.32 -3.34
N GLY B 533 12.43 55.91 -4.52
CA GLY B 533 12.56 57.35 -4.66
C GLY B 533 14.01 57.80 -4.77
N ASP B 534 14.93 56.86 -4.70
CA ASP B 534 16.35 57.15 -4.83
C ASP B 534 16.65 57.86 -6.13
N PRO B 535 17.69 58.69 -6.15
CA PRO B 535 18.20 59.18 -7.42
C PRO B 535 18.94 58.04 -8.11
N GLY B 536 19.14 58.15 -9.42
CA GLY B 536 19.82 57.13 -10.19
C GLY B 536 19.74 57.41 -11.68
N ILE B 537 20.54 56.71 -12.47
CA ILE B 537 20.60 56.95 -13.90
C ILE B 537 20.67 55.66 -14.71
N THR B 538 20.11 55.71 -15.92
CA THR B 538 19.97 54.54 -16.76
C THR B 538 20.37 54.86 -18.21
N GLN B 539 21.19 54.00 -18.79
CA GLN B 539 21.70 54.25 -20.15
C GLN B 539 21.88 52.94 -20.94
N PHE B 540 21.22 52.83 -22.09
CA PHE B 540 21.45 51.66 -22.95
C PHE B 540 22.34 52.02 -24.13
N TYR B 541 23.22 51.10 -24.51
CA TYR B 541 24.08 51.24 -25.69
C TYR B 541 23.68 50.24 -26.77
N LEU B 542 23.64 50.69 -28.02
CA LEU B 542 23.42 49.75 -29.12
C LEU B 542 24.35 50.07 -30.26
N SER B 543 24.44 49.16 -31.22
CA SER B 543 25.22 49.43 -32.42
C SER B 543 24.57 48.81 -33.66
N MET B 544 24.92 49.36 -34.82
CA MET B 544 24.42 48.87 -36.08
C MET B 544 24.69 47.38 -36.25
N GLU B 545 25.72 46.89 -35.58
CA GLU B 545 26.08 45.47 -35.71
C GLU B 545 25.37 44.55 -34.72
N ASP B 546 24.54 45.12 -33.85
CA ASP B 546 23.81 44.32 -32.88
C ASP B 546 22.80 43.39 -33.55
N GLU B 547 22.59 42.23 -32.92
CA GLU B 547 21.59 41.26 -33.32
C GLU B 547 20.22 41.93 -33.53
N LEU B 548 19.79 42.70 -32.54
CA LEU B 548 18.50 43.36 -32.57
C LEU B 548 18.40 44.33 -33.75
N MET B 549 19.49 45.00 -34.04
CA MET B 549 19.52 45.97 -35.10
C MET B 549 19.43 45.50 -36.48
N ARG B 550 19.54 44.23 -36.71
CA ARG B 550 19.44 43.83 -38.07
C ARG B 550 18.21 43.03 -38.25
N ARG B 551 17.70 42.56 -37.14
CA ARG B 551 16.53 41.75 -37.14
C ARG B 551 15.21 42.26 -37.62
N PHE B 552 14.86 43.50 -37.38
CA PHE B 552 13.58 43.92 -37.87
C PHE B 552 13.79 45.11 -38.69
N GLY B 553 12.76 45.59 -39.34
CA GLY B 553 12.95 46.76 -40.16
C GLY B 553 13.70 47.87 -39.47
N ALA B 554 14.43 47.52 -38.43
CA ALA B 554 15.18 48.50 -37.71
C ALA B 554 16.48 48.61 -38.45
N GLU B 555 16.75 47.65 -39.32
CA GLU B 555 17.98 47.66 -40.08
C GLU B 555 17.94 48.81 -41.04
N ARG B 556 16.73 49.20 -41.39
CA ARG B 556 16.49 50.31 -42.29
C ARG B 556 16.90 51.67 -41.78
N THR B 557 16.67 51.89 -40.49
CA THR B 557 16.99 53.14 -39.89
C THR B 557 18.49 53.22 -39.84
N MET B 558 19.10 52.10 -39.54
CA MET B 558 20.53 52.02 -39.47
C MET B 558 21.19 52.24 -40.81
N ALA B 559 20.54 51.77 -41.85
CA ALA B 559 21.06 51.91 -43.19
C ALA B 559 21.16 53.36 -43.54
N MET B 560 20.15 54.09 -43.15
CA MET B 560 20.14 55.49 -43.44
C MET B 560 21.22 56.15 -42.64
N LEU B 561 21.31 55.78 -41.38
CA LEU B 561 22.34 56.41 -40.59
C LEU B 561 23.70 56.18 -41.20
N ASP B 562 23.89 55.01 -41.75
CA ASP B 562 25.15 54.68 -42.35
C ASP B 562 25.42 55.65 -43.47
N ARG B 563 24.41 55.92 -44.26
CA ARG B 563 24.56 56.85 -45.38
C ARG B 563 24.91 58.26 -44.95
N PHE B 564 24.23 58.72 -43.91
CA PHE B 564 24.41 60.05 -43.34
C PHE B 564 25.87 60.30 -42.92
N GLY B 565 26.53 59.24 -42.48
CA GLY B 565 27.97 59.31 -42.23
C GLY B 565 28.34 59.21 -40.77
N MET B 566 27.42 58.69 -39.97
CA MET B 566 27.64 58.56 -38.53
C MET B 566 28.86 57.68 -38.24
N ASP B 567 29.49 57.93 -37.09
CA ASP B 567 30.77 57.31 -36.77
C ASP B 567 30.76 56.75 -35.35
N ASP B 568 31.71 55.88 -35.03
CA ASP B 568 31.88 55.44 -33.64
C ASP B 568 32.32 56.61 -32.76
N SER B 569 32.87 57.64 -33.37
CA SER B 569 33.29 58.83 -32.64
C SER B 569 32.17 59.88 -32.64
N THR B 570 31.04 59.54 -33.22
CA THR B 570 29.87 60.41 -33.19
C THR B 570 28.59 59.59 -33.02
N PRO B 571 28.45 58.90 -31.88
CA PRO B 571 27.25 58.11 -31.64
C PRO B 571 26.00 58.98 -31.70
N ILE B 572 24.90 58.39 -32.13
CA ILE B 572 23.63 59.10 -32.21
C ILE B 572 22.88 58.91 -30.92
N GLN B 573 22.34 60.00 -30.40
CA GLN B 573 21.47 59.95 -29.25
C GLN B 573 20.30 60.87 -29.53
N SER B 574 19.22 60.31 -30.08
CA SER B 574 18.04 61.08 -30.43
C SER B 574 16.76 60.41 -29.98
N LYS B 575 15.78 61.22 -29.59
CA LYS B 575 14.45 60.77 -29.23
C LYS B 575 13.81 59.94 -30.34
N MET B 576 13.99 60.38 -31.57
CA MET B 576 13.39 59.70 -32.73
C MET B 576 13.94 58.29 -32.88
N VAL B 577 15.25 58.18 -32.84
CA VAL B 577 15.88 56.89 -33.04
C VAL B 577 15.57 55.97 -31.88
N SER B 578 15.59 56.51 -30.67
CA SER B 578 15.29 55.69 -29.52
C SER B 578 13.87 55.14 -29.57
N ARG B 579 12.91 55.91 -30.08
CA ARG B 579 11.54 55.41 -30.28
C ARG B 579 11.42 54.42 -31.43
N ALA B 580 12.20 54.64 -32.49
CA ALA B 580 12.26 53.66 -33.56
C ALA B 580 12.61 52.28 -33.01
N VAL B 581 13.54 52.23 -32.05
CA VAL B 581 13.94 50.98 -31.41
C VAL B 581 12.82 50.42 -30.54
N GLU B 582 12.27 51.25 -29.67
CA GLU B 582 11.12 50.81 -28.90
C GLU B 582 9.97 50.31 -29.78
N SER B 583 9.64 51.07 -30.83
CA SER B 583 8.54 50.67 -31.73
C SER B 583 8.85 49.38 -32.45
N SER B 584 10.11 49.20 -32.82
CA SER B 584 10.52 47.97 -33.45
C SER B 584 10.48 46.77 -32.47
N GLN B 585 10.61 47.03 -31.17
CA GLN B 585 10.47 45.98 -30.14
C GLN B 585 8.99 45.64 -29.92
N LYS B 586 8.13 46.64 -30.00
CA LYS B 586 6.70 46.43 -29.86
C LYS B 586 6.12 45.60 -31.01
N ARG B 587 6.65 45.78 -32.21
CA ARG B 587 6.16 44.99 -33.34
C ARG B 587 6.58 43.54 -33.20
N VAL B 588 7.85 43.31 -32.85
CA VAL B 588 8.32 41.95 -32.64
C VAL B 588 7.58 41.26 -31.50
N GLU B 589 7.29 42.02 -30.44
CA GLU B 589 6.52 41.47 -29.36
C GLU B 589 5.13 41.09 -29.88
N GLY B 590 4.61 41.92 -30.79
CA GLY B 590 3.33 41.64 -31.45
C GLY B 590 3.36 40.35 -32.24
N ASN B 591 4.41 40.13 -33.02
CA ASN B 591 4.56 38.89 -33.77
C ASN B 591 4.69 37.68 -32.84
N ASN B 592 5.47 37.81 -31.77
CA ASN B 592 5.68 36.71 -30.84
C ASN B 592 4.37 36.32 -30.15
N PHE B 593 3.57 37.34 -29.81
CA PHE B 593 2.27 37.12 -29.20
C PHE B 593 1.31 36.35 -30.12
N ASP B 594 1.26 36.75 -31.39
CA ASP B 594 0.44 36.06 -32.38
C ASP B 594 0.88 34.61 -32.56
N SER B 595 2.18 34.38 -32.57
CA SER B 595 2.69 33.01 -32.66
C SER B 595 2.31 32.23 -31.43
N ARG B 596 2.44 32.85 -30.26
CA ARG B 596 2.12 32.17 -29.02
C ARG B 596 0.66 31.74 -28.96
N LYS B 597 -0.24 32.65 -29.36
CA LYS B 597 -1.69 32.36 -29.44
C LYS B 597 -1.95 31.15 -30.30
N GLN B 598 -1.36 31.13 -31.49
CA GLN B 598 -1.52 30.05 -32.43
C GLN B 598 -0.98 28.74 -31.82
N LEU B 599 0.19 28.82 -31.20
CA LEU B 599 0.81 27.65 -30.60
C LEU B 599 -0.03 27.08 -29.45
N LEU B 600 -0.64 27.95 -28.65
CA LEU B 600 -1.45 27.51 -27.51
C LEU B 600 -2.69 26.71 -27.93
N GLN B 601 -3.25 27.03 -29.08
CA GLN B 601 -4.39 26.27 -29.56
C GLN B 601 -3.98 24.83 -29.90
N TYR B 602 -2.80 24.67 -30.50
CA TYR B 602 -2.25 23.35 -30.71
C TYR B 602 -2.04 22.66 -29.36
N ASP B 603 -1.36 23.34 -28.43
CA ASP B 603 -1.06 22.77 -27.10
C ASP B 603 -2.31 22.27 -26.40
N ASP B 604 -3.43 22.88 -26.71
CA ASP B 604 -4.66 22.61 -26.01
C ASP B 604 -5.22 21.21 -26.28
N VAL B 605 -4.86 20.63 -27.41
CA VAL B 605 -5.39 19.32 -27.78
C VAL B 605 -4.83 18.25 -26.84
N LEU B 606 -3.52 18.22 -26.66
CA LEU B 606 -2.91 17.25 -25.75
C LEU B 606 -3.29 17.59 -24.30
N ARG B 607 -3.45 18.87 -24.02
CA ARG B 607 -3.80 19.35 -22.68
C ARG B 607 -5.11 18.70 -22.21
N GLN B 608 -6.14 18.75 -23.05
CA GLN B 608 -7.43 18.21 -22.68
C GLN B 608 -7.42 16.70 -22.62
N GLN B 609 -6.67 16.07 -23.51
CA GLN B 609 -6.50 14.63 -23.46
C GLN B 609 -5.83 14.19 -22.15
N ARG B 610 -4.77 14.89 -21.73
CA ARG B 610 -4.11 14.59 -20.46
C ARG B 610 -5.11 14.69 -19.31
N GLU B 611 -6.01 15.67 -19.40
CA GLU B 611 -6.94 15.85 -18.30
C GLU B 611 -7.96 14.73 -18.24
N VAL B 612 -8.39 14.24 -19.40
CA VAL B 612 -9.32 13.12 -19.43
C VAL B 612 -8.64 11.84 -18.95
N ILE B 613 -7.44 11.57 -19.43
CA ILE B 613 -6.75 10.35 -19.07
C ILE B 613 -6.30 10.39 -17.59
N TYR B 614 -5.82 11.53 -17.10
CA TYR B 614 -5.47 11.62 -15.66
C TYR B 614 -6.66 11.41 -14.71
N LYS B 615 -7.84 11.89 -15.09
CA LYS B 615 -9.02 11.70 -14.27
C LYS B 615 -9.44 10.24 -14.24
N GLN B 616 -9.33 9.58 -15.39
CA GLN B 616 -9.70 8.17 -15.53
C GLN B 616 -8.74 7.28 -14.72
N ARG B 617 -7.44 7.58 -14.78
CA ARG B 617 -6.43 6.87 -14.02
C ARG B 617 -6.61 7.07 -12.51
N PHE B 618 -7.02 8.26 -12.10
CA PHE B 618 -7.27 8.52 -10.69
C PHE B 618 -8.48 7.71 -10.23
N GLU B 619 -9.52 7.64 -11.06
CA GLU B 619 -10.70 6.83 -10.72
C GLU B 619 -10.27 5.43 -10.35
N VAL B 620 -9.29 4.92 -11.09
CA VAL B 620 -8.81 3.57 -10.90
C VAL B 620 -8.21 3.38 -9.50
N ILE B 621 -7.26 4.22 -9.13
CA ILE B 621 -6.54 4.03 -7.88
C ILE B 621 -7.39 4.45 -6.69
N ASP B 622 -8.52 5.10 -6.96
CA ASP B 622 -9.38 5.63 -5.91
C ASP B 622 -10.69 4.84 -5.76
N SER B 623 -10.87 3.80 -6.56
CA SER B 623 -12.13 3.06 -6.53
C SER B 623 -12.01 1.90 -5.55
N GLU B 624 -13.10 1.63 -4.84
CA GLU B 624 -13.13 0.53 -3.88
C GLU B 624 -13.05 -0.81 -4.60
N ASN B 625 -13.94 -0.97 -5.58
CA ASN B 625 -13.99 -2.18 -6.38
C ASN B 625 -13.82 -1.80 -7.86
N LEU B 626 -12.87 -2.46 -8.51
CA LEU B 626 -12.53 -2.16 -9.90
C LEU B 626 -13.41 -2.92 -10.87
N ARG B 627 -14.21 -3.83 -10.33
CA ARG B 627 -15.08 -4.65 -11.15
C ARG B 627 -15.84 -3.81 -12.18
N GLU B 628 -16.56 -2.80 -11.69
CA GLU B 628 -17.37 -1.97 -12.56
C GLU B 628 -16.55 -1.38 -13.70
N ILE B 629 -15.46 -0.70 -13.33
CA ILE B 629 -14.59 -0.12 -14.32
C ILE B 629 -14.11 -1.16 -15.30
N VAL B 630 -13.59 -2.28 -14.78
CA VAL B 630 -13.05 -3.33 -15.63
C VAL B 630 -14.11 -4.02 -16.50
N GLU B 631 -15.26 -4.35 -15.92
CA GLU B 631 -16.33 -4.97 -16.69
C GLU B 631 -16.73 -4.08 -17.86
N ASN B 632 -16.89 -2.79 -17.58
CA ASN B 632 -17.14 -1.80 -18.63
C ASN B 632 -16.15 -1.85 -19.78
N MET B 633 -14.86 -1.87 -19.46
CA MET B 633 -13.82 -1.97 -20.46
C MET B 633 -13.98 -3.22 -21.31
N ILE B 634 -14.24 -4.35 -20.64
CA ILE B 634 -14.44 -5.63 -21.29
C ILE B 634 -15.64 -5.63 -22.23
N LYS B 635 -16.78 -5.15 -21.73
CA LYS B 635 -18.00 -5.05 -22.54
C LYS B 635 -17.75 -4.19 -23.78
N SER B 636 -17.24 -2.97 -23.58
CA SER B 636 -16.99 -2.04 -24.67
C SER B 636 -16.15 -2.67 -25.77
N SER B 637 -15.16 -3.45 -25.39
CA SER B 637 -14.25 -4.01 -26.36
C SER B 637 -14.89 -5.25 -27.02
N LEU B 638 -15.73 -5.94 -26.27
CA LEU B 638 -16.50 -7.07 -26.78
C LEU B 638 -17.47 -6.57 -27.85
N GLU B 639 -18.10 -5.43 -27.56
CA GLU B 639 -19.06 -4.84 -28.48
C GLU B 639 -18.38 -4.50 -29.80
N ARG B 640 -17.10 -4.14 -29.75
CA ARG B 640 -16.34 -3.81 -30.95
C ARG B 640 -15.95 -5.05 -31.73
N ALA B 641 -15.62 -6.12 -31.01
CA ALA B 641 -15.29 -7.38 -31.67
C ALA B 641 -16.51 -7.92 -32.40
N ILE B 642 -17.67 -7.80 -31.75
CA ILE B 642 -18.94 -8.22 -32.34
C ILE B 642 -19.33 -7.36 -33.55
N ALA B 643 -19.40 -6.05 -33.35
CA ALA B 643 -19.77 -5.13 -34.44
C ALA B 643 -18.92 -5.35 -35.69
N ALA B 644 -17.69 -5.76 -35.52
CA ALA B 644 -16.84 -5.98 -36.67
C ALA B 644 -17.17 -7.21 -37.44
N TYR B 645 -18.04 -8.06 -36.92
CA TYR B 645 -18.36 -9.27 -37.64
C TYR B 645 -19.82 -9.31 -38.06
N THR B 646 -20.60 -8.34 -37.64
CA THR B 646 -21.99 -8.35 -38.00
C THR B 646 -22.40 -7.04 -38.61
N PRO B 647 -21.82 -6.81 -39.77
CA PRO B 647 -22.06 -5.61 -40.57
C PRO B 647 -23.48 -5.56 -40.98
N ARG B 648 -24.06 -4.38 -41.03
CA ARG B 648 -25.44 -4.27 -41.42
C ARG B 648 -25.51 -4.87 -42.79
N GLU B 649 -24.47 -4.61 -43.55
CA GLU B 649 -24.37 -5.09 -44.88
C GLU B 649 -23.89 -6.52 -44.86
N GLU B 650 -24.77 -7.43 -44.48
CA GLU B 650 -24.38 -8.80 -44.44
C GLU B 650 -22.90 -8.84 -44.18
N TRP B 655 -24.29 -16.19 -44.28
CA TRP B 655 -24.63 -14.79 -44.08
C TRP B 655 -23.45 -14.01 -43.48
N LYS B 656 -23.20 -14.20 -42.19
CA LYS B 656 -22.03 -13.63 -41.50
C LYS B 656 -20.92 -14.69 -41.38
N LEU B 657 -19.69 -14.24 -41.11
CA LEU B 657 -18.57 -15.15 -40.93
C LEU B 657 -18.19 -15.23 -39.46
N ASP B 658 -17.95 -16.44 -38.95
CA ASP B 658 -17.79 -16.62 -37.51
C ASP B 658 -16.42 -17.05 -37.02
N GLY B 659 -15.40 -16.30 -37.43
CA GLY B 659 -14.11 -16.34 -36.76
C GLY B 659 -14.28 -15.53 -35.49
N LEU B 660 -15.49 -14.99 -35.33
CA LEU B 660 -15.91 -14.30 -34.13
C LEU B 660 -15.82 -15.20 -32.90
N VAL B 661 -16.35 -16.42 -33.00
CA VAL B 661 -16.34 -17.33 -31.86
C VAL B 661 -14.90 -17.62 -31.43
N ASP B 662 -14.02 -17.82 -32.41
CA ASP B 662 -12.60 -18.09 -32.16
C ASP B 662 -11.95 -16.93 -31.43
N LEU B 663 -12.25 -15.71 -31.87
CA LEU B 663 -11.72 -14.53 -31.22
C LEU B 663 -12.19 -14.50 -29.76
N ILE B 664 -13.48 -14.70 -29.55
CA ILE B 664 -14.09 -14.66 -28.22
C ILE B 664 -13.46 -15.68 -27.28
N ASN B 665 -13.07 -16.82 -27.82
CA ASN B 665 -12.46 -17.89 -27.03
C ASN B 665 -10.97 -17.66 -26.82
N THR B 666 -10.41 -16.74 -27.58
CA THR B 666 -9.00 -16.44 -27.51
C THR B 666 -8.73 -15.18 -26.70
N THR B 667 -9.79 -14.42 -26.45
CA THR B 667 -9.63 -13.10 -25.83
C THR B 667 -10.35 -12.94 -24.50
N TYR B 668 -11.58 -13.41 -24.42
CA TYR B 668 -12.40 -13.22 -23.23
C TYR B 668 -12.69 -14.51 -22.46
N LEU B 669 -12.76 -15.62 -23.19
CA LEU B 669 -13.11 -16.92 -22.61
C LEU B 669 -12.02 -17.97 -22.81
N ASP B 670 -12.38 -19.23 -22.64
CA ASP B 670 -11.42 -20.29 -22.81
C ASP B 670 -11.70 -20.99 -24.09
N GLU B 671 -10.77 -21.83 -24.50
CA GLU B 671 -10.95 -22.55 -25.72
C GLU B 671 -12.22 -23.36 -25.73
N GLY B 672 -12.91 -23.28 -26.85
CA GLY B 672 -14.14 -23.97 -27.07
C GLY B 672 -15.24 -23.81 -26.06
N ALA B 673 -15.41 -22.63 -25.50
CA ALA B 673 -16.46 -22.48 -24.53
C ALA B 673 -17.68 -21.85 -25.16
N LEU B 674 -17.59 -21.56 -26.43
CA LEU B 674 -18.68 -20.97 -27.13
C LEU B 674 -18.68 -21.46 -28.55
N GLU B 675 -19.82 -21.28 -29.21
CA GLU B 675 -19.99 -21.70 -30.59
C GLU B 675 -21.21 -20.98 -31.07
N LYS B 676 -21.70 -21.31 -32.24
CA LYS B 676 -22.88 -20.65 -32.75
C LYS B 676 -23.96 -21.26 -31.94
N SER B 677 -23.79 -21.04 -30.66
CA SER B 677 -24.67 -21.51 -29.65
C SER B 677 -25.31 -20.25 -29.22
N ASP B 678 -26.60 -20.17 -29.42
CA ASP B 678 -27.29 -19.00 -29.01
C ASP B 678 -26.66 -17.83 -29.74
N ILE B 679 -26.10 -18.08 -30.90
CA ILE B 679 -25.49 -17.00 -31.64
C ILE B 679 -26.07 -16.78 -33.00
N PHE B 680 -25.96 -17.80 -33.83
CA PHE B 680 -26.48 -17.70 -35.16
C PHE B 680 -27.94 -17.42 -35.08
N GLY B 681 -28.40 -16.48 -35.89
CA GLY B 681 -29.78 -16.11 -35.90
C GLY B 681 -30.16 -15.11 -34.84
N LYS B 682 -29.18 -14.46 -34.25
CA LYS B 682 -29.50 -13.47 -33.21
C LYS B 682 -28.96 -12.05 -33.44
N GLU B 683 -29.75 -11.06 -33.05
CA GLU B 683 -29.41 -9.66 -33.18
C GLU B 683 -28.14 -9.33 -32.41
N PRO B 684 -27.37 -8.38 -32.90
CA PRO B 684 -26.12 -7.98 -32.24
C PRO B 684 -26.25 -7.86 -30.73
N ASP B 685 -27.18 -7.04 -30.29
CA ASP B 685 -27.37 -6.72 -28.87
C ASP B 685 -27.70 -7.94 -28.02
N GLU B 686 -28.43 -8.89 -28.60
CA GLU B 686 -28.75 -10.14 -27.93
C GLU B 686 -27.49 -10.99 -27.75
N MET B 687 -26.54 -10.84 -28.66
CA MET B 687 -25.29 -11.59 -28.59
C MET B 687 -24.42 -10.99 -27.50
N LEU B 688 -24.21 -9.68 -27.58
CA LEU B 688 -23.45 -8.95 -26.59
C LEU B 688 -23.90 -9.34 -25.19
N GLU B 689 -25.18 -9.14 -24.91
CA GLU B 689 -25.73 -9.38 -23.57
C GLU B 689 -25.59 -10.84 -23.15
N LEU B 690 -25.47 -11.72 -24.13
CA LEU B 690 -25.37 -13.15 -23.88
C LEU B 690 -23.92 -13.58 -23.64
N ILE B 691 -23.01 -13.05 -24.44
CA ILE B 691 -21.59 -13.39 -24.31
C ILE B 691 -21.00 -12.71 -23.09
N MET B 692 -21.51 -11.54 -22.75
CA MET B 692 -21.06 -10.86 -21.55
C MET B 692 -21.49 -11.64 -20.30
N ASP B 693 -22.67 -12.24 -20.35
CA ASP B 693 -23.15 -13.08 -19.25
C ASP B 693 -22.15 -14.20 -18.93
N ARG B 694 -21.59 -14.80 -19.98
CA ARG B 694 -20.56 -15.82 -19.83
C ARG B 694 -19.29 -15.23 -19.23
N ILE B 695 -19.00 -13.98 -19.57
CA ILE B 695 -17.81 -13.31 -19.05
C ILE B 695 -17.93 -13.09 -17.55
N ILE B 696 -19.05 -12.49 -17.15
CA ILE B 696 -19.37 -12.25 -15.74
C ILE B 696 -19.18 -13.53 -14.93
N THR B 697 -19.73 -14.61 -15.45
CA THR B 697 -19.62 -15.92 -14.83
C THR B 697 -18.15 -16.32 -14.62
N LYS B 698 -17.35 -16.22 -15.68
CA LYS B 698 -15.94 -16.59 -15.59
C LYS B 698 -15.18 -15.64 -14.67
N TYR B 699 -15.60 -14.38 -14.67
CA TYR B 699 -14.96 -13.36 -13.87
C TYR B 699 -15.17 -13.63 -12.39
N ASN B 700 -16.44 -13.76 -12.00
CA ASN B 700 -16.80 -14.10 -10.62
C ASN B 700 -15.97 -15.26 -10.08
N GLU B 701 -15.78 -16.27 -10.90
CA GLU B 701 -15.05 -17.46 -10.49
C GLU B 701 -13.55 -17.19 -10.35
N LYS B 702 -13.01 -16.40 -11.27
CA LYS B 702 -11.61 -15.97 -11.22
C LYS B 702 -11.37 -15.22 -9.91
N GLU B 703 -12.29 -14.32 -9.57
CA GLU B 703 -12.22 -13.57 -8.33
C GLU B 703 -12.33 -14.46 -7.10
N GLU B 704 -13.20 -15.47 -7.16
CA GLU B 704 -13.37 -16.42 -6.06
C GLU B 704 -12.07 -17.13 -5.74
N GLN B 705 -11.32 -17.48 -6.79
CA GLN B 705 -10.07 -18.24 -6.67
C GLN B 705 -8.86 -17.41 -6.27
N PHE B 706 -8.85 -16.13 -6.64
CA PHE B 706 -7.78 -15.23 -6.22
C PHE B 706 -8.07 -14.67 -4.84
N GLY B 707 -9.36 -14.54 -4.51
CA GLY B 707 -9.77 -13.70 -3.41
C GLY B 707 -10.01 -12.27 -3.88
N LYS B 708 -10.98 -11.60 -3.27
CA LYS B 708 -11.36 -10.25 -3.67
C LYS B 708 -10.20 -9.28 -3.66
N GLU B 709 -9.48 -9.24 -2.55
CA GLU B 709 -8.43 -8.25 -2.40
C GLU B 709 -7.30 -8.50 -3.41
N GLN B 710 -6.96 -9.77 -3.62
CA GLN B 710 -5.93 -10.13 -4.60
C GLN B 710 -6.34 -9.79 -6.04
N MET B 711 -7.63 -9.96 -6.32
CA MET B 711 -8.18 -9.61 -7.63
C MET B 711 -8.12 -8.11 -7.90
N ARG B 712 -8.36 -7.29 -6.87
CA ARG B 712 -8.26 -5.83 -7.04
C ARG B 712 -6.84 -5.42 -7.33
N GLU B 713 -5.88 -5.92 -6.55
CA GLU B 713 -4.49 -5.60 -6.80
C GLU B 713 -4.10 -5.97 -8.24
N PHE B 714 -4.36 -7.22 -8.60
CA PHE B 714 -4.14 -7.76 -9.95
C PHE B 714 -4.72 -6.83 -11.02
N GLU B 715 -5.95 -6.37 -10.82
CA GLU B 715 -6.60 -5.51 -11.79
C GLU B 715 -5.92 -4.15 -11.89
N LYS B 716 -5.53 -3.61 -10.74
CA LYS B 716 -4.89 -2.30 -10.72
C LYS B 716 -3.58 -2.35 -11.47
N VAL B 717 -2.74 -3.33 -11.16
CA VAL B 717 -1.47 -3.47 -11.85
C VAL B 717 -1.68 -3.45 -13.36
N ILE B 718 -2.75 -4.08 -13.84
CA ILE B 718 -2.99 -4.22 -15.27
C ILE B 718 -3.49 -2.92 -15.88
N VAL B 719 -4.55 -2.37 -15.29
CA VAL B 719 -5.10 -1.13 -15.76
C VAL B 719 -4.06 0.00 -15.79
N LEU B 720 -3.36 0.22 -14.68
CA LEU B 720 -2.29 1.23 -14.64
C LEU B 720 -1.21 0.96 -15.68
N ARG B 721 -0.91 -0.31 -15.93
CA ARG B 721 0.12 -0.62 -16.93
C ARG B 721 -0.37 -0.26 -18.31
N ALA B 722 -1.61 -0.64 -18.62
CA ALA B 722 -2.19 -0.31 -19.91
C ALA B 722 -2.20 1.20 -20.09
N VAL B 723 -2.72 1.91 -19.09
CA VAL B 723 -2.82 3.36 -19.17
C VAL B 723 -1.45 4.06 -19.30
N ASP B 724 -0.52 3.74 -18.41
CA ASP B 724 0.79 4.39 -18.46
C ASP B 724 1.53 4.11 -19.77
N SER B 725 1.39 2.90 -20.31
CA SER B 725 2.14 2.49 -21.50
C SER B 725 1.50 3.03 -22.80
N LYS B 726 0.19 3.00 -22.87
CA LYS B 726 -0.51 3.54 -24.02
C LYS B 726 -0.50 5.07 -24.04
N TRP B 727 -0.43 5.72 -22.87
CA TRP B 727 -0.26 7.18 -22.77
C TRP B 727 1.14 7.62 -23.24
N MET B 728 2.17 6.86 -22.87
CA MET B 728 3.53 7.09 -23.31
C MET B 728 3.63 7.01 -24.84
N ASP B 729 3.01 5.99 -25.43
CA ASP B 729 3.01 5.83 -26.88
C ASP B 729 2.28 7.00 -27.56
N HIS B 730 1.17 7.40 -26.96
CA HIS B 730 0.32 8.45 -27.49
C HIS B 730 0.98 9.83 -27.50
N ILE B 731 1.71 10.18 -26.44
CA ILE B 731 2.47 11.44 -26.41
C ILE B 731 3.43 11.45 -27.59
N ASP B 732 4.21 10.39 -27.70
CA ASP B 732 5.16 10.26 -28.80
C ASP B 732 4.45 10.41 -30.15
N ALA B 733 3.37 9.68 -30.35
CA ALA B 733 2.62 9.78 -31.62
C ALA B 733 2.04 11.16 -31.87
N MET B 734 1.45 11.79 -30.85
CA MET B 734 0.87 13.16 -30.99
C MET B 734 1.96 14.16 -31.31
N ASP B 735 3.15 13.91 -30.80
CA ASP B 735 4.26 14.79 -31.04
C ASP B 735 4.59 14.72 -32.54
N GLN B 736 4.66 13.51 -33.06
CA GLN B 736 4.95 13.32 -34.47
C GLN B 736 3.82 13.82 -35.36
N LEU B 737 2.58 13.58 -34.97
CA LEU B 737 1.45 14.16 -35.70
C LEU B 737 1.61 15.68 -35.82
N ARG B 738 1.96 16.33 -34.71
CA ARG B 738 2.12 17.78 -34.69
C ARG B 738 3.31 18.27 -35.51
N GLN B 739 4.47 17.65 -35.29
CA GLN B 739 5.65 18.01 -36.06
C GLN B 739 5.40 18.02 -37.56
N GLY B 740 4.64 17.04 -38.04
CA GLY B 740 4.42 16.90 -39.48
C GLY B 740 3.09 17.42 -40.02
N ILE B 741 2.36 18.18 -39.22
CA ILE B 741 0.99 18.54 -39.62
C ILE B 741 0.94 19.45 -40.85
N HIS B 742 1.94 20.31 -41.00
CA HIS B 742 2.01 21.19 -42.15
C HIS B 742 1.96 20.42 -43.47
N LEU B 743 2.46 19.20 -43.49
CA LEU B 743 2.47 18.37 -44.68
C LEU B 743 1.18 17.61 -44.86
N ARG B 744 0.27 17.69 -43.90
CA ARG B 744 -0.99 16.98 -44.00
C ARG B 744 -2.18 17.81 -44.29
N ALA B 745 -2.02 19.10 -44.13
CA ALA B 745 -3.10 20.03 -44.38
C ALA B 745 -3.34 20.18 -45.84
N TYR B 746 -4.56 20.48 -46.20
CA TYR B 746 -4.87 20.63 -47.57
C TYR B 746 -4.79 22.04 -48.05
N ALA B 747 -3.82 22.30 -48.91
CA ALA B 747 -3.68 23.64 -49.42
C ALA B 747 -3.60 24.78 -48.45
N GLN B 748 -4.48 25.71 -48.74
CA GLN B 748 -4.71 26.94 -48.04
C GLN B 748 -5.18 26.88 -46.63
N THR B 749 -5.78 25.78 -46.26
CA THR B 749 -6.29 25.65 -44.91
C THR B 749 -5.32 25.68 -43.78
N ASN B 750 -5.89 25.97 -42.63
CA ASN B 750 -5.18 26.06 -41.39
C ASN B 750 -5.27 24.66 -40.95
N PRO B 751 -4.13 24.11 -40.64
CA PRO B 751 -4.03 22.75 -40.18
C PRO B 751 -4.51 22.53 -38.80
N LEU B 752 -4.91 23.55 -38.09
CA LEU B 752 -5.37 23.33 -36.75
C LEU B 752 -6.58 22.42 -36.68
N ARG B 753 -7.53 22.60 -37.56
CA ARG B 753 -8.71 21.75 -37.52
C ARG B 753 -8.37 20.29 -37.86
N GLU B 754 -7.43 20.10 -38.78
CA GLU B 754 -6.99 18.77 -39.16
C GLU B 754 -6.30 18.12 -37.98
N TYR B 755 -5.45 18.87 -37.30
CA TYR B 755 -4.77 18.40 -36.11
C TYR B 755 -5.75 17.98 -35.02
N GLN B 756 -6.77 18.81 -34.81
CA GLN B 756 -7.78 18.54 -33.77
C GLN B 756 -8.55 17.28 -34.09
N MET B 757 -8.85 17.10 -35.37
CA MET B 757 -9.65 15.97 -35.78
C MET B 757 -8.85 14.67 -35.68
N GLU B 758 -7.64 14.67 -36.25
CA GLU B 758 -6.77 13.51 -36.20
C GLU B 758 -6.34 13.25 -34.76
N GLY B 759 -6.09 14.31 -34.00
CA GLY B 759 -5.76 14.17 -32.59
C GLY B 759 -6.89 13.48 -31.85
N PHE B 760 -8.13 13.85 -32.18
CA PHE B 760 -9.31 13.28 -31.53
C PHE B 760 -9.43 11.79 -31.86
N ALA B 761 -9.14 11.45 -33.11
CA ALA B 761 -9.24 10.05 -33.56
C ALA B 761 -8.15 9.22 -32.90
N MET B 762 -6.93 9.74 -32.87
CA MET B 762 -5.85 9.01 -32.22
C MET B 762 -6.14 8.67 -30.76
N PHE B 763 -6.77 9.61 -30.03
CA PHE B 763 -7.13 9.40 -28.64
C PHE B 763 -8.19 8.29 -28.49
N GLU B 764 -9.18 8.29 -29.38
CA GLU B 764 -10.14 7.22 -29.36
C GLU B 764 -9.44 5.87 -29.53
N HIS B 765 -8.54 5.79 -30.51
CA HIS B 765 -7.78 4.56 -30.72
C HIS B 765 -7.04 4.18 -29.46
N MET B 766 -6.47 5.18 -28.80
CA MET B 766 -5.75 4.91 -27.56
C MET B 766 -6.68 4.28 -26.53
N ILE B 767 -7.84 4.89 -26.32
CA ILE B 767 -8.79 4.41 -25.33
C ILE B 767 -9.27 3.01 -25.68
N GLU B 768 -9.42 2.76 -26.97
CA GLU B 768 -9.83 1.44 -27.43
C GLU B 768 -8.73 0.42 -27.15
N SER B 769 -7.50 0.85 -27.33
CA SER B 769 -6.35 -0.02 -27.14
C SER B 769 -6.23 -0.43 -25.67
N ILE B 770 -6.44 0.54 -24.77
CA ILE B 770 -6.37 0.30 -23.34
C ILE B 770 -7.43 -0.70 -22.92
N GLU B 771 -8.64 -0.55 -23.46
CA GLU B 771 -9.75 -1.45 -23.16
C GLU B 771 -9.49 -2.89 -23.63
N ASP B 772 -8.94 -3.04 -24.82
CA ASP B 772 -8.60 -4.36 -25.35
C ASP B 772 -7.52 -5.05 -24.53
N GLU B 773 -6.48 -4.31 -24.15
CA GLU B 773 -5.36 -4.88 -23.42
C GLU B 773 -5.83 -5.35 -22.04
N VAL B 774 -6.57 -4.50 -21.34
CA VAL B 774 -7.12 -4.83 -20.03
C VAL B 774 -8.02 -6.06 -20.12
N ALA B 775 -8.92 -6.04 -21.11
CA ALA B 775 -9.91 -7.11 -21.28
C ALA B 775 -9.25 -8.46 -21.45
N LYS B 776 -8.31 -8.55 -22.39
CA LYS B 776 -7.57 -9.78 -22.64
C LYS B 776 -6.80 -10.25 -21.39
N PHE B 777 -6.00 -9.36 -20.81
CA PHE B 777 -5.16 -9.75 -19.69
C PHE B 777 -5.96 -10.18 -18.44
N VAL B 778 -6.99 -9.41 -18.07
CA VAL B 778 -7.80 -9.79 -16.92
C VAL B 778 -8.49 -11.14 -17.13
N MET B 779 -9.02 -11.36 -18.32
CA MET B 779 -9.80 -12.56 -18.57
C MET B 779 -8.95 -13.79 -18.85
N LYS B 780 -7.81 -13.59 -19.50
CA LYS B 780 -7.06 -14.71 -20.07
C LYS B 780 -5.73 -15.02 -19.36
N ALA B 781 -5.17 -14.03 -18.66
CA ALA B 781 -3.83 -14.17 -18.07
C ALA B 781 -3.77 -15.10 -16.86
N GLU B 782 -2.72 -15.91 -16.82
CA GLU B 782 -2.53 -16.94 -15.78
C GLU B 782 -3.56 -18.05 -15.90
N UNK C 1 -12.29 -23.46 15.34
CA UNK C 1 -13.31 -22.79 14.54
C UNK C 1 -12.90 -22.66 13.08
N UNK C 2 -13.82 -22.12 12.31
CA UNK C 2 -13.63 -21.83 10.91
C UNK C 2 -13.88 -20.32 10.81
N UNK C 3 -13.04 -19.64 10.06
CA UNK C 3 -13.25 -18.22 9.82
C UNK C 3 -12.78 -17.97 8.39
N UNK D 1 13.24 21.53 -18.57
CA UNK D 1 12.74 20.85 -17.39
C UNK D 1 12.46 19.35 -17.58
N UNK D 2 13.54 18.67 -17.23
CA UNK D 2 13.77 17.28 -17.59
C UNK D 2 13.91 16.50 -16.29
N UNK D 3 13.16 15.41 -16.13
CA UNK D 3 13.29 14.64 -14.91
C UNK D 3 12.68 13.27 -15.06
#